data_6GXW
#
_entry.id   6GXW
#
_cell.length_a   70.800
_cell.length_b   70.990
_cell.length_c   98.200
_cell.angle_alpha   75.58
_cell.angle_beta   77.93
_cell.angle_gamma   85.56
#
_symmetry.space_group_name_H-M   'P 1'
#
loop_
_entity.id
_entity.type
_entity.pdbx_description
1 polymer 'Histone deacetylase'
2 non-polymer 'ZINC ION'
3 non-polymer 'POTASSIUM ION'
4 non-polymer (~{E})-3-[2-[[2,6-bis(chloranyl)phenyl]methoxy]phenyl]-~{N}-oxidanyl-prop-2-enamide
5 non-polymer DIMETHYLFORMAMIDE
6 non-polymer GLYCEROL
7 water water
#
_entity_poly.entity_id   1
_entity_poly.type   'polypeptide(L)'
_entity_poly.pdbx_seq_one_letter_code
;HMSVGIVYGDQYRQLCCSSPKFGDRYALVMDLINAYKLIPELSRVPPLQWDSPSRMYEAVTAFHSTEYVDALKKLQMLHC
EEKELTADDELLMDSFSLNYDCPGFPSVFDYSLAAVQGSLAAASALICRHCEVVINWGGGWHHAKRSEASGFCYLNDIVL
AIHRLVSSTPPETSPNRQTRVLYVDLDLHHGDGVEEAFWYSPRVVTFSVHHASPGFFPGTGTWNMVDNDKLPIFLNGAGR
GRFSAFNLPLEEGINDLDWSNAIGPILDSLNIVIQPSYVVVQCGADCLATDPHRIFRLTNFYPNLNLDSDCDSECSLSGY
LYAIKKILSWKVPTLILGGGGYNFPDTARLWTRVTALTIEEVKGKKMTISPEIPEHSYFSRYGPDFELDIDYFPHESHNK
TLDSIQKHHRRILEQLRNYADLNKLIYDYDQVYQLYNLTGMGSLVPR
;
_entity_poly.pdbx_strand_id   A,B,C,D
#
# COMPACT_ATOMS: atom_id res chain seq x y z
N SER A 3 16.08 -13.08 -31.77
CA SER A 3 14.96 -13.89 -32.22
C SER A 3 13.71 -13.01 -32.39
N VAL A 4 12.71 -13.56 -33.05
CA VAL A 4 11.39 -12.94 -33.14
C VAL A 4 10.45 -13.73 -32.25
N GLY A 5 9.88 -13.06 -31.24
CA GLY A 5 8.91 -13.69 -30.36
C GLY A 5 7.47 -13.50 -30.81
N ILE A 6 6.61 -14.45 -30.44
CA ILE A 6 5.18 -14.32 -30.71
C ILE A 6 4.41 -14.93 -29.54
N VAL A 7 3.47 -14.15 -28.99
CA VAL A 7 2.73 -14.58 -27.80
C VAL A 7 1.64 -15.57 -28.21
N TYR A 8 1.71 -16.78 -27.65
CA TYR A 8 0.55 -17.66 -27.68
C TYR A 8 0.67 -18.73 -26.61
N GLY A 9 -0.41 -19.49 -26.47
CA GLY A 9 -0.49 -20.55 -25.51
C GLY A 9 -1.92 -21.06 -25.52
N ASP A 10 -2.10 -22.28 -25.04
CA ASP A 10 -3.42 -22.93 -25.21
C ASP A 10 -4.51 -22.19 -24.45
N GLN A 11 -4.25 -21.87 -23.18
CA GLN A 11 -5.23 -21.12 -22.41
C GLN A 11 -5.36 -19.69 -22.95
N TYR A 12 -4.24 -19.10 -23.37
CA TYR A 12 -4.25 -17.78 -24.01
C TYR A 12 -5.20 -17.76 -25.20
N ARG A 13 -5.07 -18.76 -26.09
CA ARG A 13 -5.95 -18.84 -27.25
C ARG A 13 -7.43 -18.95 -26.85
N GLN A 14 -7.75 -19.80 -25.87
CA GLN A 14 -9.16 -19.91 -25.46
C GLN A 14 -9.69 -18.58 -24.95
N LEU A 15 -8.88 -17.85 -24.19
CA LEU A 15 -9.33 -16.59 -23.63
C LEU A 15 -9.45 -15.52 -24.71
N CYS A 16 -8.49 -15.46 -25.64
CA CYS A 16 -8.62 -14.49 -26.73
C CYS A 16 -9.80 -14.80 -27.64
N CYS A 17 -10.34 -16.02 -27.63
CA CYS A 17 -11.48 -16.36 -28.49
C CYS A 17 -12.78 -16.49 -27.72
N SER A 18 -12.83 -16.00 -26.48
CA SER A 18 -14.04 -16.08 -25.69
C SER A 18 -14.88 -14.79 -25.78
N SER A 19 -14.52 -13.83 -26.71
CA SER A 19 -15.34 -12.63 -26.62
C SER A 19 -16.45 -12.62 -27.66
N PRO A 20 -17.58 -11.97 -27.37
CA PRO A 20 -18.67 -11.96 -28.36
C PRO A 20 -18.34 -11.14 -29.60
N LYS A 21 -17.53 -10.10 -29.48
CA LYS A 21 -17.25 -9.23 -30.63
C LYS A 21 -16.17 -9.82 -31.55
N PHE A 22 -15.06 -10.30 -30.99
CA PHE A 22 -13.96 -10.74 -31.83
C PHE A 22 -13.94 -12.24 -32.05
N GLY A 23 -14.90 -12.98 -31.48
CA GLY A 23 -15.05 -14.41 -31.75
C GLY A 23 -13.76 -15.21 -31.82
N ASP A 24 -13.60 -15.99 -32.90
CA ASP A 24 -12.44 -16.85 -33.09
C ASP A 24 -11.33 -16.19 -33.91
N ARG A 25 -11.35 -14.86 -34.06
CA ARG A 25 -10.34 -14.15 -34.84
C ARG A 25 -8.92 -14.61 -34.51
N TYR A 26 -8.56 -14.63 -33.22
CA TYR A 26 -7.19 -14.97 -32.83
C TYR A 26 -6.80 -16.37 -33.30
N ALA A 27 -7.78 -17.28 -33.41
CA ALA A 27 -7.49 -18.64 -33.83
C ALA A 27 -7.30 -18.72 -35.34
N LEU A 28 -8.10 -18.00 -36.12
CA LEU A 28 -7.80 -17.87 -37.54
C LEU A 28 -6.37 -17.35 -37.74
N VAL A 29 -6.01 -16.30 -37.00
CA VAL A 29 -4.75 -15.63 -37.21
C VAL A 29 -3.57 -16.57 -36.90
N MET A 30 -3.58 -17.18 -35.71
CA MET A 30 -2.47 -18.07 -35.34
C MET A 30 -2.47 -19.36 -36.15
N ASP A 31 -3.65 -19.86 -36.52
CA ASP A 31 -3.70 -21.05 -37.35
C ASP A 31 -3.33 -20.77 -38.81
N LEU A 32 -3.41 -19.52 -39.26
CA LEU A 32 -2.86 -19.22 -40.58
C LEU A 32 -1.35 -19.03 -40.52
N ILE A 33 -0.86 -18.39 -39.46
CA ILE A 33 0.58 -18.32 -39.20
C ILE A 33 1.17 -19.71 -39.07
N ASN A 34 0.45 -20.61 -38.40
CA ASN A 34 0.90 -21.99 -38.32
C ASN A 34 0.80 -22.69 -39.67
N ALA A 35 -0.30 -22.46 -40.41
CA ALA A 35 -0.52 -23.12 -41.70
C ALA A 35 0.58 -22.80 -42.68
N TYR A 36 1.25 -21.66 -42.53
CA TYR A 36 2.29 -21.21 -43.43
C TYR A 36 3.68 -21.61 -42.96
N LYS A 37 3.77 -22.50 -41.97
CA LYS A 37 5.04 -23.03 -41.45
C LYS A 37 5.91 -21.95 -40.83
N LEU A 38 5.31 -20.87 -40.31
CA LEU A 38 6.09 -19.82 -39.69
C LEU A 38 6.42 -20.05 -38.21
N ILE A 39 5.64 -20.90 -37.53
CA ILE A 39 5.85 -21.08 -36.08
C ILE A 39 7.25 -21.58 -35.75
N PRO A 40 7.84 -22.54 -36.49
CA PRO A 40 9.22 -22.96 -36.15
C PRO A 40 10.22 -21.85 -36.23
N GLU A 41 9.97 -20.81 -37.04
CA GLU A 41 10.87 -19.66 -37.11
C GLU A 41 10.75 -18.75 -35.88
N LEU A 42 9.69 -18.90 -35.09
CA LEU A 42 9.36 -17.92 -34.06
C LEU A 42 9.64 -18.49 -32.67
N SER A 43 10.01 -17.62 -31.75
CA SER A 43 10.14 -18.00 -30.34
C SER A 43 8.83 -17.74 -29.62
N ARG A 44 8.23 -18.79 -29.04
CA ARG A 44 6.99 -18.60 -28.27
C ARG A 44 7.28 -17.85 -26.97
N VAL A 45 6.53 -16.78 -26.73
CA VAL A 45 6.58 -16.00 -25.51
C VAL A 45 5.33 -16.32 -24.70
N PRO A 46 5.45 -16.91 -23.51
CA PRO A 46 4.27 -17.30 -22.75
C PRO A 46 3.68 -16.11 -22.03
N PRO A 47 2.34 -16.01 -21.98
CA PRO A 47 1.72 -14.92 -21.23
C PRO A 47 2.17 -14.89 -19.78
N LEU A 48 2.48 -13.68 -19.32
CA LEU A 48 2.86 -13.48 -17.93
C LEU A 48 1.76 -13.93 -16.97
N GLN A 49 2.17 -14.60 -15.88
CA GLN A 49 1.29 -14.91 -14.78
C GLN A 49 1.87 -14.36 -13.47
N TRP A 50 1.04 -14.33 -12.43
CA TRP A 50 1.39 -13.73 -11.14
C TRP A 50 1.21 -14.72 -10.01
N ASP A 51 1.88 -14.44 -8.90
CA ASP A 51 1.90 -15.36 -7.76
C ASP A 51 0.90 -14.99 -6.69
N SER A 52 -0.02 -14.06 -6.98
CA SER A 52 -1.10 -13.74 -6.04
C SER A 52 -2.06 -12.74 -6.65
N PRO A 53 -3.28 -12.64 -6.13
CA PRO A 53 -4.17 -11.55 -6.54
C PRO A 53 -3.56 -10.16 -6.36
N SER A 54 -2.77 -9.95 -5.30
CA SER A 54 -2.24 -8.61 -5.04
C SER A 54 -1.22 -8.20 -6.10
N ARG A 55 -0.42 -9.15 -6.59
CA ARG A 55 0.55 -8.81 -7.63
C ARG A 55 -0.15 -8.52 -8.94
N MET A 56 -1.14 -9.34 -9.31
CA MET A 56 -1.92 -9.02 -10.49
C MET A 56 -2.51 -7.62 -10.35
N TYR A 57 -3.21 -7.38 -9.24
CA TYR A 57 -3.80 -6.08 -8.97
C TYR A 57 -2.77 -4.97 -9.06
N GLU A 58 -1.63 -5.15 -8.39
CA GLU A 58 -0.53 -4.19 -8.51
C GLU A 58 -0.15 -3.97 -9.97
N ALA A 59 -0.08 -5.05 -10.75
CA ALA A 59 0.31 -4.90 -12.14
C ALA A 59 -0.69 -4.06 -12.92
N VAL A 60 -1.99 -4.40 -12.81
CA VAL A 60 -3.00 -3.72 -13.62
C VAL A 60 -3.23 -2.30 -13.13
N THR A 61 -3.17 -2.08 -11.80
CA THR A 61 -3.44 -0.73 -11.30
C THR A 61 -2.20 0.16 -11.37
N ALA A 62 -1.15 -0.28 -12.09
CA ALA A 62 -0.13 0.66 -12.54
C ALA A 62 -0.70 1.72 -13.46
N PHE A 63 -1.81 1.41 -14.15
CA PHE A 63 -2.53 2.38 -14.96
C PHE A 63 -3.99 2.55 -14.55
N HIS A 64 -4.71 1.45 -14.32
CA HIS A 64 -6.15 1.51 -14.08
C HIS A 64 -6.46 1.67 -12.59
N SER A 65 -7.55 2.38 -12.29
CA SER A 65 -7.95 2.56 -10.90
C SER A 65 -8.37 1.23 -10.27
N THR A 66 -8.19 1.12 -8.95
CA THR A 66 -8.61 -0.10 -8.29
C THR A 66 -10.14 -0.26 -8.31
N GLU A 67 -10.90 0.83 -8.25
CA GLU A 67 -12.35 0.65 -8.30
C GLU A 67 -12.77 0.13 -9.66
N TYR A 68 -12.14 0.62 -10.73
CA TYR A 68 -12.48 0.14 -12.07
C TYR A 68 -12.15 -1.33 -12.21
N VAL A 69 -10.94 -1.72 -11.83
CA VAL A 69 -10.55 -3.13 -11.89
C VAL A 69 -11.52 -3.98 -11.09
N ASP A 70 -11.89 -3.53 -9.87
CA ASP A 70 -12.90 -4.20 -9.06
C ASP A 70 -14.22 -4.35 -9.82
N ALA A 71 -14.68 -3.28 -10.47
CA ALA A 71 -15.96 -3.31 -11.20
C ALA A 71 -15.90 -4.29 -12.36
N LEU A 72 -14.78 -4.32 -13.09
CA LEU A 72 -14.62 -5.24 -14.19
C LEU A 72 -14.66 -6.70 -13.71
N LYS A 73 -14.02 -6.98 -12.57
CA LYS A 73 -14.07 -8.33 -12.04
C LYS A 73 -15.47 -8.68 -11.55
N LYS A 74 -16.14 -7.73 -10.92
CA LYS A 74 -17.51 -7.97 -10.47
C LYS A 74 -18.43 -8.18 -11.65
N LEU A 75 -18.22 -7.44 -12.75
CA LEU A 75 -18.98 -7.66 -13.97
C LEU A 75 -18.86 -9.11 -14.42
N GLN A 76 -17.65 -9.66 -14.44
CA GLN A 76 -17.48 -11.05 -14.83
C GLN A 76 -18.24 -12.00 -13.90
N MET A 77 -18.16 -11.76 -12.58
CA MET A 77 -18.86 -12.59 -11.62
C MET A 77 -20.37 -12.56 -11.83
N LEU A 78 -20.92 -11.37 -12.11
CA LEU A 78 -22.36 -11.23 -12.33
C LEU A 78 -22.79 -11.94 -13.60
N HIS A 79 -21.98 -11.85 -14.66
CA HIS A 79 -22.35 -12.43 -15.94
C HIS A 79 -22.13 -13.93 -15.98
N CYS A 80 -21.62 -14.53 -14.91
CA CYS A 80 -21.48 -15.97 -14.79
C CYS A 80 -22.62 -16.62 -14.01
N GLU A 81 -23.51 -15.82 -13.41
CA GLU A 81 -24.71 -16.33 -12.75
C GLU A 81 -25.94 -16.12 -13.63
N GLU A 82 -27.04 -16.73 -13.21
CA GLU A 82 -28.30 -16.65 -13.94
C GLU A 82 -28.94 -15.28 -13.79
N LYS A 83 -28.99 -14.77 -12.56
CA LYS A 83 -29.75 -13.56 -12.23
C LYS A 83 -29.30 -12.36 -13.08
N GLU A 84 -30.25 -11.46 -13.33
CA GLU A 84 -29.95 -10.19 -14.00
C GLU A 84 -29.36 -9.20 -13.01
N LEU A 85 -28.69 -8.18 -13.54
CA LEU A 85 -28.06 -7.17 -12.71
C LEU A 85 -29.11 -6.37 -11.97
N THR A 86 -28.82 -6.03 -10.71
CA THR A 86 -29.71 -5.14 -9.99
C THR A 86 -29.58 -3.73 -10.57
N ALA A 87 -30.52 -2.85 -10.19
CA ALA A 87 -30.43 -1.45 -10.58
C ALA A 87 -29.14 -0.80 -10.05
N ASP A 88 -28.74 -1.12 -8.81
CA ASP A 88 -27.49 -0.56 -8.30
C ASP A 88 -26.27 -1.10 -9.08
N ASP A 89 -26.28 -2.37 -9.48
CA ASP A 89 -25.16 -2.91 -10.25
C ASP A 89 -25.10 -2.30 -11.65
N GLU A 90 -26.24 -2.07 -12.28
CA GLU A 90 -26.23 -1.39 -13.58
C GLU A 90 -25.70 0.04 -13.43
N LEU A 91 -26.14 0.75 -12.40
CA LEU A 91 -25.56 2.08 -12.11
C LEU A 91 -24.05 2.03 -11.97
N LEU A 92 -23.52 1.06 -11.21
CA LEU A 92 -22.06 1.01 -10.99
C LEU A 92 -21.32 0.68 -12.28
N MET A 93 -21.87 -0.23 -13.11
CA MET A 93 -21.24 -0.49 -14.41
C MET A 93 -21.30 0.74 -15.31
N ASP A 94 -22.45 1.40 -15.35
CA ASP A 94 -22.56 2.64 -16.12
C ASP A 94 -21.46 3.64 -15.75
N SER A 95 -21.12 3.73 -14.46
CA SER A 95 -20.16 4.76 -14.06
C SER A 95 -18.76 4.47 -14.57
N PHE A 96 -18.48 3.27 -15.09
CA PHE A 96 -17.22 2.94 -15.73
C PHE A 96 -17.36 2.70 -17.24
N SER A 97 -18.53 3.03 -17.82
CA SER A 97 -18.86 2.72 -19.23
C SER A 97 -18.76 1.23 -19.53
N LEU A 98 -18.93 0.39 -18.53
CA LEU A 98 -19.02 -1.05 -18.74
C LEU A 98 -20.43 -1.37 -19.24
N ASN A 99 -20.74 -0.87 -20.43
CA ASN A 99 -22.08 -0.99 -21.00
C ASN A 99 -21.99 -0.70 -22.50
N TYR A 100 -23.12 -0.91 -23.19
CA TYR A 100 -23.23 -0.69 -24.64
C TYR A 100 -22.14 -1.37 -25.45
N ASP A 101 -21.23 -0.57 -26.02
CA ASP A 101 -20.12 -1.07 -26.83
C ASP A 101 -19.11 -1.90 -26.04
N CYS A 102 -19.15 -1.85 -24.71
CA CYS A 102 -18.27 -2.66 -23.85
C CYS A 102 -19.11 -3.46 -22.87
N PRO A 103 -19.90 -4.40 -23.38
CA PRO A 103 -20.82 -5.14 -22.52
C PRO A 103 -20.05 -6.09 -21.62
N GLY A 104 -20.77 -6.66 -20.66
CA GLY A 104 -20.24 -7.79 -19.89
C GLY A 104 -20.51 -9.11 -20.58
N PHE A 105 -19.66 -10.09 -20.26
CA PHE A 105 -19.87 -11.46 -20.71
C PHE A 105 -19.13 -12.39 -19.75
N PRO A 106 -19.39 -13.71 -19.83
CA PRO A 106 -18.87 -14.60 -18.77
C PRO A 106 -17.37 -14.61 -18.60
N SER A 107 -16.58 -14.26 -19.61
CA SER A 107 -15.13 -14.23 -19.43
C SER A 107 -14.54 -12.81 -19.52
N VAL A 108 -15.37 -11.76 -19.41
CA VAL A 108 -14.90 -10.41 -19.73
C VAL A 108 -13.61 -10.04 -18.97
N PHE A 109 -13.49 -10.44 -17.71
CA PHE A 109 -12.28 -10.05 -17.00
C PHE A 109 -11.08 -10.91 -17.44
N ASP A 110 -11.26 -12.23 -17.51
CA ASP A 110 -10.16 -13.09 -17.92
C ASP A 110 -9.74 -12.77 -19.36
N TYR A 111 -10.71 -12.43 -20.20
CA TYR A 111 -10.42 -12.05 -21.57
C TYR A 111 -9.60 -10.78 -21.62
N SER A 112 -9.96 -9.79 -20.80
CA SER A 112 -9.25 -8.51 -20.81
C SER A 112 -7.86 -8.64 -20.22
N LEU A 113 -7.73 -9.48 -19.20
CA LEU A 113 -6.46 -9.63 -18.50
C LEU A 113 -5.47 -10.38 -19.35
N ALA A 114 -5.97 -11.33 -20.15
CA ALA A 114 -5.13 -12.12 -21.03
C ALA A 114 -4.30 -11.23 -21.94
N ALA A 115 -4.90 -10.15 -22.45
CA ALA A 115 -4.14 -9.26 -23.33
C ALA A 115 -3.03 -8.56 -22.58
N VAL A 116 -3.29 -8.16 -21.33
CA VAL A 116 -2.27 -7.55 -20.49
C VAL A 116 -1.17 -8.55 -20.17
N GLN A 117 -1.54 -9.77 -19.78
CA GLN A 117 -0.58 -10.84 -19.61
C GLN A 117 0.30 -11.00 -20.85
N GLY A 118 -0.32 -11.01 -22.03
CA GLY A 118 0.44 -11.21 -23.25
C GLY A 118 1.41 -10.07 -23.52
N SER A 119 0.96 -8.83 -23.35
CA SER A 119 1.78 -7.70 -23.77
C SER A 119 2.83 -7.32 -22.71
N LEU A 120 2.58 -7.63 -21.45
CA LEU A 120 3.59 -7.46 -20.43
C LEU A 120 4.72 -8.45 -20.61
N ALA A 121 4.37 -9.72 -20.86
CA ALA A 121 5.39 -10.71 -21.18
C ALA A 121 6.16 -10.33 -22.44
N ALA A 122 5.46 -9.81 -23.45
CA ALA A 122 6.15 -9.36 -24.66
C ALA A 122 7.19 -8.29 -24.34
N ALA A 123 6.84 -7.33 -23.48
CA ALA A 123 7.79 -6.28 -23.14
C ALA A 123 8.95 -6.82 -22.32
N SER A 124 8.70 -7.80 -21.45
CA SER A 124 9.81 -8.34 -20.66
C SER A 124 10.79 -9.11 -21.52
N ALA A 125 10.30 -9.82 -22.54
CA ALA A 125 11.19 -10.50 -23.47
C ALA A 125 12.10 -9.52 -24.20
N LEU A 126 11.57 -8.34 -24.55
CA LEU A 126 12.39 -7.27 -25.10
C LEU A 126 13.40 -6.76 -24.08
N ILE A 127 12.96 -6.50 -22.85
CA ILE A 127 13.87 -5.93 -21.84
C ILE A 127 15.01 -6.90 -21.52
N CYS A 128 14.68 -8.15 -21.25
CA CYS A 128 15.77 -9.10 -21.01
C CYS A 128 16.53 -9.50 -22.29
N ARG A 129 16.26 -8.80 -23.41
CA ARG A 129 16.96 -9.00 -24.68
C ARG A 129 16.87 -10.46 -25.17
N HIS A 130 15.85 -11.20 -24.73
CA HIS A 130 15.62 -12.51 -25.32
C HIS A 130 15.16 -12.41 -26.77
N CYS A 131 14.36 -11.38 -27.09
CA CYS A 131 13.80 -11.17 -28.41
C CYS A 131 14.13 -9.76 -28.90
N GLU A 132 14.40 -9.63 -30.20
CA GLU A 132 14.55 -8.30 -30.80
C GLU A 132 13.21 -7.69 -31.21
N VAL A 133 12.24 -8.54 -31.54
CA VAL A 133 10.88 -8.16 -31.85
C VAL A 133 9.98 -9.18 -31.17
N VAL A 134 8.85 -8.73 -30.66
CA VAL A 134 7.81 -9.61 -30.16
C VAL A 134 6.47 -9.16 -30.74
N ILE A 135 5.72 -10.11 -31.27
CA ILE A 135 4.39 -9.90 -31.81
C ILE A 135 3.36 -10.42 -30.80
N ASN A 136 2.29 -9.65 -30.57
CA ASN A 136 1.15 -10.16 -29.81
C ASN A 136 -0.12 -9.81 -30.58
N TRP A 137 -0.56 -10.74 -31.44
CA TRP A 137 -1.82 -10.49 -32.13
C TRP A 137 -3.04 -10.64 -31.21
N GLY A 138 -2.87 -10.84 -29.92
CA GLY A 138 -4.00 -10.80 -29.00
C GLY A 138 -4.11 -9.50 -28.23
N GLY A 139 -3.12 -8.61 -28.40
CA GLY A 139 -3.07 -7.35 -27.71
C GLY A 139 -3.41 -6.17 -28.60
N GLY A 140 -3.14 -4.98 -28.07
CA GLY A 140 -3.35 -3.74 -28.79
C GLY A 140 -4.64 -2.97 -28.52
N TRP A 141 -5.17 -3.01 -27.29
CA TRP A 141 -6.50 -2.46 -27.00
C TRP A 141 -6.38 -1.02 -26.50
N HIS A 142 -6.25 -0.11 -27.45
CA HIS A 142 -5.74 1.23 -27.23
C HIS A 142 -6.79 2.24 -26.74
N HIS A 143 -8.08 1.90 -26.68
CA HIS A 143 -9.06 2.88 -26.23
C HIS A 143 -9.33 2.85 -24.73
N ALA A 144 -8.88 1.83 -24.01
CA ALA A 144 -9.21 1.71 -22.59
C ALA A 144 -8.55 2.84 -21.81
N LYS A 145 -9.29 3.40 -20.85
CA LYS A 145 -8.83 4.51 -20.03
C LYS A 145 -8.62 4.03 -18.60
N ARG A 146 -8.08 4.93 -17.76
CA ARG A 146 -7.77 4.58 -16.37
C ARG A 146 -8.98 3.98 -15.66
N SER A 147 -10.16 4.57 -15.85
CA SER A 147 -11.35 4.15 -15.15
C SER A 147 -12.54 4.00 -16.08
N GLU A 148 -12.30 3.62 -17.34
CA GLU A 148 -13.40 3.56 -18.29
C GLU A 148 -13.04 2.65 -19.45
N ALA A 149 -13.92 1.70 -19.75
CA ALA A 149 -13.82 0.95 -21.01
C ALA A 149 -14.28 1.82 -22.16
N SER A 150 -13.81 1.48 -23.35
CA SER A 150 -14.26 2.20 -24.54
C SER A 150 -13.91 1.38 -25.75
N GLY A 151 -14.82 1.36 -26.72
CA GLY A 151 -14.53 0.73 -28.00
C GLY A 151 -14.11 -0.73 -27.90
N PHE A 152 -14.82 -1.47 -27.06
CA PHE A 152 -14.51 -2.86 -26.71
C PHE A 152 -13.10 -3.04 -26.15
N CYS A 153 -12.51 -1.97 -25.58
CA CYS A 153 -11.23 -2.06 -24.89
C CYS A 153 -11.48 -1.90 -23.40
N TYR A 154 -11.26 -2.96 -22.64
CA TYR A 154 -11.55 -2.93 -21.20
C TYR A 154 -10.33 -2.62 -20.36
N LEU A 155 -9.17 -3.18 -20.74
CA LEU A 155 -7.91 -2.96 -20.07
C LEU A 155 -6.88 -2.58 -21.13
N ASN A 156 -6.10 -1.53 -20.88
CA ASN A 156 -5.18 -1.04 -21.89
C ASN A 156 -3.85 -1.78 -21.73
N ASP A 157 -3.67 -2.86 -22.49
CA ASP A 157 -2.43 -3.62 -22.41
C ASP A 157 -1.25 -2.84 -22.96
N ILE A 158 -1.50 -1.92 -23.91
CA ILE A 158 -0.41 -1.14 -24.50
C ILE A 158 0.19 -0.21 -23.47
N VAL A 159 -0.66 0.58 -22.81
CA VAL A 159 -0.19 1.46 -21.74
C VAL A 159 0.66 0.69 -20.75
N LEU A 160 0.18 -0.47 -20.31
CA LEU A 160 0.93 -1.20 -19.29
C LEU A 160 2.27 -1.70 -19.86
N ALA A 161 2.26 -2.25 -21.07
CA ALA A 161 3.53 -2.69 -21.66
C ALA A 161 4.50 -1.51 -21.79
N ILE A 162 4.00 -0.36 -22.25
CA ILE A 162 4.88 0.79 -22.39
C ILE A 162 5.38 1.25 -21.04
N HIS A 163 4.51 1.28 -20.03
CA HIS A 163 4.96 1.61 -18.68
C HIS A 163 6.10 0.71 -18.24
N ARG A 164 5.99 -0.60 -18.50
CA ARG A 164 7.08 -1.50 -18.14
C ARG A 164 8.36 -1.18 -18.89
N LEU A 165 8.26 -0.81 -20.18
CA LEU A 165 9.44 -0.54 -20.99
C LEU A 165 10.18 0.71 -20.50
N VAL A 166 9.47 1.83 -20.35
CA VAL A 166 10.10 3.09 -19.91
C VAL A 166 10.64 3.02 -18.49
N SER A 167 10.24 2.03 -17.70
CA SER A 167 10.71 1.91 -16.34
C SER A 167 11.80 0.85 -16.20
N SER A 168 12.46 0.49 -17.29
CA SER A 168 13.36 -0.65 -17.29
C SER A 168 14.81 -0.20 -17.07
N GLN A 178 18.66 7.69 -20.69
CA GLN A 178 17.25 7.74 -20.33
C GLN A 178 16.33 7.05 -21.37
N THR A 179 15.40 6.23 -20.88
CA THR A 179 14.61 5.35 -21.74
C THR A 179 13.52 6.15 -22.46
N ARG A 180 13.49 6.06 -23.79
CA ARG A 180 12.43 6.69 -24.58
C ARG A 180 11.71 5.66 -25.42
N VAL A 181 10.38 5.79 -25.51
CA VAL A 181 9.54 4.87 -26.26
C VAL A 181 8.76 5.67 -27.29
N LEU A 182 8.71 5.16 -28.51
CA LEU A 182 7.90 5.72 -29.58
C LEU A 182 6.73 4.77 -29.80
N TYR A 183 5.52 5.25 -29.64
CA TYR A 183 4.33 4.46 -29.90
C TYR A 183 3.75 4.87 -31.25
N VAL A 184 3.47 3.87 -32.09
CA VAL A 184 2.96 4.10 -33.45
C VAL A 184 1.66 3.34 -33.59
N ASP A 185 0.58 4.07 -33.86
CA ASP A 185 -0.77 3.51 -33.87
C ASP A 185 -1.28 3.57 -35.30
N LEU A 186 -1.29 2.42 -35.98
CA LEU A 186 -1.68 2.31 -37.38
C LEU A 186 -3.15 1.93 -37.58
N ASP A 187 -3.89 1.67 -36.51
CA ASP A 187 -5.32 1.39 -36.56
C ASP A 187 -6.08 2.51 -37.30
N LEU A 188 -7.17 2.13 -37.96
CA LEU A 188 -8.09 3.12 -38.53
C LEU A 188 -8.52 4.20 -37.52
N HIS A 189 -8.65 3.85 -36.24
CA HIS A 189 -9.20 4.75 -35.25
C HIS A 189 -8.11 5.39 -34.39
N HIS A 190 -8.39 6.60 -33.90
CA HIS A 190 -7.42 7.30 -33.08
C HIS A 190 -7.08 6.52 -31.81
N GLY A 191 -5.79 6.39 -31.53
CA GLY A 191 -5.39 5.72 -30.30
C GLY A 191 -5.42 6.63 -29.08
N ASP A 192 -6.63 6.91 -28.58
CA ASP A 192 -6.83 7.97 -27.59
C ASP A 192 -6.44 7.54 -26.18
N GLY A 193 -6.64 6.27 -25.83
CA GLY A 193 -6.28 5.80 -24.51
C GLY A 193 -4.78 5.90 -24.23
N VAL A 194 -3.96 5.45 -25.17
CA VAL A 194 -2.52 5.52 -25.00
C VAL A 194 -2.05 6.97 -25.05
N GLU A 195 -2.56 7.75 -26.00
CA GLU A 195 -2.18 9.15 -26.07
C GLU A 195 -2.44 9.86 -24.76
N GLU A 196 -3.63 9.64 -24.19
CA GLU A 196 -4.03 10.29 -22.94
C GLU A 196 -3.20 9.78 -21.75
N ALA A 197 -2.91 8.49 -21.71
CA ALA A 197 -2.09 7.99 -20.60
C ALA A 197 -0.76 8.72 -20.52
N PHE A 198 -0.16 9.06 -21.67
CA PHE A 198 1.18 9.64 -21.71
C PHE A 198 1.17 11.10 -22.13
N TRP A 199 0.01 11.75 -21.97
CA TRP A 199 -0.16 13.15 -22.34
C TRP A 199 0.88 14.08 -21.70
N TYR A 200 1.29 13.78 -20.47
CA TYR A 200 2.20 14.63 -19.70
C TYR A 200 3.62 14.11 -19.67
N SER A 201 3.95 13.12 -20.50
CA SER A 201 5.24 12.45 -20.44
C SER A 201 6.02 12.60 -21.72
N PRO A 202 7.13 13.33 -21.70
CA PRO A 202 7.95 13.44 -22.93
C PRO A 202 8.68 12.16 -23.28
N ARG A 203 8.82 11.20 -22.35
CA ARG A 203 9.65 10.04 -22.66
C ARG A 203 8.91 9.00 -23.49
N VAL A 204 7.59 9.07 -23.58
CA VAL A 204 6.80 8.21 -24.45
C VAL A 204 6.18 9.11 -25.50
N VAL A 205 6.68 9.06 -26.73
CA VAL A 205 6.14 9.86 -27.82
C VAL A 205 5.11 9.01 -28.56
N THR A 206 3.91 9.55 -28.74
CA THR A 206 2.82 8.80 -29.32
C THR A 206 2.49 9.39 -30.69
N PHE A 207 2.18 8.51 -31.64
CA PHE A 207 1.92 8.92 -33.01
C PHE A 207 0.83 8.01 -33.55
N SER A 208 -0.28 8.60 -33.97
CA SER A 208 -1.40 7.84 -34.52
C SER A 208 -1.79 8.39 -35.88
N VAL A 209 -1.84 7.52 -36.88
CA VAL A 209 -2.49 7.81 -38.15
C VAL A 209 -3.85 7.16 -38.11
N HIS A 210 -4.88 7.85 -38.59
CA HIS A 210 -6.24 7.37 -38.36
C HIS A 210 -7.20 8.20 -39.22
N HIS A 211 -8.41 7.70 -39.34
CA HIS A 211 -9.47 8.50 -39.88
C HIS A 211 -10.10 9.34 -38.78
N ALA A 212 -10.45 10.57 -39.13
CA ALA A 212 -11.21 11.44 -38.25
C ALA A 212 -12.17 12.26 -39.08
N SER A 213 -13.44 12.28 -38.70
CA SER A 213 -14.45 13.11 -39.35
C SER A 213 -15.59 13.29 -38.37
N PRO A 214 -16.42 14.34 -38.55
CA PRO A 214 -17.49 14.60 -37.57
C PRO A 214 -18.33 13.37 -37.30
N GLY A 215 -18.44 13.02 -36.02
CA GLY A 215 -19.23 11.88 -35.58
C GLY A 215 -18.52 10.56 -35.51
N PHE A 216 -17.27 10.48 -35.97
CA PHE A 216 -16.58 9.21 -36.16
C PHE A 216 -15.78 8.89 -34.90
N PHE A 217 -16.00 7.68 -34.37
CA PHE A 217 -15.33 7.22 -33.15
C PHE A 217 -13.82 7.34 -33.28
N PRO A 218 -13.12 7.79 -32.21
CA PRO A 218 -13.66 8.29 -30.94
C PRO A 218 -13.78 9.80 -30.85
N GLY A 219 -13.44 10.53 -31.90
CA GLY A 219 -13.65 11.96 -31.96
C GLY A 219 -12.39 12.78 -31.84
N THR A 220 -11.29 12.19 -31.35
CA THR A 220 -10.09 12.97 -31.08
C THR A 220 -9.02 12.72 -32.15
N GLY A 221 -7.80 13.17 -31.86
CA GLY A 221 -6.70 13.11 -32.80
C GLY A 221 -6.87 14.01 -34.00
N THR A 222 -7.49 15.17 -33.81
CA THR A 222 -7.76 16.10 -34.90
C THR A 222 -8.03 17.47 -34.28
N TRP A 223 -8.33 18.45 -35.14
CA TRP A 223 -8.52 19.83 -34.72
C TRP A 223 -9.53 19.92 -33.60
N ASN A 224 -9.23 20.73 -32.60
CA ASN A 224 -10.03 20.80 -31.40
C ASN A 224 -10.88 22.05 -31.29
N PRO A 232 -9.76 26.78 -33.22
CA PRO A 232 -9.48 25.36 -33.51
C PRO A 232 -7.98 25.06 -33.68
N ILE A 233 -7.44 24.27 -32.75
CA ILE A 233 -6.02 23.94 -32.74
C ILE A 233 -5.86 22.44 -32.53
N PHE A 234 -4.70 21.93 -32.95
CA PHE A 234 -4.25 20.59 -32.58
C PHE A 234 -3.56 20.64 -31.22
N LEU A 235 -4.21 20.07 -30.21
CA LEU A 235 -3.50 19.76 -28.96
C LEU A 235 -2.48 18.64 -29.17
N ASN A 236 -1.39 18.68 -28.39
CA ASN A 236 -0.29 17.74 -28.63
C ASN A 236 0.49 17.35 -27.36
N GLY A 237 -0.17 17.31 -26.22
CA GLY A 237 0.50 17.05 -24.96
C GLY A 237 0.45 18.26 -24.05
N ALA A 238 0.76 18.03 -22.78
CA ALA A 238 0.69 19.09 -21.78
C ALA A 238 1.83 18.99 -20.79
N GLY A 239 2.12 20.13 -20.14
CA GLY A 239 3.18 20.15 -19.15
C GLY A 239 4.51 19.83 -19.80
N ARG A 240 5.28 18.95 -19.17
CA ARG A 240 6.53 18.51 -19.76
C ARG A 240 6.33 17.64 -20.98
N GLY A 241 5.13 17.13 -21.21
CA GLY A 241 4.82 16.37 -22.41
C GLY A 241 4.33 17.20 -23.59
N ARG A 242 4.39 18.51 -23.51
CA ARG A 242 4.01 19.34 -24.65
C ARG A 242 4.75 18.88 -25.90
N PHE A 243 4.03 18.87 -27.03
CA PHE A 243 4.54 18.46 -28.34
C PHE A 243 4.85 16.97 -28.43
N SER A 244 4.54 16.17 -27.42
CA SER A 244 4.92 14.75 -27.45
C SER A 244 3.83 13.83 -28.01
N ALA A 245 2.64 14.33 -28.34
CA ALA A 245 1.55 13.51 -28.90
C ALA A 245 1.32 13.90 -30.36
N PHE A 246 1.62 12.99 -31.28
CA PHE A 246 1.50 13.26 -32.71
C PHE A 246 0.26 12.62 -33.29
N ASN A 247 -0.32 13.29 -34.28
CA ASN A 247 -1.56 12.85 -34.88
C ASN A 247 -1.58 13.23 -36.35
N LEU A 248 -2.00 12.28 -37.18
CA LEU A 248 -2.18 12.53 -38.60
C LEU A 248 -3.55 11.97 -39.00
N PRO A 249 -4.59 12.81 -39.01
CA PRO A 249 -5.90 12.35 -39.51
C PRO A 249 -5.93 12.42 -41.03
N LEU A 250 -6.39 11.34 -41.67
CA LEU A 250 -6.46 11.27 -43.13
C LEU A 250 -7.89 11.06 -43.59
N GLU A 251 -8.14 11.41 -44.86
CA GLU A 251 -9.48 11.33 -45.44
C GLU A 251 -9.80 9.90 -45.87
N GLU A 252 -11.10 9.58 -45.91
CA GLU A 252 -11.51 8.26 -46.37
C GLU A 252 -11.11 8.05 -47.83
N GLY A 253 -10.99 6.79 -48.19
CA GLY A 253 -10.64 6.40 -49.54
C GLY A 253 -9.16 6.26 -49.82
N ILE A 254 -8.30 6.56 -48.84
CA ILE A 254 -6.86 6.60 -49.09
C ILE A 254 -6.35 5.19 -49.41
N ASN A 255 -5.46 5.12 -50.40
CA ASN A 255 -4.89 3.86 -50.83
C ASN A 255 -3.51 3.66 -50.20
N ASP A 256 -2.87 2.54 -50.57
CA ASP A 256 -1.59 2.14 -49.98
C ASP A 256 -0.51 3.18 -50.24
N LEU A 257 -0.37 3.63 -51.48
CA LEU A 257 0.75 4.48 -51.83
C LEU A 257 0.63 5.84 -51.16
N ASP A 258 -0.57 6.41 -51.14
CA ASP A 258 -0.78 7.71 -50.49
C ASP A 258 -0.63 7.62 -48.97
N TRP A 259 -1.19 6.56 -48.36
CA TRP A 259 -0.99 6.34 -46.93
C TRP A 259 0.49 6.15 -46.61
N SER A 260 1.20 5.38 -47.44
CA SER A 260 2.63 5.17 -47.23
C SER A 260 3.40 6.48 -47.31
N ASN A 261 3.11 7.28 -48.34
CA ASN A 261 3.77 8.57 -48.51
C ASN A 261 3.37 9.54 -47.41
N ALA A 262 2.14 9.43 -46.89
CA ALA A 262 1.72 10.33 -45.82
C ALA A 262 2.48 10.09 -44.52
N ILE A 263 2.76 8.84 -44.17
CA ILE A 263 3.38 8.58 -42.88
C ILE A 263 4.83 8.13 -42.98
N GLY A 264 5.32 7.81 -44.18
CA GLY A 264 6.70 7.43 -44.36
C GLY A 264 7.70 8.43 -43.79
N PRO A 265 7.64 9.69 -44.25
CA PRO A 265 8.62 10.67 -43.75
C PRO A 265 8.41 11.04 -42.28
N ILE A 266 7.18 11.04 -41.78
CA ILE A 266 6.96 11.30 -40.36
C ILE A 266 7.60 10.20 -39.51
N LEU A 267 7.45 8.94 -39.91
CA LEU A 267 8.06 7.86 -39.12
C LEU A 267 9.56 8.03 -39.06
N ASP A 268 10.19 8.25 -40.23
CA ASP A 268 11.64 8.34 -40.28
C ASP A 268 12.15 9.52 -39.45
N SER A 269 11.43 10.65 -39.49
CA SER A 269 11.90 11.81 -38.75
C SER A 269 11.71 11.63 -37.24
N LEU A 270 10.62 10.98 -36.83
CA LEU A 270 10.44 10.68 -35.40
C LEU A 270 11.60 9.83 -34.89
N ASN A 271 12.00 8.82 -35.65
CA ASN A 271 13.12 7.96 -35.28
C ASN A 271 14.44 8.73 -35.24
N ILE A 272 14.73 9.50 -36.29
CA ILE A 272 15.91 10.35 -36.29
C ILE A 272 15.97 11.18 -35.01
N VAL A 273 14.87 11.85 -34.68
CA VAL A 273 14.88 12.88 -33.65
C VAL A 273 14.70 12.28 -32.25
N ILE A 274 13.77 11.34 -32.08
CA ILE A 274 13.56 10.84 -30.73
C ILE A 274 14.65 9.85 -30.34
N GLN A 275 15.16 9.08 -31.30
CA GLN A 275 16.14 8.02 -31.07
C GLN A 275 15.60 7.03 -30.04
N PRO A 276 14.42 6.46 -30.28
CA PRO A 276 13.75 5.66 -29.24
C PRO A 276 14.53 4.42 -28.83
N SER A 277 14.40 4.07 -27.53
CA SER A 277 14.94 2.80 -27.04
C SER A 277 14.06 1.61 -27.41
N TYR A 278 12.76 1.83 -27.58
CA TYR A 278 11.81 0.81 -28.01
C TYR A 278 10.76 1.45 -28.90
N VAL A 279 10.25 0.67 -29.84
CA VAL A 279 9.07 1.06 -30.62
C VAL A 279 7.94 0.09 -30.28
N VAL A 280 6.74 0.62 -30.09
CA VAL A 280 5.55 -0.19 -29.95
C VAL A 280 4.62 0.19 -31.09
N VAL A 281 4.26 -0.77 -31.91
CA VAL A 281 3.46 -0.53 -33.11
C VAL A 281 2.13 -1.22 -32.92
N GLN A 282 1.06 -0.45 -32.84
CA GLN A 282 -0.26 -1.05 -32.88
C GLN A 282 -0.66 -1.17 -34.34
N CYS A 283 -0.98 -2.40 -34.76
CA CYS A 283 -1.19 -2.66 -36.17
C CYS A 283 -2.64 -3.08 -36.44
N GLY A 284 -3.59 -2.29 -35.97
CA GLY A 284 -4.98 -2.56 -36.25
C GLY A 284 -5.24 -2.75 -37.73
N ALA A 285 -6.01 -3.77 -38.07
CA ALA A 285 -6.23 -4.18 -39.45
C ALA A 285 -7.52 -3.64 -40.02
N ASP A 286 -8.13 -2.67 -39.35
CA ASP A 286 -9.38 -2.16 -39.90
C ASP A 286 -9.16 -1.11 -40.97
N CYS A 287 -7.90 -0.77 -41.31
CA CYS A 287 -7.65 0.03 -42.50
C CYS A 287 -7.73 -0.74 -43.81
N LEU A 288 -7.81 -2.07 -43.78
CA LEU A 288 -7.96 -2.83 -45.01
C LEU A 288 -9.19 -2.38 -45.79
N ALA A 289 -9.06 -2.34 -47.12
CA ALA A 289 -10.18 -1.96 -47.98
C ALA A 289 -11.38 -2.87 -47.82
N THR A 290 -11.19 -4.09 -47.30
CA THR A 290 -12.23 -5.10 -47.21
C THR A 290 -12.82 -5.21 -45.81
N ASP A 291 -12.36 -4.39 -44.88
CA ASP A 291 -12.98 -4.33 -43.56
C ASP A 291 -14.41 -3.82 -43.68
N PRO A 292 -15.35 -4.34 -42.88
CA PRO A 292 -16.72 -3.80 -42.92
C PRO A 292 -16.83 -2.32 -42.62
N HIS A 293 -15.80 -1.69 -42.03
CA HIS A 293 -15.75 -0.23 -41.94
C HIS A 293 -15.70 0.41 -43.32
N ARG A 294 -14.78 -0.06 -44.17
CA ARG A 294 -14.51 0.53 -45.48
C ARG A 294 -14.31 2.05 -45.37
N ILE A 295 -13.31 2.44 -44.59
CA ILE A 295 -12.86 3.83 -44.62
C ILE A 295 -11.64 3.94 -45.52
N PHE A 296 -10.53 3.31 -45.13
CA PHE A 296 -9.33 3.38 -45.96
C PHE A 296 -9.35 2.22 -46.96
N ARG A 297 -8.45 2.28 -47.94
CA ARG A 297 -8.33 1.24 -48.95
C ARG A 297 -6.97 0.53 -48.88
N LEU A 298 -6.43 0.29 -47.68
CA LEU A 298 -5.13 -0.37 -47.66
C LEU A 298 -5.28 -1.85 -47.97
N THR A 299 -4.16 -2.49 -48.29
CA THR A 299 -4.15 -3.90 -48.66
C THR A 299 -3.13 -4.65 -47.80
N ASN A 300 -3.01 -5.95 -48.07
CA ASN A 300 -1.90 -6.78 -47.62
C ASN A 300 -0.96 -7.16 -48.78
N PHE A 301 -1.06 -6.48 -49.93
CA PHE A 301 -0.33 -6.93 -51.11
C PHE A 301 1.18 -6.82 -50.93
N TYR A 302 1.90 -7.83 -51.44
CA TYR A 302 3.36 -7.89 -51.31
C TYR A 302 3.96 -8.26 -52.66
N PRO A 303 4.26 -7.26 -53.52
CA PRO A 303 4.84 -7.46 -54.86
C PRO A 303 6.19 -8.19 -54.88
N LEU A 317 2.18 -2.09 -53.00
CA LEU A 317 2.68 -2.56 -51.69
C LEU A 317 1.80 -2.10 -50.53
N SER A 318 1.52 -3.05 -49.64
CA SER A 318 0.65 -2.80 -48.50
C SER A 318 1.19 -1.68 -47.62
N GLY A 319 0.36 -0.66 -47.37
CA GLY A 319 0.75 0.39 -46.44
C GLY A 319 1.25 -0.17 -45.13
N TYR A 320 0.55 -1.19 -44.61
CA TYR A 320 0.98 -1.86 -43.38
C TYR A 320 2.39 -2.41 -43.51
N LEU A 321 2.65 -3.19 -44.58
CA LEU A 321 3.95 -3.83 -44.75
C LEU A 321 5.03 -2.80 -44.96
N TYR A 322 4.73 -1.76 -45.74
CA TYR A 322 5.66 -0.65 -45.93
C TYR A 322 6.03 -0.02 -44.58
N ALA A 323 5.03 0.25 -43.74
CA ALA A 323 5.30 0.89 -42.45
C ALA A 323 6.09 -0.03 -41.53
N ILE A 324 5.79 -1.33 -41.52
CA ILE A 324 6.48 -2.22 -40.59
C ILE A 324 7.94 -2.38 -41.00
N LYS A 325 8.16 -2.63 -42.30
CA LYS A 325 9.51 -2.75 -42.84
C LYS A 325 10.34 -1.53 -42.48
N LYS A 326 9.77 -0.34 -42.65
CA LYS A 326 10.48 0.88 -42.32
C LYS A 326 10.86 0.91 -40.83
N ILE A 327 9.89 0.66 -39.95
CA ILE A 327 10.17 0.63 -38.52
C ILE A 327 11.22 -0.43 -38.19
N LEU A 328 11.14 -1.61 -38.83
CA LEU A 328 12.10 -2.67 -38.54
C LEU A 328 13.50 -2.35 -39.08
N SER A 329 13.60 -1.64 -40.22
CA SER A 329 14.93 -1.23 -40.69
C SER A 329 15.68 -0.38 -39.67
N TRP A 330 14.98 0.18 -38.68
CA TRP A 330 15.64 1.01 -37.69
C TRP A 330 16.50 0.18 -36.73
N LYS A 331 16.22 -1.11 -36.59
CA LYS A 331 16.93 -1.99 -35.65
C LYS A 331 16.78 -1.49 -34.22
N VAL A 332 15.57 -1.11 -33.84
CA VAL A 332 15.23 -0.80 -32.45
C VAL A 332 14.36 -1.92 -31.92
N PRO A 333 14.57 -2.42 -30.69
CA PRO A 333 13.67 -3.43 -30.14
C PRO A 333 12.22 -2.99 -30.19
N THR A 334 11.37 -3.83 -30.79
CA THR A 334 10.03 -3.42 -31.20
C THR A 334 8.96 -4.40 -30.76
N LEU A 335 7.90 -3.88 -30.13
CA LEU A 335 6.68 -4.64 -29.86
C LEU A 335 5.65 -4.41 -30.97
N ILE A 336 5.18 -5.48 -31.62
CA ILE A 336 4.14 -5.39 -32.63
C ILE A 336 2.86 -5.99 -32.05
N LEU A 337 1.75 -5.27 -32.19
CA LEU A 337 0.50 -5.67 -31.56
C LEU A 337 -0.66 -5.63 -32.56
N GLY A 338 -1.72 -6.36 -32.23
CA GLY A 338 -2.91 -6.35 -33.04
C GLY A 338 -3.80 -5.14 -32.79
N GLY A 339 -5.09 -5.36 -32.78
CA GLY A 339 -6.03 -4.31 -32.52
C GLY A 339 -7.31 -4.58 -33.28
N GLY A 340 -7.88 -3.53 -33.84
CA GLY A 340 -9.09 -3.66 -34.65
C GLY A 340 -8.84 -4.53 -35.86
N GLY A 341 -9.92 -4.86 -36.56
CA GLY A 341 -9.84 -5.86 -37.61
C GLY A 341 -11.08 -6.74 -37.56
N TYR A 342 -12.08 -6.41 -38.40
CA TYR A 342 -13.41 -6.99 -38.25
C TYR A 342 -13.76 -7.96 -39.36
N ASN A 343 -12.95 -8.00 -40.42
CA ASN A 343 -13.01 -9.07 -41.41
C ASN A 343 -11.98 -10.09 -40.96
N PHE A 344 -12.42 -11.11 -40.22
CA PHE A 344 -11.43 -11.97 -39.56
C PHE A 344 -10.45 -12.59 -40.53
N PRO A 345 -10.87 -13.23 -41.65
CA PRO A 345 -9.87 -13.84 -42.54
C PRO A 345 -8.92 -12.84 -43.19
N ASP A 346 -9.37 -11.64 -43.53
CA ASP A 346 -8.42 -10.69 -44.11
C ASP A 346 -7.46 -10.13 -43.06
N THR A 347 -7.91 -9.97 -41.81
CA THR A 347 -6.99 -9.68 -40.72
C THR A 347 -5.93 -10.76 -40.59
N ALA A 348 -6.34 -12.03 -40.68
CA ALA A 348 -5.40 -13.14 -40.71
C ALA A 348 -4.44 -13.03 -41.88
N ARG A 349 -4.98 -12.83 -43.08
CA ARG A 349 -4.14 -12.64 -44.26
C ARG A 349 -3.11 -11.53 -44.05
N LEU A 350 -3.55 -10.41 -43.45
CA LEU A 350 -2.62 -9.31 -43.22
C LEU A 350 -1.57 -9.68 -42.18
N TRP A 351 -2.02 -10.11 -41.01
CA TRP A 351 -1.10 -10.34 -39.90
C TRP A 351 -0.14 -11.50 -40.19
N THR A 352 -0.57 -12.47 -41.00
CA THR A 352 0.35 -13.52 -41.43
C THR A 352 1.46 -12.96 -42.29
N ARG A 353 1.14 -12.01 -43.17
CA ARG A 353 2.18 -11.38 -43.98
C ARG A 353 3.09 -10.49 -43.14
N VAL A 354 2.52 -9.72 -42.20
CA VAL A 354 3.36 -8.93 -41.30
C VAL A 354 4.30 -9.83 -40.50
N THR A 355 3.81 -11.00 -40.10
CA THR A 355 4.66 -11.89 -39.31
C THR A 355 5.80 -12.46 -40.15
N ALA A 356 5.52 -12.86 -41.40
CA ALA A 356 6.61 -13.27 -42.29
C ALA A 356 7.61 -12.15 -42.51
N LEU A 357 7.12 -10.93 -42.72
CA LEU A 357 7.98 -9.79 -42.98
C LEU A 357 8.93 -9.53 -41.83
N THR A 358 8.43 -9.62 -40.60
CA THR A 358 9.26 -9.48 -39.40
C THR A 358 10.37 -10.52 -39.36
N ILE A 359 10.04 -11.78 -39.66
CA ILE A 359 11.05 -12.83 -39.69
C ILE A 359 12.13 -12.51 -40.71
N GLU A 360 11.74 -12.00 -41.87
CA GLU A 360 12.72 -11.67 -42.91
C GLU A 360 13.66 -10.56 -42.46
N GLU A 361 13.10 -9.46 -41.97
CA GLU A 361 13.94 -8.30 -41.66
C GLU A 361 14.78 -8.54 -40.40
N VAL A 362 14.31 -9.36 -39.49
CA VAL A 362 15.07 -9.55 -38.25
C VAL A 362 16.11 -10.63 -38.41
N LYS A 363 15.72 -11.80 -38.90
CA LYS A 363 16.63 -12.93 -39.04
C LYS A 363 17.41 -12.93 -40.35
N GLY A 364 16.98 -12.17 -41.36
CA GLY A 364 17.64 -12.22 -42.65
C GLY A 364 17.30 -13.44 -43.49
N LYS A 365 16.30 -14.22 -43.11
CA LYS A 365 15.90 -15.42 -43.86
C LYS A 365 14.72 -15.10 -44.77
N LYS A 366 14.87 -15.36 -46.06
CA LYS A 366 13.76 -15.16 -46.99
C LYS A 366 12.60 -16.05 -46.59
N MET A 367 11.39 -15.50 -46.65
CA MET A 367 10.18 -16.23 -46.34
C MET A 367 9.36 -16.37 -47.62
N THR A 368 9.17 -17.61 -48.07
CA THR A 368 8.47 -17.91 -49.32
C THR A 368 7.04 -18.32 -48.98
N ILE A 369 6.12 -17.37 -49.08
CA ILE A 369 4.72 -17.64 -48.77
C ILE A 369 3.99 -18.01 -50.06
N SER A 370 3.35 -19.17 -50.06
CA SER A 370 2.54 -19.54 -51.22
C SER A 370 1.38 -18.56 -51.42
N PRO A 371 0.97 -18.34 -52.68
CA PRO A 371 -0.17 -17.45 -52.94
C PRO A 371 -1.53 -18.03 -52.55
N GLU A 372 -1.68 -19.35 -52.46
CA GLU A 372 -2.94 -19.94 -52.01
C GLU A 372 -2.85 -20.27 -50.52
N ILE A 373 -3.98 -20.13 -49.84
CA ILE A 373 -4.06 -20.51 -48.43
C ILE A 373 -3.75 -22.01 -48.30
N PRO A 374 -2.83 -22.42 -47.42
CA PRO A 374 -2.62 -23.84 -47.20
C PRO A 374 -3.83 -24.47 -46.55
N GLU A 375 -3.97 -25.78 -46.76
CA GLU A 375 -5.04 -26.53 -46.12
C GLU A 375 -4.76 -26.61 -44.62
N HIS A 376 -5.79 -26.33 -43.83
CA HIS A 376 -5.72 -26.30 -42.38
C HIS A 376 -7.14 -26.16 -41.86
N SER A 377 -7.27 -26.12 -40.53
CA SER A 377 -8.60 -26.19 -39.90
C SER A 377 -9.56 -25.14 -40.43
N TYR A 378 -9.07 -23.92 -40.67
CA TYR A 378 -9.92 -22.80 -41.02
C TYR A 378 -9.94 -22.51 -42.52
N PHE A 379 -9.35 -23.38 -43.33
CA PHE A 379 -9.27 -23.23 -44.78
C PHE A 379 -10.56 -22.74 -45.40
N SER A 380 -11.70 -23.26 -44.94
CA SER A 380 -12.97 -22.94 -45.60
C SER A 380 -13.34 -21.48 -45.41
N ARG A 381 -12.86 -20.86 -44.35
CA ARG A 381 -13.16 -19.46 -44.09
C ARG A 381 -12.56 -18.52 -45.12
N TYR A 382 -11.67 -19.01 -45.98
CA TYR A 382 -10.95 -18.15 -46.89
C TYR A 382 -11.52 -18.19 -48.30
N GLY A 383 -12.82 -18.43 -48.44
CA GLY A 383 -13.52 -18.20 -49.68
C GLY A 383 -13.39 -16.75 -50.13
N PRO A 384 -13.65 -16.50 -51.43
CA PRO A 384 -14.11 -17.52 -52.36
C PRO A 384 -12.98 -18.21 -53.13
N ASP A 385 -11.85 -17.54 -53.32
CA ASP A 385 -10.77 -18.06 -54.16
C ASP A 385 -9.57 -18.57 -53.37
N PHE A 386 -9.58 -18.43 -52.03
CA PHE A 386 -8.61 -19.07 -51.15
C PHE A 386 -7.19 -18.60 -51.42
N GLU A 387 -7.05 -17.32 -51.71
CA GLU A 387 -5.75 -16.70 -51.93
C GLU A 387 -5.31 -15.91 -50.70
N LEU A 388 -4.00 -15.72 -50.57
CA LEU A 388 -3.46 -14.92 -49.47
C LEU A 388 -3.70 -13.43 -49.68
N ASP A 389 -3.60 -12.94 -50.92
CA ASP A 389 -4.03 -11.57 -51.19
C ASP A 389 -5.50 -11.40 -50.82
N ILE A 390 -5.83 -10.25 -50.23
CA ILE A 390 -7.24 -9.92 -50.06
C ILE A 390 -7.90 -9.74 -51.42
N ASP A 391 -9.22 -9.95 -51.47
CA ASP A 391 -9.99 -9.79 -52.71
C ASP A 391 -10.40 -8.33 -52.83
N TYR A 392 -9.49 -7.53 -53.38
CA TYR A 392 -9.78 -6.11 -53.57
C TYR A 392 -8.94 -5.61 -54.75
N PHE A 393 -9.55 -4.76 -55.57
CA PHE A 393 -8.82 -4.17 -56.69
C PHE A 393 -8.63 -2.68 -56.45
N PRO A 394 -7.39 -2.21 -56.26
CA PRO A 394 -7.07 -0.80 -56.04
C PRO A 394 -7.03 0.00 -57.33
N ASP A 403 -2.52 18.39 -51.02
CA ASP A 403 -2.70 19.71 -50.41
C ASP A 403 -2.77 19.61 -48.90
N SER A 404 -3.65 18.74 -48.39
CA SER A 404 -3.87 18.68 -46.96
C SER A 404 -2.77 17.90 -46.23
N ILE A 405 -2.17 16.91 -46.88
CA ILE A 405 -1.13 16.15 -46.20
C ILE A 405 0.17 16.95 -46.13
N GLN A 406 0.43 17.82 -47.10
CA GLN A 406 1.62 18.67 -47.01
C GLN A 406 1.50 19.66 -45.86
N LYS A 407 0.29 20.20 -45.63
CA LYS A 407 0.07 21.05 -44.47
C LYS A 407 0.28 20.28 -43.16
N HIS A 408 -0.21 19.04 -43.10
CA HIS A 408 0.01 18.22 -41.92
C HIS A 408 1.50 17.97 -41.69
N HIS A 409 2.24 17.67 -42.77
CA HIS A 409 3.69 17.44 -42.66
C HIS A 409 4.40 18.68 -42.12
N ARG A 410 4.08 19.86 -42.68
CA ARG A 410 4.68 21.08 -42.15
C ARG A 410 4.29 21.29 -40.69
N ARG A 411 3.02 21.04 -40.35
CA ARG A 411 2.59 21.19 -38.96
C ARG A 411 3.34 20.23 -38.06
N ILE A 412 3.40 18.96 -38.45
CA ILE A 412 4.02 17.92 -37.61
C ILE A 412 5.52 18.14 -37.49
N LEU A 413 6.19 18.51 -38.58
CA LEU A 413 7.62 18.80 -38.50
C LEU A 413 7.90 19.99 -37.58
N GLU A 414 7.03 21.00 -37.60
CA GLU A 414 7.21 22.11 -36.65
C GLU A 414 7.04 21.62 -35.21
N GLN A 415 6.02 20.79 -34.95
CA GLN A 415 5.84 20.20 -33.62
C GLN A 415 7.07 19.39 -33.20
N LEU A 416 7.70 18.67 -34.13
CA LEU A 416 8.86 17.86 -33.81
C LEU A 416 10.05 18.74 -33.43
N ARG A 417 10.21 19.88 -34.09
CA ARG A 417 11.22 20.85 -33.67
C ARG A 417 10.90 21.42 -32.29
N ASN A 418 9.64 21.80 -32.05
CA ASN A 418 9.25 22.24 -30.70
C ASN A 418 9.50 21.14 -29.67
N TYR A 419 9.25 19.88 -30.03
CA TYR A 419 9.58 18.79 -29.12
C TYR A 419 11.09 18.68 -28.90
N ALA A 420 11.86 18.76 -29.98
CA ALA A 420 13.31 18.69 -29.85
C ALA A 420 13.84 19.84 -29.00
N ASP A 421 13.32 21.05 -29.22
CA ASP A 421 13.79 22.21 -28.47
C ASP A 421 13.41 22.11 -27.00
N LEU A 422 12.18 21.66 -26.70
CA LEU A 422 11.74 21.59 -25.32
C LEU A 422 12.52 20.54 -24.55
N ASN A 423 12.96 19.48 -25.23
CA ASN A 423 13.57 18.34 -24.57
C ASN A 423 15.07 18.26 -24.81
N LYS A 424 15.67 19.34 -25.34
CA LYS A 424 17.12 19.46 -25.49
C LYS A 424 17.69 18.28 -26.26
N LEU A 425 17.03 17.90 -27.35
CA LEU A 425 17.53 16.83 -28.19
C LEU A 425 18.34 17.40 -29.33
N ILE A 426 19.36 16.65 -29.76
CA ILE A 426 20.32 17.09 -30.77
C ILE A 426 20.01 16.39 -32.08
N TYR A 427 19.92 17.17 -33.16
CA TYR A 427 19.58 16.66 -34.48
C TYR A 427 19.77 17.77 -35.49
N ASP A 428 19.94 17.39 -36.76
CA ASP A 428 20.13 18.36 -37.84
C ASP A 428 18.77 18.65 -38.49
N TYR A 429 18.29 19.89 -38.32
CA TYR A 429 17.00 20.31 -38.85
C TYR A 429 16.93 20.25 -40.38
N ASP A 430 18.05 20.12 -41.07
CA ASP A 430 18.02 19.99 -42.52
C ASP A 430 17.99 18.53 -42.97
N GLN A 431 18.54 17.60 -42.16
CA GLN A 431 18.44 16.20 -42.51
C GLN A 431 17.03 15.66 -42.33
N VAL A 432 16.25 16.24 -41.40
CA VAL A 432 14.87 15.81 -41.22
C VAL A 432 13.97 16.49 -42.24
N TYR A 433 14.15 17.79 -42.48
CA TYR A 433 13.33 18.48 -43.47
C TYR A 433 13.53 17.89 -44.85
N GLN A 434 14.69 17.30 -45.10
CA GLN A 434 14.92 16.61 -46.36
C GLN A 434 13.93 15.47 -46.59
N LEU A 435 13.48 14.83 -45.51
CA LEU A 435 12.57 13.69 -45.63
C LEU A 435 11.24 14.08 -46.26
N TYR A 436 10.76 15.29 -46.01
CA TYR A 436 9.49 15.74 -46.59
C TYR A 436 9.70 16.42 -47.95
N SER B 3 6.32 -50.41 7.90
CA SER B 3 7.44 -50.01 7.06
C SER B 3 7.20 -48.69 6.34
N VAL B 4 7.78 -47.61 6.85
CA VAL B 4 7.74 -46.32 6.16
C VAL B 4 9.06 -46.12 5.47
N GLY B 5 9.00 -45.84 4.18
CA GLY B 5 10.19 -45.57 3.37
C GLY B 5 10.37 -44.09 3.15
N ILE B 6 11.62 -43.67 3.07
CA ILE B 6 11.95 -42.31 2.67
C ILE B 6 13.08 -42.41 1.65
N VAL B 7 12.96 -41.66 0.56
CA VAL B 7 13.96 -41.68 -0.51
C VAL B 7 15.11 -40.76 -0.15
N TYR B 8 16.32 -41.31 -0.14
CA TYR B 8 17.49 -40.52 0.16
C TYR B 8 18.75 -41.19 -0.40
N GLY B 9 19.76 -40.38 -0.66
CA GLY B 9 21.08 -40.86 -0.99
C GLY B 9 22.01 -39.68 -1.02
N ASP B 10 23.31 -39.98 -0.98
CA ASP B 10 24.32 -38.94 -0.92
C ASP B 10 24.36 -38.16 -2.23
N GLN B 11 24.46 -38.86 -3.36
CA GLN B 11 24.39 -38.17 -4.64
C GLN B 11 23.00 -37.58 -4.88
N TYR B 12 21.94 -38.28 -4.45
CA TYR B 12 20.58 -37.74 -4.59
C TYR B 12 20.49 -36.36 -3.95
N ARG B 13 20.96 -36.27 -2.70
CA ARG B 13 20.98 -35.00 -2.00
C ARG B 13 21.74 -33.94 -2.81
N GLN B 14 22.94 -34.28 -3.30
CA GLN B 14 23.71 -33.28 -4.06
C GLN B 14 22.94 -32.79 -5.27
N LEU B 15 22.34 -33.71 -6.03
CA LEU B 15 21.61 -33.33 -7.23
C LEU B 15 20.34 -32.56 -6.89
N CYS B 16 19.64 -32.96 -5.82
CA CYS B 16 18.44 -32.24 -5.40
C CYS B 16 18.75 -30.84 -4.87
N CYS B 17 19.99 -30.57 -4.46
CA CYS B 17 20.35 -29.23 -4.01
C CYS B 17 21.17 -28.45 -5.04
N SER B 18 21.15 -28.87 -6.31
CA SER B 18 21.94 -28.23 -7.36
C SER B 18 21.15 -27.21 -8.19
N SER B 19 19.80 -27.01 -7.90
CA SER B 19 19.06 -26.08 -8.75
C SER B 19 19.21 -24.65 -8.24
N PRO B 20 19.15 -23.66 -9.15
CA PRO B 20 19.18 -22.26 -8.71
C PRO B 20 17.93 -21.82 -7.97
N LYS B 21 16.78 -22.41 -8.25
CA LYS B 21 15.57 -21.97 -7.57
C LYS B 21 15.43 -22.60 -6.19
N PHE B 22 15.63 -23.91 -6.05
CA PHE B 22 15.35 -24.54 -4.76
C PHE B 22 16.58 -24.68 -3.87
N GLY B 23 17.77 -24.32 -4.35
CA GLY B 23 18.93 -24.24 -3.48
C GLY B 23 19.08 -25.50 -2.64
N ASP B 24 19.34 -25.31 -1.35
CA ASP B 24 19.56 -26.41 -0.42
C ASP B 24 18.29 -26.78 0.37
N ARG B 25 17.11 -26.62 -0.22
CA ARG B 25 15.88 -26.92 0.50
C ARG B 25 15.81 -28.38 0.93
N TYR B 26 16.16 -29.28 0.01
CA TYR B 26 16.07 -30.70 0.31
C TYR B 26 17.06 -31.10 1.42
N ALA B 27 18.22 -30.45 1.50
CA ALA B 27 19.15 -30.69 2.60
C ALA B 27 18.58 -30.23 3.93
N LEU B 28 17.95 -29.05 3.95
CA LEU B 28 17.33 -28.56 5.17
C LEU B 28 16.29 -29.54 5.67
N VAL B 29 15.44 -30.03 4.76
CA VAL B 29 14.36 -30.93 5.13
C VAL B 29 14.92 -32.22 5.71
N MET B 30 15.77 -32.89 4.94
CA MET B 30 16.27 -34.20 5.35
C MET B 30 17.12 -34.10 6.60
N ASP B 31 17.84 -32.99 6.78
CA ASP B 31 18.67 -32.86 7.97
C ASP B 31 17.83 -32.55 9.20
N LEU B 32 16.76 -31.76 9.07
CA LEU B 32 15.86 -31.58 10.21
C LEU B 32 15.22 -32.89 10.60
N ILE B 33 14.78 -33.67 9.60
CA ILE B 33 14.26 -35.01 9.89
C ILE B 33 15.32 -35.84 10.60
N ASN B 34 16.55 -35.81 10.09
CA ASN B 34 17.66 -36.48 10.77
C ASN B 34 17.81 -35.98 12.20
N ALA B 35 17.81 -34.65 12.40
CA ALA B 35 18.10 -34.08 13.72
C ALA B 35 17.03 -34.42 14.76
N TYR B 36 15.77 -34.55 14.35
CA TYR B 36 14.73 -35.01 15.27
C TYR B 36 14.74 -36.53 15.47
N LYS B 37 15.80 -37.20 15.01
CA LYS B 37 16.06 -38.62 15.27
C LYS B 37 15.04 -39.54 14.60
N LEU B 38 14.45 -39.09 13.50
CA LEU B 38 13.43 -39.88 12.79
C LEU B 38 14.05 -40.90 11.85
N ILE B 39 15.26 -40.65 11.37
CA ILE B 39 15.84 -41.52 10.34
C ILE B 39 15.94 -42.98 10.78
N PRO B 40 16.31 -43.30 12.04
CA PRO B 40 16.30 -44.71 12.45
C PRO B 40 14.90 -45.37 12.38
N GLU B 41 13.83 -44.58 12.31
CA GLU B 41 12.49 -45.18 12.22
C GLU B 41 12.09 -45.55 10.80
N LEU B 42 12.85 -45.09 9.81
CA LEU B 42 12.45 -45.12 8.42
C LEU B 42 13.33 -46.09 7.64
N SER B 43 12.75 -46.71 6.61
CA SER B 43 13.52 -47.53 5.69
C SER B 43 14.01 -46.70 4.51
N ARG B 44 15.34 -46.62 4.32
CA ARG B 44 15.88 -45.83 3.21
C ARG B 44 15.58 -46.50 1.87
N VAL B 45 14.94 -45.75 0.99
CA VAL B 45 14.65 -46.20 -0.38
C VAL B 45 15.67 -45.58 -1.30
N PRO B 46 16.51 -46.36 -1.98
CA PRO B 46 17.50 -45.77 -2.87
C PRO B 46 16.85 -45.35 -4.18
N PRO B 47 17.30 -44.24 -4.77
CA PRO B 47 16.78 -43.85 -6.08
C PRO B 47 17.15 -44.87 -7.16
N LEU B 48 16.19 -45.14 -8.02
CA LEU B 48 16.37 -46.08 -9.12
C LEU B 48 17.53 -45.65 -10.01
N GLN B 49 18.36 -46.61 -10.39
CA GLN B 49 19.30 -46.40 -11.48
C GLN B 49 19.05 -47.45 -12.55
N TRP B 50 19.55 -47.19 -13.77
CA TRP B 50 19.35 -48.12 -14.87
C TRP B 50 20.67 -48.72 -15.35
N ASP B 51 20.56 -49.78 -16.15
CA ASP B 51 21.72 -50.48 -16.69
C ASP B 51 22.20 -49.94 -18.04
N SER B 52 21.55 -48.91 -18.57
CA SER B 52 21.95 -48.36 -19.86
C SER B 52 21.22 -47.04 -20.08
N PRO B 53 21.76 -46.17 -20.93
CA PRO B 53 21.02 -44.94 -21.28
C PRO B 53 19.69 -45.25 -21.94
N SER B 54 19.63 -46.32 -22.74
CA SER B 54 18.39 -46.64 -23.41
C SER B 54 17.30 -47.02 -22.42
N ARG B 55 17.65 -47.80 -21.39
CA ARG B 55 16.67 -48.11 -20.37
C ARG B 55 16.23 -46.84 -19.64
N MET B 56 17.18 -45.96 -19.30
CA MET B 56 16.79 -44.68 -18.72
C MET B 56 15.86 -43.92 -19.65
N TYR B 57 16.22 -43.84 -20.93
CA TYR B 57 15.40 -43.13 -21.91
C TYR B 57 14.02 -43.76 -22.03
N GLU B 58 13.96 -45.08 -21.99
CA GLU B 58 12.70 -45.78 -22.12
C GLU B 58 11.80 -45.48 -20.93
N ALA B 59 12.38 -45.32 -19.74
CA ALA B 59 11.52 -45.05 -18.59
C ALA B 59 11.00 -43.61 -18.60
N VAL B 60 11.84 -42.65 -18.98
CA VAL B 60 11.43 -41.25 -19.00
C VAL B 60 10.40 -41.01 -20.10
N THR B 61 10.63 -41.58 -21.28
CA THR B 61 9.71 -41.38 -22.39
C THR B 61 8.46 -42.25 -22.29
N ALA B 62 8.25 -42.96 -21.18
CA ALA B 62 6.93 -43.55 -20.97
C ALA B 62 5.87 -42.46 -20.82
N PHE B 63 6.26 -41.24 -20.45
CA PHE B 63 5.40 -40.07 -20.49
C PHE B 63 5.92 -38.98 -21.40
N HIS B 64 7.18 -38.56 -21.25
CA HIS B 64 7.68 -37.41 -22.00
C HIS B 64 8.08 -37.82 -23.42
N SER B 65 8.05 -36.85 -24.33
CA SER B 65 8.41 -37.15 -25.71
C SER B 65 9.93 -37.34 -25.82
N THR B 66 10.35 -38.13 -26.81
CA THR B 66 11.77 -38.31 -27.08
C THR B 66 12.42 -36.96 -27.37
N GLU B 67 11.70 -36.09 -28.10
CA GLU B 67 12.29 -34.83 -28.53
C GLU B 67 12.50 -33.89 -27.35
N TYR B 68 11.53 -33.83 -26.44
CA TYR B 68 11.70 -33.03 -25.22
C TYR B 68 12.89 -33.52 -24.40
N VAL B 69 12.97 -34.83 -24.17
CA VAL B 69 14.07 -35.39 -23.39
C VAL B 69 15.41 -35.08 -24.02
N ASP B 70 15.50 -35.17 -25.37
CA ASP B 70 16.75 -34.82 -26.05
C ASP B 70 17.15 -33.39 -25.76
N ALA B 71 16.21 -32.46 -25.95
CA ALA B 71 16.51 -31.04 -25.76
C ALA B 71 16.85 -30.76 -24.30
N LEU B 72 16.23 -31.47 -23.36
CA LEU B 72 16.61 -31.30 -21.97
C LEU B 72 18.04 -31.79 -21.73
N LYS B 73 18.41 -32.94 -22.33
CA LYS B 73 19.82 -33.37 -22.33
C LYS B 73 20.74 -32.31 -22.94
N LYS B 74 20.39 -31.81 -24.12
CA LYS B 74 21.27 -30.83 -24.77
C LYS B 74 21.43 -29.57 -23.93
N LEU B 75 20.33 -29.11 -23.31
CA LEU B 75 20.38 -27.90 -22.49
C LEU B 75 21.43 -28.02 -21.39
N GLN B 76 21.47 -29.16 -20.71
CA GLN B 76 22.50 -29.39 -19.72
C GLN B 76 23.88 -29.38 -20.37
N MET B 77 24.01 -30.05 -21.51
CA MET B 77 25.30 -30.07 -22.21
C MET B 77 25.76 -28.65 -22.52
N LEU B 78 24.88 -27.83 -23.10
CA LEU B 78 25.25 -26.45 -23.42
C LEU B 78 25.67 -25.69 -22.16
N HIS B 79 24.93 -25.83 -21.07
CA HIS B 79 25.24 -25.03 -19.88
C HIS B 79 26.54 -25.45 -19.20
N CYS B 80 27.05 -26.65 -19.43
CA CYS B 80 28.31 -27.01 -18.81
C CYS B 80 29.53 -26.46 -19.55
N GLU B 81 29.33 -25.78 -20.67
CA GLU B 81 30.45 -25.29 -21.49
C GLU B 81 30.60 -23.77 -21.42
N LEU B 85 24.70 -20.05 -26.72
CA LEU B 85 23.72 -20.80 -27.51
C LEU B 85 23.50 -20.16 -28.88
N THR B 86 23.48 -20.99 -29.92
CA THR B 86 23.13 -20.50 -31.24
C THR B 86 21.65 -20.10 -31.28
N ALA B 87 21.33 -19.22 -32.24
CA ALA B 87 19.94 -18.83 -32.42
C ALA B 87 19.04 -20.03 -32.64
N ASP B 88 19.54 -21.04 -33.36
CA ASP B 88 18.73 -22.24 -33.57
C ASP B 88 18.59 -23.04 -32.28
N ASP B 89 19.61 -23.04 -31.42
CA ASP B 89 19.49 -23.71 -30.13
C ASP B 89 18.45 -23.03 -29.26
N GLU B 90 18.50 -21.70 -29.19
CA GLU B 90 17.50 -20.96 -28.43
C GLU B 90 16.09 -21.26 -28.93
N LEU B 91 15.92 -21.33 -30.25
CA LEU B 91 14.62 -21.67 -30.81
C LEU B 91 14.16 -23.07 -30.42
N LEU B 92 15.09 -24.04 -30.36
CA LEU B 92 14.73 -25.38 -29.92
C LEU B 92 14.28 -25.37 -28.45
N MET B 93 15.08 -24.75 -27.58
CA MET B 93 14.71 -24.67 -26.17
C MET B 93 13.39 -23.92 -26.00
N ASP B 94 13.21 -22.83 -26.74
CA ASP B 94 11.97 -22.07 -26.65
C ASP B 94 10.76 -22.95 -26.96
N SER B 95 10.87 -23.82 -27.98
CA SER B 95 9.74 -24.66 -28.36
C SER B 95 9.34 -25.67 -27.30
N PHE B 96 10.16 -25.89 -26.28
CA PHE B 96 9.86 -26.77 -25.16
C PHE B 96 9.66 -26.00 -23.86
N SER B 97 9.53 -24.67 -23.95
CA SER B 97 9.46 -23.75 -22.81
C SER B 97 10.66 -23.90 -21.87
N LEU B 98 11.82 -24.23 -22.41
CA LEU B 98 13.05 -24.34 -21.60
C LEU B 98 13.72 -22.97 -21.46
N ASN B 99 12.94 -22.05 -20.86
CA ASN B 99 13.33 -20.65 -20.74
C ASN B 99 12.61 -20.06 -19.53
N TYR B 100 12.75 -18.74 -19.36
CA TYR B 100 12.03 -17.94 -18.36
C TYR B 100 12.00 -18.57 -16.97
N ASP B 101 10.88 -19.19 -16.59
CA ASP B 101 10.77 -19.81 -15.28
C ASP B 101 11.37 -21.22 -15.23
N CYS B 102 11.74 -21.78 -16.38
CA CYS B 102 12.38 -23.09 -16.43
C CYS B 102 13.69 -22.97 -17.21
N PRO B 103 14.65 -22.23 -16.67
CA PRO B 103 15.90 -21.99 -17.39
C PRO B 103 16.80 -23.21 -17.32
N GLY B 104 17.81 -23.19 -18.17
CA GLY B 104 18.87 -24.16 -18.08
C GLY B 104 19.86 -23.83 -16.99
N PHE B 105 20.56 -24.86 -16.54
CA PHE B 105 21.69 -24.71 -15.64
C PHE B 105 22.50 -26.00 -15.70
N PRO B 106 23.76 -26.00 -15.23
CA PRO B 106 24.63 -27.13 -15.57
C PRO B 106 24.10 -28.49 -15.16
N SER B 107 23.21 -28.58 -14.16
CA SER B 107 22.72 -29.88 -13.72
C SER B 107 21.25 -30.10 -14.07
N VAL B 108 20.69 -29.30 -14.98
CA VAL B 108 19.25 -29.31 -15.20
C VAL B 108 18.76 -30.70 -15.57
N PHE B 109 19.51 -31.46 -16.36
CA PHE B 109 18.97 -32.79 -16.70
C PHE B 109 19.11 -33.77 -15.53
N ASP B 110 20.34 -33.92 -14.99
CA ASP B 110 20.53 -34.76 -13.80
C ASP B 110 19.60 -34.35 -12.65
N TYR B 111 19.44 -33.05 -12.42
CA TYR B 111 18.52 -32.58 -11.40
C TYR B 111 17.10 -33.12 -11.62
N SER B 112 16.58 -32.98 -12.85
CA SER B 112 15.21 -33.40 -13.15
C SER B 112 15.08 -34.92 -13.15
N LEU B 113 16.10 -35.60 -13.68
CA LEU B 113 16.06 -37.06 -13.67
C LEU B 113 16.05 -37.63 -12.26
N ALA B 114 16.71 -36.93 -11.33
CA ALA B 114 16.86 -37.46 -9.98
C ALA B 114 15.51 -37.63 -9.30
N ALA B 115 14.61 -36.64 -9.46
CA ALA B 115 13.28 -36.76 -8.86
C ALA B 115 12.52 -37.93 -9.47
N VAL B 116 12.72 -38.18 -10.77
CA VAL B 116 12.12 -39.34 -11.41
C VAL B 116 12.70 -40.62 -10.81
N GLN B 117 14.02 -40.66 -10.61
CA GLN B 117 14.64 -41.86 -10.03
C GLN B 117 14.13 -42.11 -8.62
N GLY B 118 13.98 -41.04 -7.84
CA GLY B 118 13.49 -41.19 -6.49
C GLY B 118 12.05 -41.66 -6.44
N SER B 119 11.19 -41.07 -7.26
CA SER B 119 9.77 -41.40 -7.17
C SER B 119 9.47 -42.77 -7.78
N LEU B 120 10.18 -43.14 -8.86
CA LEU B 120 9.99 -44.47 -9.45
C LEU B 120 10.45 -45.56 -8.49
N ALA B 121 11.58 -45.33 -7.82
CA ALA B 121 12.01 -46.25 -6.77
C ALA B 121 10.94 -46.38 -5.70
N ALA B 122 10.37 -45.25 -5.26
CA ALA B 122 9.34 -45.26 -4.23
C ALA B 122 8.16 -46.12 -4.67
N ALA B 123 7.69 -45.93 -5.91
CA ALA B 123 6.58 -46.72 -6.40
C ALA B 123 6.91 -48.21 -6.35
N SER B 124 8.12 -48.59 -6.77
CA SER B 124 8.53 -49.99 -6.77
C SER B 124 8.61 -50.59 -5.36
N ALA B 125 8.86 -49.77 -4.33
CA ALA B 125 8.87 -50.26 -2.96
C ALA B 125 7.46 -50.54 -2.43
N LEU B 126 6.47 -49.76 -2.86
CA LEU B 126 5.08 -50.10 -2.55
C LEU B 126 4.62 -51.32 -3.34
N ILE B 127 5.00 -51.39 -4.62
CA ILE B 127 4.52 -52.46 -5.48
C ILE B 127 4.93 -53.83 -4.93
N CYS B 128 6.21 -53.98 -4.55
CA CYS B 128 6.70 -55.23 -3.96
C CYS B 128 6.32 -55.38 -2.48
N ARG B 129 5.64 -54.40 -1.88
CA ARG B 129 5.23 -54.41 -0.47
C ARG B 129 6.39 -54.31 0.52
N HIS B 130 7.54 -53.76 0.11
CA HIS B 130 8.60 -53.50 1.10
C HIS B 130 8.21 -52.38 2.06
N CYS B 131 7.48 -51.36 1.60
CA CYS B 131 6.99 -50.33 2.50
C CYS B 131 5.49 -50.18 2.30
N GLU B 132 4.81 -49.77 3.38
CA GLU B 132 3.41 -49.39 3.27
C GLU B 132 3.27 -47.95 2.79
N VAL B 133 4.20 -47.08 3.15
CA VAL B 133 4.21 -45.68 2.70
C VAL B 133 5.63 -45.34 2.35
N VAL B 134 5.82 -44.55 1.29
CA VAL B 134 7.12 -44.05 0.92
C VAL B 134 7.04 -42.54 0.70
N ILE B 135 8.00 -41.83 1.28
CA ILE B 135 8.12 -40.37 1.20
C ILE B 135 9.25 -40.02 0.24
N ASN B 136 9.01 -39.08 -0.68
CA ASN B 136 10.10 -38.52 -1.48
C ASN B 136 9.99 -37.00 -1.39
N TRP B 137 10.71 -36.42 -0.41
CA TRP B 137 10.73 -34.96 -0.35
C TRP B 137 11.51 -34.31 -1.49
N GLY B 138 12.03 -35.10 -2.43
CA GLY B 138 12.71 -34.52 -3.57
C GLY B 138 11.84 -34.53 -4.82
N GLY B 139 10.71 -35.23 -4.75
CA GLY B 139 9.80 -35.36 -5.87
C GLY B 139 8.56 -34.49 -5.73
N GLY B 140 7.64 -34.68 -6.66
CA GLY B 140 6.37 -33.95 -6.65
C GLY B 140 6.25 -32.82 -7.65
N TRP B 141 6.89 -32.91 -8.83
CA TRP B 141 6.96 -31.78 -9.76
C TRP B 141 5.79 -31.88 -10.74
N HIS B 142 4.64 -31.35 -10.30
CA HIS B 142 3.35 -31.69 -10.90
C HIS B 142 3.04 -30.94 -12.18
N HIS B 143 3.76 -29.84 -12.51
CA HIS B 143 3.42 -29.03 -13.70
C HIS B 143 4.06 -29.51 -15.00
N ALA B 144 5.05 -30.40 -14.95
CA ALA B 144 5.78 -30.77 -16.16
C ALA B 144 4.86 -31.51 -17.12
N LYS B 145 4.96 -31.18 -18.41
CA LYS B 145 4.11 -31.74 -19.45
C LYS B 145 4.88 -32.73 -20.31
N ARG B 146 4.15 -33.45 -21.17
CA ARG B 146 4.77 -34.45 -22.02
C ARG B 146 5.92 -33.86 -22.84
N SER B 147 5.72 -32.68 -23.42
CA SER B 147 6.77 -32.02 -24.20
C SER B 147 7.04 -30.60 -23.73
N GLU B 148 6.88 -30.31 -22.43
CA GLU B 148 6.98 -28.93 -21.99
C GLU B 148 7.38 -28.85 -20.52
N ALA B 149 8.40 -28.04 -20.23
CA ALA B 149 8.70 -27.66 -18.85
C ALA B 149 7.76 -26.56 -18.40
N SER B 150 7.40 -26.57 -17.11
CA SER B 150 6.53 -25.52 -16.59
C SER B 150 6.73 -25.38 -15.09
N GLY B 151 6.80 -24.13 -14.64
CA GLY B 151 6.86 -23.82 -13.22
C GLY B 151 8.01 -24.44 -12.47
N PHE B 152 9.20 -24.46 -13.09
CA PHE B 152 10.41 -25.16 -12.60
C PHE B 152 10.20 -26.67 -12.48
N CYS B 153 9.22 -27.21 -13.20
CA CYS B 153 9.03 -28.66 -13.34
C CYS B 153 9.46 -29.06 -14.75
N TYR B 154 10.57 -29.79 -14.84
CA TYR B 154 11.14 -30.22 -16.11
C TYR B 154 10.70 -31.63 -16.48
N LEU B 155 10.68 -32.55 -15.52
CA LEU B 155 10.25 -33.92 -15.75
C LEU B 155 9.21 -34.24 -14.70
N ASN B 156 8.11 -34.86 -15.11
CA ASN B 156 7.01 -35.14 -14.20
C ASN B 156 7.26 -36.50 -13.55
N ASP B 157 7.94 -36.47 -12.39
CA ASP B 157 8.17 -37.68 -11.62
C ASP B 157 6.87 -38.27 -11.10
N ILE B 158 5.87 -37.44 -10.82
CA ILE B 158 4.58 -37.95 -10.35
C ILE B 158 3.93 -38.82 -11.43
N VAL B 159 3.81 -38.31 -12.67
CA VAL B 159 3.19 -39.08 -13.74
C VAL B 159 3.90 -40.41 -13.93
N LEU B 160 5.23 -40.39 -13.92
CA LEU B 160 5.97 -41.61 -14.18
C LEU B 160 5.78 -42.61 -13.04
N ALA B 161 5.67 -42.12 -11.81
CA ALA B 161 5.42 -42.98 -10.66
C ALA B 161 4.02 -43.58 -10.69
N ILE B 162 3.02 -42.75 -11.03
CA ILE B 162 1.65 -43.23 -11.08
C ILE B 162 1.52 -44.27 -12.18
N HIS B 163 2.20 -44.05 -13.31
CA HIS B 163 2.13 -45.00 -14.39
C HIS B 163 2.71 -46.35 -13.97
N ARG B 164 3.70 -46.35 -13.08
CA ARG B 164 4.25 -47.63 -12.65
C ARG B 164 3.29 -48.36 -11.72
N LEU B 165 2.69 -47.63 -10.78
CA LEU B 165 1.74 -48.25 -9.84
C LEU B 165 0.53 -48.81 -10.58
N VAL B 166 -0.02 -48.05 -11.51
CA VAL B 166 -1.28 -48.40 -12.14
C VAL B 166 -1.11 -49.49 -13.20
N SER B 167 0.13 -49.79 -13.58
CA SER B 167 0.40 -50.82 -14.56
C SER B 167 1.11 -52.01 -13.92
N SER B 168 0.98 -52.16 -12.61
CA SER B 168 1.49 -53.27 -11.82
C SER B 168 0.41 -54.32 -11.60
N THR B 169 0.85 -55.54 -11.30
CA THR B 169 -0.08 -56.65 -11.11
C THR B 169 -0.45 -56.81 -9.64
N GLN B 178 -8.87 -53.03 -12.71
CA GLN B 178 -8.84 -53.43 -11.30
C GLN B 178 -8.00 -52.44 -10.47
N THR B 179 -6.72 -52.30 -10.79
CA THR B 179 -5.84 -51.39 -10.05
C THR B 179 -6.17 -49.95 -10.38
N ARG B 180 -6.71 -49.21 -9.41
CA ARG B 180 -6.96 -47.79 -9.54
C ARG B 180 -6.05 -47.03 -8.59
N VAL B 181 -5.68 -45.81 -8.97
CA VAL B 181 -4.79 -44.95 -8.18
C VAL B 181 -5.47 -43.62 -7.94
N LEU B 182 -5.48 -43.17 -6.70
CA LEU B 182 -6.00 -41.85 -6.37
C LEU B 182 -4.85 -40.87 -6.21
N TYR B 183 -4.85 -39.82 -7.02
CA TYR B 183 -3.88 -38.76 -6.91
C TYR B 183 -4.51 -37.57 -6.20
N VAL B 184 -3.81 -37.06 -5.19
CA VAL B 184 -4.29 -36.01 -4.30
C VAL B 184 -3.24 -34.90 -4.28
N ASP B 185 -3.59 -33.74 -4.79
CA ASP B 185 -2.62 -32.67 -4.94
C ASP B 185 -2.98 -31.55 -3.96
N LEU B 186 -2.23 -31.48 -2.85
CA LEU B 186 -2.45 -30.47 -1.82
C LEU B 186 -1.69 -29.17 -2.06
N ASP B 187 -0.85 -29.11 -3.10
CA ASP B 187 -0.06 -27.92 -3.37
C ASP B 187 -0.97 -26.69 -3.50
N LEU B 188 -0.41 -25.50 -3.26
CA LEU B 188 -1.16 -24.27 -3.45
C LEU B 188 -1.64 -24.10 -4.89
N HIS B 189 -0.92 -24.68 -5.86
CA HIS B 189 -1.22 -24.53 -7.27
C HIS B 189 -1.91 -25.78 -7.82
N HIS B 190 -2.65 -25.58 -8.93
CA HIS B 190 -3.37 -26.66 -9.58
C HIS B 190 -2.41 -27.66 -10.21
N GLY B 191 -2.65 -28.95 -9.94
CA GLY B 191 -1.82 -30.02 -10.48
C GLY B 191 -2.10 -30.33 -11.94
N ASP B 192 -1.81 -29.36 -12.83
CA ASP B 192 -2.24 -29.44 -14.22
C ASP B 192 -1.47 -30.50 -15.01
N GLY B 193 -0.18 -30.67 -14.74
CA GLY B 193 0.59 -31.68 -15.47
C GLY B 193 0.10 -33.10 -15.21
N VAL B 194 -0.20 -33.42 -13.96
CA VAL B 194 -0.71 -34.75 -13.63
C VAL B 194 -2.12 -34.94 -14.20
N GLU B 195 -3.00 -33.97 -13.90
CA GLU B 195 -4.39 -34.08 -14.36
C GLU B 195 -4.46 -34.26 -15.87
N GLU B 196 -3.62 -33.53 -16.60
CA GLU B 196 -3.58 -33.59 -18.06
C GLU B 196 -3.06 -34.93 -18.57
N ALA B 197 -1.99 -35.43 -17.96
CA ALA B 197 -1.46 -36.74 -18.30
C ALA B 197 -2.52 -37.83 -18.24
N PHE B 198 -3.42 -37.78 -17.24
CA PHE B 198 -4.44 -38.81 -17.08
C PHE B 198 -5.86 -38.34 -17.41
N TRP B 199 -5.99 -37.30 -18.25
CA TRP B 199 -7.30 -36.75 -18.60
C TRP B 199 -8.23 -37.80 -19.20
N TYR B 200 -7.67 -38.74 -19.98
CA TYR B 200 -8.48 -39.77 -20.62
C TYR B 200 -8.44 -41.11 -19.88
N SER B 201 -7.99 -41.12 -18.63
CA SER B 201 -7.75 -42.39 -17.94
C SER B 201 -8.66 -42.56 -16.74
N PRO B 202 -9.63 -43.46 -16.80
CA PRO B 202 -10.48 -43.72 -15.62
C PRO B 202 -9.72 -44.35 -14.45
N ARG B 203 -8.63 -45.07 -14.71
CA ARG B 203 -8.00 -45.83 -13.62
C ARG B 203 -7.14 -44.98 -12.69
N VAL B 204 -6.81 -43.75 -13.08
CA VAL B 204 -6.12 -42.80 -12.22
C VAL B 204 -7.03 -41.59 -12.00
N VAL B 205 -7.63 -41.48 -10.82
CA VAL B 205 -8.51 -40.36 -10.50
C VAL B 205 -7.68 -39.27 -9.82
N THR B 206 -7.71 -38.07 -10.39
CA THR B 206 -6.92 -36.96 -9.88
C THR B 206 -7.79 -35.97 -9.12
N PHE B 207 -7.25 -35.42 -8.04
CA PHE B 207 -7.98 -34.44 -7.23
C PHE B 207 -7.02 -33.40 -6.73
N SER B 208 -7.21 -32.16 -7.16
CA SER B 208 -6.37 -31.04 -6.75
C SER B 208 -7.24 -30.03 -5.98
N VAL B 209 -6.83 -29.74 -4.76
CA VAL B 209 -7.30 -28.56 -4.04
C VAL B 209 -6.23 -27.48 -4.23
N HIS B 210 -6.64 -26.24 -4.47
CA HIS B 210 -5.65 -25.23 -4.82
C HIS B 210 -6.32 -23.88 -4.83
N HIS B 211 -5.51 -22.84 -4.95
CA HIS B 211 -6.06 -21.52 -5.21
C HIS B 211 -6.24 -21.31 -6.71
N ALA B 212 -7.28 -20.57 -7.08
CA ALA B 212 -7.44 -20.15 -8.45
C ALA B 212 -8.03 -18.74 -8.49
N SER B 213 -7.45 -17.87 -9.33
CA SER B 213 -7.95 -16.52 -9.52
C SER B 213 -7.41 -16.01 -10.86
N PRO B 214 -7.96 -14.93 -11.39
CA PRO B 214 -7.56 -14.51 -12.74
C PRO B 214 -6.08 -14.11 -12.80
N GLY B 215 -5.35 -14.76 -13.72
CA GLY B 215 -3.93 -14.52 -13.87
C GLY B 215 -3.03 -15.29 -12.92
N PHE B 216 -3.57 -16.16 -12.08
CA PHE B 216 -2.76 -16.88 -11.12
C PHE B 216 -2.28 -18.18 -11.75
N PHE B 217 -1.00 -18.48 -11.57
CA PHE B 217 -0.40 -19.68 -12.13
C PHE B 217 -1.05 -20.95 -11.55
N PRO B 218 -1.34 -21.94 -12.39
CA PRO B 218 -1.14 -21.88 -13.84
C PRO B 218 -2.40 -21.57 -14.61
N GLY B 219 -3.51 -21.30 -13.92
CA GLY B 219 -4.72 -20.82 -14.58
C GLY B 219 -5.84 -21.83 -14.75
N THR B 220 -5.59 -23.11 -14.43
CA THR B 220 -6.58 -24.16 -14.64
C THR B 220 -7.11 -24.66 -13.30
N GLY B 221 -7.88 -25.74 -13.35
CA GLY B 221 -8.59 -26.23 -12.17
C GLY B 221 -9.70 -25.33 -11.64
N THR B 222 -10.37 -24.58 -12.52
CA THR B 222 -11.49 -23.74 -12.09
C THR B 222 -12.54 -23.74 -13.22
N TRP B 223 -13.48 -22.78 -13.15
CA TRP B 223 -14.57 -22.72 -14.11
C TRP B 223 -14.05 -22.41 -15.53
N ASN B 224 -14.65 -23.06 -16.52
CA ASN B 224 -14.27 -22.94 -17.91
C ASN B 224 -15.31 -22.13 -18.69
N MET B 225 -14.86 -21.48 -19.75
CA MET B 225 -15.71 -20.71 -20.66
C MET B 225 -15.37 -21.00 -22.11
N LEU B 231 -23.11 -20.38 -19.57
CA LEU B 231 -22.84 -20.49 -18.13
C LEU B 231 -21.63 -21.40 -17.89
N PRO B 232 -20.74 -21.00 -16.97
CA PRO B 232 -19.48 -21.73 -16.76
C PRO B 232 -19.68 -23.13 -16.21
N ILE B 233 -18.72 -24.01 -16.51
CA ILE B 233 -18.74 -25.38 -16.03
C ILE B 233 -17.31 -25.83 -15.75
N PHE B 234 -17.21 -26.87 -14.92
CA PHE B 234 -15.95 -27.55 -14.68
C PHE B 234 -15.76 -28.65 -15.71
N LEU B 235 -14.64 -28.61 -16.42
CA LEU B 235 -14.24 -29.79 -17.15
C LEU B 235 -13.62 -30.79 -16.17
N ASN B 236 -13.79 -32.08 -16.45
CA ASN B 236 -13.45 -33.10 -15.46
C ASN B 236 -12.96 -34.39 -16.11
N GLY B 237 -12.29 -34.27 -17.25
CA GLY B 237 -11.81 -35.42 -17.99
C GLY B 237 -12.65 -35.65 -19.23
N ALA B 238 -12.17 -36.58 -20.06
CA ALA B 238 -12.80 -36.80 -21.36
C ALA B 238 -12.59 -38.25 -21.78
N GLY B 239 -13.42 -38.69 -22.73
CA GLY B 239 -13.35 -40.06 -23.21
C GLY B 239 -13.72 -41.05 -22.13
N ARG B 240 -12.95 -42.13 -22.03
CA ARG B 240 -13.08 -43.03 -20.89
C ARG B 240 -12.73 -42.32 -19.59
N GLY B 241 -12.04 -41.19 -19.65
CA GLY B 241 -11.69 -40.46 -18.44
C GLY B 241 -12.69 -39.44 -17.98
N ARG B 242 -13.84 -39.32 -18.63
CA ARG B 242 -14.86 -38.37 -18.17
C ARG B 242 -15.19 -38.58 -16.69
N PHE B 243 -15.34 -37.46 -15.97
CA PHE B 243 -15.59 -37.37 -14.53
C PHE B 243 -14.44 -37.86 -13.64
N SER B 244 -13.25 -38.13 -14.19
CA SER B 244 -12.13 -38.67 -13.42
C SER B 244 -11.15 -37.60 -12.91
N ALA B 245 -11.33 -36.34 -13.28
CA ALA B 245 -10.47 -35.26 -12.82
C ALA B 245 -11.27 -34.37 -11.89
N PHE B 246 -10.84 -34.27 -10.64
CA PHE B 246 -11.55 -33.49 -9.64
C PHE B 246 -10.74 -32.24 -9.26
N ASN B 247 -11.46 -31.16 -8.97
CA ASN B 247 -10.80 -29.91 -8.64
C ASN B 247 -11.63 -29.15 -7.63
N LEU B 248 -10.94 -28.61 -6.62
CA LEU B 248 -11.57 -27.75 -5.63
C LEU B 248 -10.76 -26.46 -5.55
N PRO B 249 -11.09 -25.47 -6.37
CA PRO B 249 -10.47 -24.14 -6.25
C PRO B 249 -11.07 -23.36 -5.08
N LEU B 250 -10.21 -22.82 -4.22
CA LEU B 250 -10.64 -22.06 -3.05
C LEU B 250 -10.03 -20.66 -3.07
N GLU B 251 -10.69 -19.73 -2.38
CA GLU B 251 -10.29 -18.34 -2.30
C GLU B 251 -9.12 -18.15 -1.34
N GLU B 252 -8.48 -16.97 -1.42
CA GLU B 252 -7.29 -16.73 -0.63
C GLU B 252 -7.64 -16.45 0.83
N GLY B 253 -6.70 -16.77 1.71
CA GLY B 253 -6.85 -16.51 3.12
C GLY B 253 -7.47 -17.64 3.92
N ILE B 254 -7.68 -18.81 3.31
CA ILE B 254 -8.32 -19.92 4.02
C ILE B 254 -7.40 -20.44 5.12
N ASN B 255 -7.98 -20.78 6.28
CA ASN B 255 -7.21 -21.31 7.40
C ASN B 255 -7.25 -22.83 7.46
N ASP B 256 -6.45 -23.39 8.38
CA ASP B 256 -6.35 -24.83 8.57
C ASP B 256 -7.73 -25.48 8.71
N LEU B 257 -8.57 -24.92 9.59
CA LEU B 257 -9.84 -25.58 9.88
C LEU B 257 -10.75 -25.58 8.66
N ASP B 258 -10.84 -24.46 7.95
CA ASP B 258 -11.74 -24.40 6.81
C ASP B 258 -11.25 -25.28 5.66
N TRP B 259 -9.94 -25.36 5.46
CA TRP B 259 -9.36 -26.22 4.42
C TRP B 259 -9.58 -27.69 4.77
N SER B 260 -9.44 -28.05 6.05
CA SER B 260 -9.68 -29.42 6.50
C SER B 260 -11.13 -29.84 6.26
N ASN B 261 -12.07 -28.98 6.64
CA ASN B 261 -13.48 -29.30 6.36
C ASN B 261 -13.78 -29.27 4.88
N ALA B 262 -13.04 -28.46 4.11
CA ALA B 262 -13.24 -28.41 2.68
C ALA B 262 -12.95 -29.76 2.04
N ILE B 263 -11.78 -30.35 2.32
CA ILE B 263 -11.36 -31.52 1.56
C ILE B 263 -11.56 -32.85 2.29
N GLY B 264 -11.80 -32.82 3.61
CA GLY B 264 -11.95 -34.04 4.38
C GLY B 264 -13.07 -34.92 3.89
N PRO B 265 -14.29 -34.38 3.81
CA PRO B 265 -15.40 -35.18 3.29
C PRO B 265 -15.21 -35.62 1.84
N ILE B 266 -14.56 -34.80 1.01
CA ILE B 266 -14.34 -35.20 -0.37
C ILE B 266 -13.33 -36.36 -0.44
N LEU B 267 -12.29 -36.31 0.40
CA LEU B 267 -11.26 -37.34 0.41
C LEU B 267 -11.84 -38.68 0.80
N ASP B 268 -12.65 -38.71 1.86
CA ASP B 268 -13.24 -39.96 2.29
C ASP B 268 -14.25 -40.48 1.28
N SER B 269 -14.97 -39.58 0.59
CA SER B 269 -15.90 -40.04 -0.44
C SER B 269 -15.17 -40.59 -1.67
N LEU B 270 -14.08 -39.94 -2.06
CA LEU B 270 -13.22 -40.51 -3.10
C LEU B 270 -12.74 -41.91 -2.70
N ASN B 271 -12.36 -42.10 -1.42
CA ASN B 271 -11.88 -43.43 -1.03
C ASN B 271 -13.00 -44.45 -1.08
N ILE B 272 -14.18 -44.07 -0.60
CA ILE B 272 -15.30 -45.02 -0.55
C ILE B 272 -15.63 -45.52 -1.95
N VAL B 273 -15.69 -44.61 -2.92
CA VAL B 273 -16.19 -44.96 -4.24
C VAL B 273 -15.09 -45.54 -5.11
N ILE B 274 -13.94 -44.87 -5.20
CA ILE B 274 -12.95 -45.36 -6.13
C ILE B 274 -12.26 -46.61 -5.60
N GLN B 275 -12.19 -46.76 -4.28
CA GLN B 275 -11.48 -47.87 -3.66
C GLN B 275 -10.08 -48.06 -4.25
N PRO B 276 -9.24 -47.03 -4.22
CA PRO B 276 -7.96 -47.11 -4.94
C PRO B 276 -7.01 -48.14 -4.34
N SER B 277 -6.20 -48.73 -5.22
CA SER B 277 -5.16 -49.66 -4.79
C SER B 277 -3.94 -48.93 -4.24
N TYR B 278 -3.74 -47.68 -4.65
CA TYR B 278 -2.65 -46.84 -4.21
C TYR B 278 -3.13 -45.41 -4.16
N VAL B 279 -2.59 -44.64 -3.20
CA VAL B 279 -2.73 -43.19 -3.18
C VAL B 279 -1.37 -42.56 -3.46
N VAL B 280 -1.38 -41.46 -4.19
CA VAL B 280 -0.21 -40.60 -4.35
C VAL B 280 -0.62 -39.21 -3.91
N VAL B 281 0.10 -38.66 -2.92
CA VAL B 281 -0.20 -37.36 -2.33
C VAL B 281 0.94 -36.41 -2.63
N GLN B 282 0.65 -35.31 -3.33
CA GLN B 282 1.63 -34.24 -3.48
C GLN B 282 1.35 -33.24 -2.36
N CYS B 283 2.38 -32.92 -1.58
CA CYS B 283 2.22 -32.20 -0.32
CA CYS B 283 2.24 -32.18 -0.33
C CYS B 283 2.99 -30.87 -0.35
N GLY B 284 2.93 -30.17 -1.48
CA GLY B 284 3.52 -28.85 -1.61
C GLY B 284 3.18 -27.95 -0.44
N ALA B 285 4.21 -27.38 0.18
CA ALA B 285 4.05 -26.61 1.39
C ALA B 285 3.79 -25.14 1.13
N ASP B 286 3.43 -24.75 -0.09
CA ASP B 286 3.21 -23.33 -0.24
C ASP B 286 1.82 -22.87 0.20
N CYS B 287 0.98 -23.75 0.74
CA CYS B 287 -0.24 -23.29 1.42
C CYS B 287 0.04 -22.70 2.80
N LEU B 288 1.27 -22.80 3.27
CA LEU B 288 1.66 -22.28 4.57
C LEU B 288 1.50 -20.78 4.61
N ALA B 289 1.07 -20.30 5.78
CA ALA B 289 0.84 -18.88 6.01
C ALA B 289 2.11 -18.06 5.83
N THR B 290 3.29 -18.66 6.04
CA THR B 290 4.54 -17.94 5.99
C THR B 290 5.29 -18.13 4.67
N ASP B 291 4.68 -18.81 3.70
CA ASP B 291 5.27 -18.87 2.37
C ASP B 291 5.30 -17.47 1.75
N PRO B 292 6.34 -17.14 0.97
CA PRO B 292 6.35 -15.85 0.26
C PRO B 292 5.17 -15.65 -0.70
N HIS B 293 4.44 -16.71 -1.10
CA HIS B 293 3.15 -16.51 -1.77
C HIS B 293 2.13 -15.88 -0.83
N ARG B 294 2.13 -16.34 0.42
CA ARG B 294 1.07 -16.07 1.39
C ARG B 294 -0.29 -15.86 0.72
N ILE B 295 -0.88 -16.95 0.21
CA ILE B 295 -2.24 -16.96 -0.29
C ILE B 295 -3.17 -17.70 0.65
N PHE B 296 -2.79 -18.89 1.09
CA PHE B 296 -3.49 -19.57 2.16
C PHE B 296 -2.80 -19.29 3.50
N ARG B 297 -3.50 -19.61 4.59
CA ARG B 297 -2.92 -19.37 5.91
C ARG B 297 -2.82 -20.69 6.67
N LEU B 298 -2.20 -21.70 6.06
CA LEU B 298 -2.07 -22.97 6.76
C LEU B 298 -0.87 -22.96 7.70
N THR B 299 -0.85 -23.90 8.64
CA THR B 299 0.20 -23.96 9.63
C THR B 299 0.78 -25.38 9.66
N ASN B 300 1.78 -25.58 10.52
CA ASN B 300 2.21 -26.93 10.86
C ASN B 300 1.86 -27.29 12.30
N PHE B 301 0.83 -26.66 12.87
CA PHE B 301 0.55 -26.84 14.29
C PHE B 301 0.03 -28.25 14.58
N TYR B 302 0.45 -28.79 15.71
CA TYR B 302 0.03 -30.12 16.15
C TYR B 302 -0.45 -29.96 17.60
N PRO B 303 -1.75 -29.73 17.81
CA PRO B 303 -2.32 -29.70 19.17
C PRO B 303 -2.15 -31.00 19.91
N SER B 316 -7.43 -26.00 14.63
CA SER B 316 -6.09 -25.69 15.14
C SER B 316 -5.05 -26.76 14.77
N LEU B 317 -5.51 -27.95 14.39
CA LEU B 317 -4.59 -28.91 13.79
C LEU B 317 -4.25 -28.48 12.36
N SER B 318 -2.97 -28.56 12.01
CA SER B 318 -2.51 -28.21 10.68
C SER B 318 -3.34 -28.91 9.60
N GLY B 319 -3.80 -28.11 8.64
CA GLY B 319 -4.58 -28.69 7.56
C GLY B 319 -3.88 -29.84 6.88
N TYR B 320 -2.60 -29.64 6.57
CA TYR B 320 -1.75 -30.70 6.02
C TYR B 320 -1.78 -31.97 6.85
N LEU B 321 -1.60 -31.83 8.17
CA LEU B 321 -1.49 -33.01 9.02
C LEU B 321 -2.84 -33.71 9.11
N TYR B 322 -3.91 -32.93 9.16
CA TYR B 322 -5.26 -33.49 9.18
C TYR B 322 -5.50 -34.37 7.96
N ALA B 323 -5.13 -33.87 6.78
CA ALA B 323 -5.37 -34.59 5.53
C ALA B 323 -4.49 -35.83 5.42
N ILE B 324 -3.19 -35.71 5.73
CA ILE B 324 -2.29 -36.86 5.66
C ILE B 324 -2.75 -37.94 6.64
N LYS B 325 -3.08 -37.55 7.86
CA LYS B 325 -3.64 -38.50 8.82
C LYS B 325 -4.89 -39.17 8.27
N LYS B 326 -5.79 -38.40 7.65
CA LYS B 326 -7.02 -38.99 7.13
C LYS B 326 -6.69 -40.01 6.04
N ILE B 327 -5.77 -39.66 5.14
CA ILE B 327 -5.43 -40.56 4.04
C ILE B 327 -4.81 -41.84 4.56
N LEU B 328 -3.85 -41.72 5.49
CA LEU B 328 -3.23 -42.92 6.05
C LEU B 328 -4.22 -43.78 6.85
N SER B 329 -5.33 -43.20 7.30
CA SER B 329 -6.33 -44.00 8.01
C SER B 329 -7.01 -45.02 7.10
N TRP B 330 -6.97 -44.81 5.78
CA TRP B 330 -7.54 -45.78 4.85
C TRP B 330 -6.71 -47.04 4.69
N LYS B 331 -5.48 -47.09 5.23
CA LYS B 331 -4.61 -48.27 5.16
C LYS B 331 -4.38 -48.71 3.72
N VAL B 332 -4.22 -47.75 2.83
CA VAL B 332 -3.96 -47.95 1.41
C VAL B 332 -2.49 -47.64 1.21
N PRO B 333 -1.74 -48.42 0.41
CA PRO B 333 -0.33 -48.07 0.16
C PRO B 333 -0.23 -46.70 -0.49
N THR B 334 0.67 -45.88 0.05
CA THR B 334 0.70 -44.44 -0.26
C THR B 334 2.13 -44.00 -0.59
N LEU B 335 2.22 -43.09 -1.54
CA LEU B 335 3.44 -42.39 -1.85
C LEU B 335 3.19 -40.94 -1.48
N ILE B 336 4.02 -40.39 -0.59
CA ILE B 336 3.91 -38.98 -0.17
C ILE B 336 5.04 -38.20 -0.78
N LEU B 337 4.70 -37.13 -1.50
CA LEU B 337 5.66 -36.39 -2.31
C LEU B 337 5.72 -34.93 -1.89
N GLY B 338 6.85 -34.31 -2.21
CA GLY B 338 7.08 -32.91 -1.96
C GLY B 338 6.39 -32.04 -2.99
N GLY B 339 7.10 -31.04 -3.50
CA GLY B 339 6.50 -30.09 -4.40
C GLY B 339 6.93 -28.68 -4.09
N GLY B 340 5.99 -27.76 -4.15
CA GLY B 340 6.30 -26.36 -3.91
C GLY B 340 6.60 -26.10 -2.45
N GLY B 341 7.02 -24.87 -2.17
CA GLY B 341 7.41 -24.54 -0.81
C GLY B 341 8.65 -23.66 -0.82
N TYR B 342 8.46 -22.36 -0.63
CA TYR B 342 9.49 -21.39 -0.91
C TYR B 342 10.00 -20.68 0.33
N ASN B 343 9.46 -21.00 1.49
CA ASN B 343 10.07 -20.67 2.76
C ASN B 343 10.77 -21.96 3.18
N PHE B 344 12.08 -22.04 2.92
CA PHE B 344 12.75 -23.33 3.12
C PHE B 344 12.67 -23.82 4.56
N PRO B 345 13.02 -23.02 5.58
CA PRO B 345 12.86 -23.52 6.96
C PRO B 345 11.44 -23.90 7.28
N ASP B 346 10.46 -23.11 6.83
CA ASP B 346 9.10 -23.46 7.21
C ASP B 346 8.63 -24.71 6.47
N THR B 347 9.10 -24.89 5.22
CA THR B 347 8.82 -26.14 4.52
C THR B 347 9.40 -27.35 5.27
N ALA B 348 10.66 -27.24 5.71
CA ALA B 348 11.27 -28.28 6.56
C ALA B 348 10.47 -28.49 7.85
N ARG B 349 9.96 -27.43 8.47
CA ARG B 349 9.20 -27.60 9.71
C ARG B 349 7.94 -28.43 9.46
N LEU B 350 7.24 -28.15 8.37
CA LEU B 350 6.04 -28.90 8.02
C LEU B 350 6.37 -30.35 7.64
N TRP B 351 7.32 -30.52 6.72
CA TRP B 351 7.59 -31.86 6.18
C TRP B 351 8.17 -32.79 7.23
N THR B 352 8.83 -32.22 8.26
CA THR B 352 9.33 -33.02 9.37
C THR B 352 8.18 -33.52 10.24
N ARG B 353 7.16 -32.69 10.43
CA ARG B 353 5.97 -33.13 11.15
C ARG B 353 5.19 -34.16 10.34
N VAL B 354 5.05 -33.96 9.03
CA VAL B 354 4.39 -34.97 8.19
C VAL B 354 5.10 -36.32 8.28
N THR B 355 6.43 -36.31 8.28
CA THR B 355 7.21 -37.55 8.37
C THR B 355 6.95 -38.27 9.68
N ALA B 356 6.98 -37.51 10.79
CA ALA B 356 6.72 -38.07 12.11
C ALA B 356 5.28 -38.55 12.25
N LEU B 357 4.33 -37.79 11.72
CA LEU B 357 2.94 -38.24 11.70
C LEU B 357 2.79 -39.54 10.93
N THR B 358 3.44 -39.64 9.77
CA THR B 358 3.35 -40.88 9.00
C THR B 358 3.92 -42.06 9.79
N ILE B 359 5.00 -41.84 10.55
CA ILE B 359 5.55 -42.91 11.37
C ILE B 359 4.57 -43.32 12.46
N GLU B 360 3.93 -42.35 13.12
CA GLU B 360 2.97 -42.70 14.16
C GLU B 360 1.82 -43.50 13.59
N GLU B 361 1.27 -43.04 12.47
CA GLU B 361 0.05 -43.67 11.94
C GLU B 361 0.34 -45.07 11.41
N VAL B 362 1.47 -45.26 10.74
CA VAL B 362 1.72 -46.55 10.10
C VAL B 362 2.23 -47.57 11.10
N LYS B 363 3.16 -47.16 11.95
CA LYS B 363 3.79 -48.07 12.91
C LYS B 363 3.08 -48.11 14.25
N GLY B 364 2.08 -47.26 14.47
CA GLY B 364 1.47 -47.14 15.78
C GLY B 364 2.44 -46.71 16.84
N LYS B 365 3.50 -46.01 16.47
CA LYS B 365 4.63 -45.73 17.35
C LYS B 365 4.69 -44.24 17.65
N LYS B 366 4.52 -43.88 18.93
CA LYS B 366 4.44 -42.48 19.32
C LYS B 366 5.71 -41.73 18.95
N MET B 367 5.54 -40.64 18.23
CA MET B 367 6.65 -39.78 17.85
C MET B 367 6.46 -38.47 18.58
N THR B 368 7.30 -38.22 19.56
CA THR B 368 7.25 -36.96 20.29
C THR B 368 8.36 -36.10 19.77
N ILE B 369 8.02 -34.92 19.28
CA ILE B 369 8.97 -34.02 18.65
C ILE B 369 9.16 -32.80 19.55
N SER B 370 10.40 -32.52 19.92
CA SER B 370 10.67 -31.39 20.77
C SER B 370 10.23 -30.09 20.11
N PRO B 371 9.69 -29.12 20.85
CA PRO B 371 9.35 -27.83 20.25
C PRO B 371 10.56 -26.96 19.95
N GLU B 372 11.71 -27.25 20.56
CA GLU B 372 12.96 -26.56 20.27
C GLU B 372 13.63 -27.22 19.09
N ILE B 373 14.08 -26.42 18.12
CA ILE B 373 14.80 -27.05 17.01
C ILE B 373 16.07 -27.71 17.57
N PRO B 374 16.42 -28.91 17.13
CA PRO B 374 17.62 -29.58 17.66
C PRO B 374 18.90 -29.03 17.04
N GLU B 375 19.99 -29.25 17.75
CA GLU B 375 21.30 -28.92 17.22
C GLU B 375 21.55 -29.68 15.93
N HIS B 376 21.99 -28.97 14.90
CA HIS B 376 22.48 -29.58 13.66
C HIS B 376 23.06 -28.46 12.81
N SER B 377 23.58 -28.83 11.64
CA SER B 377 24.36 -27.92 10.80
C SER B 377 23.54 -26.76 10.24
N TYR B 378 22.22 -26.91 10.13
CA TYR B 378 21.37 -25.84 9.64
C TYR B 378 20.57 -25.16 10.76
N PHE B 379 21.00 -25.32 12.02
CA PHE B 379 20.25 -24.76 13.13
C PHE B 379 20.02 -23.26 12.96
N SER B 380 21.04 -22.53 12.49
CA SER B 380 20.97 -21.08 12.35
C SER B 380 19.88 -20.61 11.39
N ARG B 381 19.36 -21.50 10.54
CA ARG B 381 18.34 -21.12 9.57
C ARG B 381 16.96 -20.99 10.19
N TYR B 382 16.76 -21.52 11.40
CA TYR B 382 15.46 -21.58 12.05
C TYR B 382 15.23 -20.42 13.01
N GLY B 383 16.06 -19.38 12.93
CA GLY B 383 15.88 -18.19 13.75
C GLY B 383 14.63 -17.41 13.38
N PRO B 384 14.28 -16.39 14.19
CA PRO B 384 14.97 -16.02 15.42
C PRO B 384 14.46 -16.84 16.62
N ASP B 385 13.41 -17.63 16.42
CA ASP B 385 12.77 -18.39 17.49
C ASP B 385 13.43 -19.73 17.74
N PHE B 386 13.92 -20.37 16.68
CA PHE B 386 14.43 -21.75 16.71
C PHE B 386 13.41 -22.70 17.29
N GLU B 387 12.13 -22.50 16.95
CA GLU B 387 11.07 -23.41 17.34
C GLU B 387 10.46 -24.08 16.12
N LEU B 388 9.84 -25.23 16.35
CA LEU B 388 9.32 -26.05 15.27
C LEU B 388 8.03 -25.49 14.66
N ASP B 389 7.16 -24.88 15.46
CA ASP B 389 5.96 -24.20 14.94
C ASP B 389 6.39 -23.03 14.07
N ILE B 390 5.75 -22.89 12.91
CA ILE B 390 6.01 -21.69 12.12
C ILE B 390 5.66 -20.45 12.95
N ASP B 391 6.32 -19.35 12.63
CA ASP B 391 6.11 -18.07 13.32
C ASP B 391 4.91 -17.36 12.69
N TYR B 392 3.72 -17.79 13.08
CA TYR B 392 2.49 -17.25 12.52
C TYR B 392 1.39 -17.32 13.56
N PHE B 393 0.54 -16.29 13.61
CA PHE B 393 -0.52 -16.20 14.62
C PHE B 393 -1.90 -16.22 13.95
N PRO B 394 -2.61 -17.35 13.99
CA PRO B 394 -3.90 -17.44 13.30
C PRO B 394 -4.93 -16.51 13.90
N HIS B 395 -5.68 -15.86 13.03
CA HIS B 395 -6.66 -14.87 13.47
C HIS B 395 -7.86 -14.89 12.52
N GLU B 396 -8.99 -14.42 13.02
CA GLU B 396 -10.22 -14.34 12.22
C GLU B 396 -10.96 -13.02 12.48
N ASP B 403 -18.19 -17.59 1.89
CA ASP B 403 -16.96 -18.34 2.03
C ASP B 403 -17.25 -19.85 2.07
N SER B 404 -18.53 -20.22 2.15
CA SER B 404 -18.84 -21.63 2.17
C SER B 404 -18.80 -22.18 0.74
N ILE B 405 -18.61 -23.49 0.64
CA ILE B 405 -18.41 -24.12 -0.65
C ILE B 405 -19.28 -25.37 -0.74
N GLN B 406 -20.45 -25.34 -0.10
CA GLN B 406 -21.33 -26.50 -0.10
C GLN B 406 -21.80 -26.83 -1.52
N LYS B 407 -21.93 -25.83 -2.38
CA LYS B 407 -22.23 -26.13 -3.77
C LYS B 407 -21.04 -26.77 -4.50
N HIS B 408 -19.80 -26.57 -4.03
CA HIS B 408 -18.71 -27.37 -4.57
C HIS B 408 -18.81 -28.81 -4.12
N HIS B 409 -19.11 -29.00 -2.83
CA HIS B 409 -19.36 -30.34 -2.31
C HIS B 409 -20.45 -31.05 -3.10
N ARG B 410 -21.50 -30.32 -3.48
CA ARG B 410 -22.57 -30.96 -4.23
C ARG B 410 -22.13 -31.29 -5.64
N ARG B 411 -21.46 -30.36 -6.30
CA ARG B 411 -20.91 -30.60 -7.63
C ARG B 411 -19.94 -31.78 -7.64
N ILE B 412 -19.06 -31.82 -6.64
CA ILE B 412 -18.02 -32.86 -6.61
C ILE B 412 -18.64 -34.21 -6.34
N LEU B 413 -19.63 -34.28 -5.44
CA LEU B 413 -20.27 -35.56 -5.17
C LEU B 413 -21.10 -36.03 -6.38
N GLU B 414 -21.70 -35.10 -7.13
CA GLU B 414 -22.40 -35.50 -8.35
C GLU B 414 -21.43 -36.00 -9.41
N GLN B 415 -20.26 -35.37 -9.54
CA GLN B 415 -19.24 -35.93 -10.42
C GLN B 415 -18.81 -37.31 -9.97
N LEU B 416 -18.63 -37.48 -8.66
CA LEU B 416 -18.24 -38.79 -8.12
C LEU B 416 -19.29 -39.84 -8.47
N ARG B 417 -20.57 -39.46 -8.46
CA ARG B 417 -21.61 -40.42 -8.84
C ARG B 417 -21.57 -40.72 -10.33
N ASN B 418 -21.38 -39.67 -11.14
CA ASN B 418 -21.21 -39.86 -12.59
C ASN B 418 -20.04 -40.80 -12.88
N TYR B 419 -18.92 -40.60 -12.19
CA TYR B 419 -17.78 -41.49 -12.35
C TYR B 419 -18.17 -42.93 -12.05
N ALA B 420 -18.81 -43.19 -10.90
CA ALA B 420 -19.17 -44.56 -10.55
C ALA B 420 -20.07 -45.20 -11.61
N ASP B 421 -21.09 -44.47 -12.10
CA ASP B 421 -21.99 -45.02 -13.10
C ASP B 421 -21.27 -45.34 -14.39
N LEU B 422 -20.47 -44.39 -14.89
CA LEU B 422 -19.74 -44.62 -16.14
C LEU B 422 -18.85 -45.85 -16.03
N ASN B 423 -18.17 -46.03 -14.90
CA ASN B 423 -17.19 -47.10 -14.77
C ASN B 423 -17.75 -48.32 -14.06
N LYS B 424 -19.04 -48.31 -13.71
CA LYS B 424 -19.71 -49.47 -13.14
C LYS B 424 -19.09 -49.89 -11.80
N LEU B 425 -18.98 -48.92 -10.90
CA LEU B 425 -18.53 -49.16 -9.54
C LEU B 425 -19.70 -49.01 -8.58
N ILE B 426 -19.73 -49.84 -7.56
CA ILE B 426 -20.69 -49.71 -6.48
C ILE B 426 -20.64 -48.28 -5.94
N TYR B 427 -21.73 -47.52 -6.15
CA TYR B 427 -21.88 -46.22 -5.51
C TYR B 427 -22.65 -46.43 -4.21
N ASP B 428 -21.91 -46.47 -3.11
CA ASP B 428 -22.48 -46.72 -1.80
C ASP B 428 -23.08 -45.42 -1.24
N TYR B 429 -24.30 -45.11 -1.72
CA TYR B 429 -24.95 -43.87 -1.30
C TYR B 429 -25.02 -43.74 0.20
N ASP B 430 -25.32 -44.84 0.90
CA ASP B 430 -25.52 -44.78 2.35
C ASP B 430 -24.24 -44.39 3.08
N GLN B 431 -23.10 -44.96 2.70
CA GLN B 431 -21.84 -44.60 3.36
C GLN B 431 -21.53 -43.14 3.13
N VAL B 432 -21.62 -42.68 1.89
CA VAL B 432 -21.34 -41.29 1.61
C VAL B 432 -22.31 -40.41 2.38
N TYR B 433 -23.57 -40.85 2.47
CA TYR B 433 -24.54 -40.03 3.19
C TYR B 433 -24.19 -39.93 4.66
N GLN B 434 -23.91 -41.08 5.31
CA GLN B 434 -23.57 -41.04 6.73
C GLN B 434 -22.33 -40.18 6.94
N LEU B 435 -21.34 -40.32 6.07
CA LEU B 435 -20.16 -39.47 6.08
C LEU B 435 -20.56 -37.99 6.12
N TYR B 436 -21.25 -37.53 5.08
CA TYR B 436 -21.64 -36.13 5.05
C TYR B 436 -22.62 -35.79 6.17
N ASN B 437 -23.37 -36.77 6.66
CA ASN B 437 -24.33 -36.47 7.72
C ASN B 437 -23.67 -36.22 9.06
N LEU B 438 -22.44 -36.69 9.28
CA LEU B 438 -21.71 -36.28 10.47
C LEU B 438 -21.60 -34.76 10.57
N THR B 439 -21.67 -34.06 9.45
CA THR B 439 -21.54 -32.60 9.38
C THR B 439 -22.89 -31.90 9.31
N GLY B 440 -24.00 -32.64 9.24
CA GLY B 440 -25.28 -32.05 8.95
C GLY B 440 -25.52 -31.77 7.48
N MET B 441 -24.69 -32.31 6.60
CA MET B 441 -24.71 -32.00 5.19
C MET B 441 -25.04 -33.20 4.32
N GLY B 442 -25.80 -34.15 4.88
CA GLY B 442 -26.17 -35.34 4.12
C GLY B 442 -27.04 -35.03 2.91
N SER B 443 -27.84 -33.97 2.99
CA SER B 443 -28.68 -33.58 1.86
C SER B 443 -27.88 -33.22 0.63
N LEU B 444 -26.57 -32.95 0.76
CA LEU B 444 -25.75 -32.67 -0.39
C LEU B 444 -25.43 -33.91 -1.21
N VAL B 445 -25.67 -35.11 -0.69
CA VAL B 445 -25.23 -36.33 -1.35
C VAL B 445 -26.30 -36.86 -2.30
N PRO B 446 -25.96 -37.14 -3.55
CA PRO B 446 -26.96 -37.60 -4.52
C PRO B 446 -27.16 -39.11 -4.47
N ARG B 447 -28.35 -39.52 -4.89
CA ARG B 447 -28.77 -40.92 -4.82
C ARG B 447 -27.95 -41.84 -5.73
N SER C 3 18.50 48.23 -4.32
CA SER C 3 19.54 47.27 -3.98
C SER C 3 18.89 46.02 -3.37
N VAL C 4 19.35 44.84 -3.77
CA VAL C 4 18.85 43.59 -3.20
C VAL C 4 19.90 43.07 -2.23
N GLY C 5 19.50 42.92 -0.96
CA GLY C 5 20.41 42.40 0.03
C GLY C 5 20.30 40.91 0.17
N ILE C 6 21.35 40.29 0.69
CA ILE C 6 21.25 38.89 1.09
C ILE C 6 22.09 38.69 2.35
N VAL C 7 21.50 38.03 3.34
CA VAL C 7 22.14 37.83 4.63
C VAL C 7 23.14 36.69 4.51
N TYR C 8 24.41 36.98 4.74
CA TYR C 8 25.42 35.93 4.68
C TYR C 8 26.62 36.34 5.53
N GLY C 9 27.35 35.32 5.97
CA GLY C 9 28.65 35.53 6.56
C GLY C 9 29.27 34.19 6.88
N ASP C 10 30.59 34.22 7.06
CA ASP C 10 31.33 32.98 7.27
C ASP C 10 30.82 32.27 8.52
N GLN C 11 30.82 32.99 9.66
CA GLN C 11 30.32 32.40 10.90
C GLN C 11 28.80 32.17 10.85
N TYR C 12 28.07 33.01 10.10
CA TYR C 12 26.64 32.75 9.90
C TYR C 12 26.45 31.41 9.21
N ARG C 13 27.20 31.17 8.15
CA ARG C 13 27.06 29.94 7.38
C ARG C 13 27.37 28.71 8.24
N GLN C 14 28.40 28.80 9.09
CA GLN C 14 28.71 27.70 9.99
C GLN C 14 27.60 27.48 11.02
N LEU C 15 27.06 28.57 11.58
CA LEU C 15 26.04 28.44 12.61
C LEU C 15 24.71 27.94 12.03
N CYS C 16 24.34 28.41 10.83
CA CYS C 16 23.13 27.91 10.16
C CYS C 16 23.23 26.46 9.72
N CYS C 17 24.44 25.89 9.65
CA CYS C 17 24.61 24.50 9.26
C CYS C 17 24.92 23.59 10.43
N SER C 18 24.78 24.07 11.66
CA SER C 18 25.21 23.29 12.82
C SER C 18 24.09 22.46 13.42
N SER C 19 22.85 22.38 12.72
CA SER C 19 21.75 21.71 13.38
C SER C 19 21.58 20.28 12.87
N PRO C 20 21.12 19.39 13.75
CA PRO C 20 20.90 18.00 13.31
C PRO C 20 19.81 17.87 12.25
N LYS C 21 18.74 18.67 12.32
CA LYS C 21 17.63 18.50 11.38
C LYS C 21 17.94 19.09 10.00
N PHE C 22 18.58 20.25 9.91
CA PHE C 22 18.75 20.87 8.60
C PHE C 22 20.16 20.72 8.02
N GLY C 23 21.10 20.11 8.75
CA GLY C 23 22.41 19.82 8.19
C GLY C 23 23.01 21.04 7.50
N ASP C 24 23.55 20.81 6.30
CA ASP C 24 24.20 21.85 5.51
C ASP C 24 23.28 22.51 4.48
N ARG C 25 21.95 22.39 4.62
CA ARG C 25 21.04 22.92 3.60
C ARG C 25 21.36 24.37 3.24
N TYR C 26 21.66 25.19 4.25
CA TYR C 26 21.95 26.60 4.01
C TYR C 26 23.20 26.80 3.17
N ALA C 27 24.16 25.86 3.27
CA ALA C 27 25.38 25.94 2.48
C ALA C 27 25.12 25.57 1.03
N LEU C 28 24.26 24.57 0.80
CA LEU C 28 23.82 24.27 -0.57
C LEU C 28 23.14 25.48 -1.20
N VAL C 29 22.31 26.19 -0.43
CA VAL C 29 21.55 27.31 -1.00
C VAL C 29 22.50 28.42 -1.45
N MET C 30 23.33 28.88 -0.54
CA MET C 30 24.21 30.02 -0.82
C MET C 30 25.25 29.66 -1.87
N ASP C 31 25.75 28.42 -1.84
CA ASP C 31 26.75 28.02 -2.82
C ASP C 31 26.13 27.85 -4.20
N LEU C 32 24.85 27.46 -4.28
CA LEU C 32 24.20 27.43 -5.58
C LEU C 32 23.99 28.84 -6.11
N ILE C 33 23.53 29.74 -5.26
CA ILE C 33 23.42 31.16 -5.64
C ILE C 33 24.79 31.69 -6.08
N ASN C 34 25.83 31.34 -5.33
CA ASN C 34 27.19 31.68 -5.74
C ASN C 34 27.57 31.00 -7.04
N ALA C 35 27.22 29.71 -7.22
CA ALA C 35 27.70 29.00 -8.41
C ALA C 35 27.11 29.59 -9.68
N TYR C 36 25.89 30.10 -9.61
CA TYR C 36 25.24 30.78 -10.71
C TYR C 36 25.63 32.26 -10.83
N LYS C 37 26.68 32.67 -10.11
CA LYS C 37 27.25 34.02 -10.19
C LYS C 37 26.25 35.11 -9.81
N LEU C 38 25.35 34.83 -8.87
CA LEU C 38 24.41 35.86 -8.42
C LEU C 38 24.98 36.75 -7.33
N ILE C 39 26.00 36.27 -6.59
CA ILE C 39 26.52 37.05 -5.44
C ILE C 39 27.00 38.45 -5.83
N PRO C 40 27.71 38.66 -6.95
CA PRO C 40 28.09 40.04 -7.30
C PRO C 40 26.92 40.98 -7.50
N GLU C 41 25.72 40.46 -7.72
CA GLU C 41 24.55 41.31 -7.95
C GLU C 41 23.94 41.80 -6.65
N LEU C 42 24.30 41.21 -5.52
CA LEU C 42 23.60 41.35 -4.26
C LEU C 42 24.46 42.07 -3.23
N SER C 43 23.82 42.82 -2.36
CA SER C 43 24.53 43.50 -1.30
C SER C 43 24.53 42.58 -0.08
N ARG C 44 25.71 42.22 0.43
CA ARG C 44 25.77 41.41 1.65
C ARG C 44 25.23 42.19 2.84
N VAL C 45 24.27 41.59 3.52
CA VAL C 45 23.74 42.15 4.76
C VAL C 45 24.33 41.33 5.91
N PRO C 46 25.24 41.87 6.70
CA PRO C 46 25.87 41.09 7.76
C PRO C 46 24.89 40.89 8.91
N PRO C 47 24.90 39.73 9.57
CA PRO C 47 24.01 39.54 10.73
C PRO C 47 24.33 40.55 11.82
N LEU C 48 23.31 40.89 12.58
CA LEU C 48 23.46 41.85 13.66
C LEU C 48 24.20 41.23 14.83
N GLN C 49 25.13 41.99 15.42
CA GLN C 49 25.74 41.62 16.68
C GLN C 49 25.53 42.74 17.69
N TRP C 50 25.73 42.43 18.96
CA TRP C 50 25.42 43.35 20.03
C TRP C 50 26.68 43.65 20.83
N ASP C 51 26.69 44.82 21.45
CA ASP C 51 27.78 45.24 22.31
C ASP C 51 27.73 44.66 23.72
N SER C 52 26.78 43.77 24.04
CA SER C 52 26.76 43.17 25.37
C SER C 52 25.74 42.02 25.38
N PRO C 53 25.88 41.10 26.32
CA PRO C 53 24.82 40.10 26.53
C PRO C 53 23.47 40.73 26.87
N SER C 54 23.46 41.80 27.66
CA SER C 54 22.21 42.44 28.06
C SER C 54 21.45 42.98 26.87
N ARG C 55 22.16 43.54 25.88
CA ARG C 55 21.47 44.03 24.69
C ARG C 55 20.94 42.86 23.86
N MET C 56 21.73 41.80 23.69
CA MET C 56 21.21 40.62 22.99
C MET C 56 19.93 40.11 23.67
N TYR C 57 19.99 39.97 24.99
CA TYR C 57 18.87 39.44 25.75
C TYR C 57 17.65 40.35 25.63
N GLU C 58 17.89 41.67 25.69
CA GLU C 58 16.82 42.65 25.51
C GLU C 58 16.12 42.47 24.17
N ALA C 59 16.92 42.33 23.10
CA ALA C 59 16.37 42.15 21.76
C ALA C 59 15.52 40.90 21.66
N VAL C 60 16.02 39.77 22.17
CA VAL C 60 15.30 38.52 21.97
C VAL C 60 14.02 38.51 22.78
N THR C 61 14.05 39.10 23.98
CA THR C 61 12.86 39.11 24.83
C THR C 61 11.91 40.27 24.52
N ALA C 62 12.13 40.99 23.41
CA ALA C 62 11.04 41.78 22.86
C ALA C 62 9.88 40.90 22.41
N PHE C 63 10.10 39.58 22.26
CA PHE C 63 9.00 38.65 22.04
C PHE C 63 9.02 37.49 23.03
N HIS C 64 10.18 36.85 23.19
CA HIS C 64 10.25 35.63 24.00
C HIS C 64 10.31 35.95 25.49
N SER C 65 9.79 35.05 26.32
CA SER C 65 9.84 35.28 27.75
C SER C 65 11.26 35.08 28.29
N THR C 66 11.55 35.78 29.39
CA THR C 66 12.85 35.63 30.03
C THR C 66 13.08 34.20 30.49
N GLU C 67 12.04 33.55 31.03
CA GLU C 67 12.24 32.17 31.48
C GLU C 67 12.46 31.20 30.32
N TYR C 68 11.96 31.51 29.11
CA TYR C 68 12.21 30.57 28.01
C TYR C 68 13.61 30.76 27.42
N VAL C 69 14.04 32.01 27.20
CA VAL C 69 15.39 32.27 26.73
C VAL C 69 16.43 31.67 27.69
N ASP C 70 16.24 31.88 29.00
CA ASP C 70 17.10 31.28 30.02
C ASP C 70 17.22 29.77 29.85
N ALA C 71 16.08 29.08 29.65
CA ALA C 71 16.09 27.63 29.46
C ALA C 71 16.77 27.21 28.17
N LEU C 72 16.65 28.04 27.13
CA LEU C 72 17.31 27.73 25.87
C LEU C 72 18.81 27.95 25.98
N LYS C 73 19.21 28.96 26.75
CA LYS C 73 20.64 29.13 27.00
C LYS C 73 21.19 27.99 27.84
N LYS C 74 20.45 27.56 28.86
CA LYS C 74 20.94 26.49 29.72
C LYS C 74 21.06 25.19 28.94
N LEU C 75 20.10 24.94 28.04
CA LEU C 75 20.12 23.73 27.24
C LEU C 75 21.37 23.64 26.38
N GLN C 76 21.83 24.77 25.84
CA GLN C 76 23.06 24.73 25.07
C GLN C 76 24.24 24.39 25.97
N MET C 77 24.32 25.00 27.16
CA MET C 77 25.45 24.74 28.06
C MET C 77 25.44 23.29 28.53
N LEU C 78 24.25 22.75 28.84
CA LEU C 78 24.15 21.34 29.19
C LEU C 78 24.63 20.44 28.05
N HIS C 79 24.29 20.78 26.82
CA HIS C 79 24.72 19.91 25.72
C HIS C 79 26.19 20.09 25.36
N CYS C 80 26.82 21.18 25.78
CA CYS C 80 28.27 21.26 25.75
C CYS C 80 28.89 20.64 27.00
N GLU C 81 28.12 20.55 28.08
CA GLU C 81 28.52 19.98 29.36
C GLU C 81 29.58 20.83 30.05
N GLU C 84 24.85 14.19 31.81
CA GLU C 84 23.44 14.04 31.52
C GLU C 84 22.63 15.10 32.28
N LEU C 85 21.32 15.13 32.04
CA LEU C 85 20.45 16.08 32.70
C LEU C 85 19.90 15.51 34.00
N THR C 86 19.75 16.36 35.00
CA THR C 86 19.04 15.96 36.20
C THR C 86 17.54 15.92 35.91
N ALA C 87 16.80 15.20 36.75
CA ALA C 87 15.35 15.11 36.56
C ALA C 87 14.70 16.49 36.58
N ASP C 88 15.24 17.41 37.38
CA ASP C 88 14.73 18.78 37.35
C ASP C 88 15.16 19.51 36.06
N ASP C 89 16.29 19.12 35.46
CA ASP C 89 16.64 19.69 34.15
C ASP C 89 15.62 19.28 33.09
N GLU C 90 15.33 17.97 33.01
CA GLU C 90 14.42 17.50 31.97
C GLU C 90 13.00 18.04 32.17
N LEU C 91 12.55 18.14 33.43
CA LEU C 91 11.26 18.79 33.68
C LEU C 91 11.29 20.25 33.22
N LEU C 92 12.40 20.96 33.46
CA LEU C 92 12.49 22.35 33.02
C LEU C 92 12.47 22.46 31.50
N MET C 93 13.21 21.60 30.81
CA MET C 93 13.20 21.59 29.34
C MET C 93 11.85 21.14 28.80
N ASP C 94 11.20 20.17 29.45
CA ASP C 94 9.90 19.72 28.98
C ASP C 94 8.84 20.81 29.05
N SER C 95 8.91 21.69 30.05
CA SER C 95 7.94 22.76 30.21
C SER C 95 8.00 23.79 29.08
N PHE C 96 9.10 23.85 28.34
CA PHE C 96 9.26 24.73 27.21
C PHE C 96 9.25 23.99 25.88
N SER C 97 8.85 22.71 25.89
CA SER C 97 8.85 21.85 24.70
C SER C 97 10.24 21.71 24.11
N LEU C 98 11.28 21.82 24.93
CA LEU C 98 12.64 21.64 24.43
C LEU C 98 12.98 20.15 24.39
N ASN C 99 12.19 19.43 23.61
CA ASN C 99 12.30 17.98 23.54
C ASN C 99 11.69 17.51 22.22
N TYR C 100 11.59 16.19 22.04
CA TYR C 100 11.04 15.54 20.85
C TYR C 100 11.57 16.16 19.56
N ASP C 101 10.72 16.88 18.83
CA ASP C 101 11.17 17.41 17.53
C ASP C 101 11.95 18.71 17.65
N CYS C 102 12.17 19.22 18.87
CA CYS C 102 13.02 20.38 19.11
C CYS C 102 14.03 20.07 20.22
N PRO C 103 14.90 19.09 20.00
CA PRO C 103 15.84 18.70 21.05
C PRO C 103 16.99 19.68 21.18
N GLY C 104 17.72 19.52 22.26
CA GLY C 104 18.96 20.23 22.41
C GLY C 104 20.06 19.64 21.56
N PHE C 105 21.06 20.48 21.32
CA PHE C 105 22.31 20.10 20.72
C PHE C 105 23.34 21.15 21.08
N PRO C 106 24.63 20.86 20.94
CA PRO C 106 25.66 21.78 21.46
C PRO C 106 25.50 23.23 21.02
N SER C 107 24.97 23.49 19.81
CA SER C 107 24.86 24.85 19.31
C SER C 107 23.41 25.35 19.23
N VAL C 108 22.49 24.81 20.04
CA VAL C 108 21.07 25.09 19.82
C VAL C 108 20.75 26.57 20.04
N PHE C 109 21.39 27.21 21.02
CA PHE C 109 21.15 28.62 21.24
C PHE C 109 21.83 29.50 20.19
N ASP C 110 23.13 29.30 19.94
CA ASP C 110 23.82 30.06 18.88
C ASP C 110 23.10 29.93 17.55
N TYR C 111 22.75 28.68 17.19
CA TYR C 111 22.02 28.41 15.96
C TYR C 111 20.73 29.21 15.89
N SER C 112 19.94 29.21 16.98
CA SER C 112 18.65 29.91 17.02
C SER C 112 18.82 31.42 17.02
N LEU C 113 19.80 31.92 17.80
CA LEU C 113 20.14 33.34 17.75
C LEU C 113 20.60 33.77 16.36
N ALA C 114 21.30 32.89 15.63
CA ALA C 114 21.81 33.26 14.30
C ALA C 114 20.69 33.77 13.39
N ALA C 115 19.59 33.02 13.26
CA ALA C 115 18.50 33.48 12.39
C ALA C 115 17.90 34.81 12.89
N VAL C 116 17.88 35.02 14.20
CA VAL C 116 17.43 36.30 14.72
C VAL C 116 18.37 37.43 14.29
N GLN C 117 19.68 37.21 14.44
CA GLN C 117 20.66 38.19 14.00
C GLN C 117 20.51 38.49 12.51
N GLY C 118 20.28 37.44 11.71
CA GLY C 118 20.18 37.66 10.28
C GLY C 118 18.93 38.43 9.91
N SER C 119 17.79 38.06 10.53
CA SER C 119 16.53 38.68 10.14
C SER C 119 16.43 40.11 10.66
N LEU C 120 17.02 40.40 11.83
CA LEU C 120 16.97 41.75 12.37
C LEU C 120 17.84 42.69 11.57
N ALA C 121 19.04 42.24 11.17
CA ALA C 121 19.85 42.99 10.23
C ALA C 121 19.09 43.28 8.95
N ALA C 122 18.49 42.25 8.35
CA ALA C 122 17.62 42.46 7.18
C ALA C 122 16.59 43.56 7.45
N ALA C 123 15.88 43.49 8.58
CA ALA C 123 14.88 44.51 8.86
C ALA C 123 15.53 45.89 8.97
N SER C 124 16.74 45.97 9.54
CA SER C 124 17.42 47.27 9.66
C SER C 124 17.84 47.81 8.30
N ALA C 125 18.24 46.92 7.38
CA ALA C 125 18.63 47.33 6.04
C ALA C 125 17.44 47.92 5.29
N LEU C 126 16.22 47.40 5.50
CA LEU C 126 15.02 47.99 4.91
C LEU C 126 14.69 49.34 5.55
N ILE C 127 14.76 49.43 6.88
CA ILE C 127 14.32 50.64 7.56
C ILE C 127 15.13 51.84 7.11
N CYS C 128 16.46 51.68 6.99
CA CYS C 128 17.33 52.78 6.59
C CYS C 128 17.46 52.89 5.08
N ARG C 129 16.67 52.14 4.32
CA ARG C 129 16.57 52.26 2.88
C ARG C 129 17.85 51.84 2.15
N HIS C 130 18.76 51.13 2.83
CA HIS C 130 19.94 50.62 2.13
C HIS C 130 19.56 49.60 1.06
N CYS C 131 18.53 48.78 1.32
CA CYS C 131 18.05 47.82 0.33
C CYS C 131 16.54 47.94 0.16
N GLU C 132 16.09 47.69 -1.07
CA GLU C 132 14.66 47.64 -1.32
C GLU C 132 14.07 46.30 -0.91
N VAL C 133 14.89 45.25 -0.99
CA VAL C 133 14.53 43.87 -0.67
C VAL C 133 15.74 43.19 -0.04
N VAL C 134 15.50 42.40 1.00
CA VAL C 134 16.58 41.64 1.63
C VAL C 134 16.11 40.21 1.86
N ILE C 135 16.99 39.26 1.52
CA ILE C 135 16.72 37.84 1.56
C ILE C 135 17.50 37.24 2.72
N ASN C 136 16.85 36.44 3.55
CA ASN C 136 17.56 35.64 4.56
C ASN C 136 17.21 34.16 4.38
N TRP C 137 18.05 33.40 3.71
CA TRP C 137 17.73 31.98 3.62
C TRP C 137 18.08 31.24 4.91
N GLY C 138 18.66 31.93 5.88
CA GLY C 138 18.81 31.35 7.18
C GLY C 138 17.66 31.58 8.12
N GLY C 139 16.72 32.48 7.79
CA GLY C 139 15.62 32.79 8.65
C GLY C 139 14.35 32.04 8.26
N GLY C 140 13.29 32.37 9.01
CA GLY C 140 11.94 31.99 8.63
C GLY C 140 11.27 31.02 9.58
N TRP C 141 11.64 31.02 10.87
CA TRP C 141 11.25 29.96 11.78
C TRP C 141 9.93 30.33 12.48
N HIS C 142 8.85 30.12 11.73
CA HIS C 142 7.55 30.70 12.05
C HIS C 142 6.81 30.00 13.17
N HIS C 143 7.27 28.83 13.63
CA HIS C 143 6.47 28.11 14.63
C HIS C 143 6.81 28.48 16.05
N ALA C 144 7.92 29.17 16.31
CA ALA C 144 8.36 29.38 17.69
C ALA C 144 7.40 30.29 18.43
N LYS C 145 7.03 29.89 19.64
CA LYS C 145 6.09 30.67 20.44
C LYS C 145 6.83 31.43 21.52
N ARG C 146 6.08 32.30 22.19
CA ARG C 146 6.65 33.18 23.21
C ARG C 146 7.48 32.43 24.23
N SER C 147 6.98 31.29 24.68
CA SER C 147 7.66 30.54 25.72
C SER C 147 7.70 29.06 25.39
N GLU C 148 7.86 28.73 24.11
CA GLU C 148 7.75 27.35 23.69
C GLU C 148 8.39 27.18 22.32
N ALA C 149 9.28 26.20 22.19
CA ALA C 149 9.80 25.81 20.89
C ALA C 149 8.81 24.88 20.20
N SER C 150 8.82 24.87 18.88
CA SER C 150 7.85 24.06 18.14
C SER C 150 8.34 23.87 16.71
N GLY C 151 8.31 22.63 16.24
CA GLY C 151 8.57 22.37 14.82
C GLY C 151 9.97 22.72 14.39
N PHE C 152 10.96 22.46 15.25
CA PHE C 152 12.35 22.86 15.08
C PHE C 152 12.53 24.37 14.93
N CYS C 153 11.57 25.16 15.39
CA CYS C 153 11.74 26.59 15.55
C CYS C 153 11.91 26.89 17.05
N TYR C 154 13.07 27.43 17.43
CA TYR C 154 13.38 27.71 18.82
C TYR C 154 13.19 29.18 19.14
N LEU C 155 13.57 30.06 18.22
CA LEU C 155 13.41 31.50 18.37
C LEU C 155 12.74 32.02 17.10
N ASN C 156 11.72 32.85 17.28
CA ASN C 156 10.91 33.30 16.15
C ASN C 156 11.56 34.54 15.57
N ASP C 157 12.44 34.34 14.57
CA ASP C 157 13.10 35.46 13.94
C ASP C 157 12.11 36.32 13.16
N ILE C 158 11.03 35.74 12.67
CA ILE C 158 10.09 36.53 11.88
C ILE C 158 9.40 37.57 12.77
N VAL C 159 8.93 37.14 13.94
CA VAL C 159 8.25 38.04 14.87
C VAL C 159 9.17 39.18 15.28
N LEU C 160 10.43 38.86 15.62
CA LEU C 160 11.30 39.91 16.12
C LEU C 160 11.62 40.92 15.02
N ALA C 161 11.74 40.43 13.77
CA ALA C 161 11.99 41.32 12.65
C ALA C 161 10.74 42.13 12.30
N ILE C 162 9.58 41.47 12.21
CA ILE C 162 8.35 42.22 11.99
C ILE C 162 8.22 43.30 13.07
N HIS C 163 8.49 42.94 14.35
CA HIS C 163 8.44 43.93 15.42
C HIS C 163 9.37 45.10 15.17
N ARG C 164 10.57 44.86 14.62
CA ARG C 164 11.47 45.96 14.31
C ARG C 164 10.89 46.86 13.21
N LEU C 165 10.31 46.27 12.18
CA LEU C 165 9.75 47.04 11.07
C LEU C 165 8.54 47.85 11.52
N VAL C 166 7.61 47.20 12.22
CA VAL C 166 6.39 47.87 12.62
C VAL C 166 6.67 48.98 13.63
N SER C 167 7.81 48.94 14.32
CA SER C 167 8.22 49.99 15.24
C SER C 167 8.99 51.12 14.57
N SER C 168 9.26 51.02 13.27
CA SER C 168 10.05 52.03 12.59
C SER C 168 9.18 53.22 12.20
N THR C 169 9.81 54.39 12.13
CA THR C 169 9.10 55.61 11.80
C THR C 169 9.72 56.27 10.55
N GLN C 178 0.10 54.10 11.43
CA GLN C 178 0.38 54.38 10.03
C GLN C 178 1.29 53.33 9.42
N THR C 179 2.35 52.94 10.14
CA THR C 179 3.21 51.84 9.69
C THR C 179 2.46 50.53 9.85
N ARG C 180 2.29 49.80 8.74
CA ARG C 180 1.60 48.53 8.71
C ARG C 180 2.50 47.52 8.03
N VAL C 181 2.51 46.29 8.56
CA VAL C 181 3.31 45.21 7.99
C VAL C 181 2.36 44.11 7.54
N LEU C 182 2.48 43.72 6.27
CA LEU C 182 1.81 42.53 5.75
C LEU C 182 2.77 41.35 5.78
N TYR C 183 2.41 40.31 6.52
CA TYR C 183 3.16 39.05 6.56
C TYR C 183 2.46 37.98 5.73
N VAL C 184 3.23 37.33 4.84
CA VAL C 184 2.74 36.37 3.87
C VAL C 184 3.54 35.08 4.06
N ASP C 185 2.86 34.03 4.49
CA ASP C 185 3.46 32.73 4.82
C ASP C 185 3.12 31.67 3.75
N LEU C 186 4.07 31.40 2.86
CA LEU C 186 3.87 30.44 1.76
C LEU C 186 4.29 29.00 2.10
N ASP C 187 4.74 28.76 3.33
CA ASP C 187 5.11 27.42 3.78
C ASP C 187 3.94 26.43 3.65
N LEU C 188 4.27 25.15 3.50
CA LEU C 188 3.25 24.10 3.56
C LEU C 188 2.48 24.13 4.88
N HIS C 189 3.11 24.62 5.95
CA HIS C 189 2.55 24.58 7.29
C HIS C 189 2.02 25.95 7.69
N HIS C 190 0.94 25.92 8.46
CA HIS C 190 0.36 27.12 9.02
C HIS C 190 1.36 27.90 9.87
N GLY C 191 1.51 29.18 9.56
CA GLY C 191 2.37 30.03 10.35
C GLY C 191 1.83 30.41 11.72
N ASP C 192 1.62 29.42 12.58
CA ASP C 192 0.93 29.64 13.84
C ASP C 192 1.67 30.60 14.76
N GLY C 193 3.01 30.56 14.75
CA GLY C 193 3.78 31.35 15.70
C GLY C 193 3.73 32.84 15.41
N VAL C 194 3.86 33.22 14.13
CA VAL C 194 3.69 34.61 13.78
C VAL C 194 2.24 35.04 13.99
N GLU C 195 1.30 34.18 13.60
CA GLU C 195 -0.11 34.53 13.73
C GLU C 195 -0.46 34.83 15.17
N GLU C 196 0.00 33.97 16.10
CA GLU C 196 -0.34 34.10 17.50
C GLU C 196 0.32 35.34 18.12
N ALA C 197 1.53 35.68 17.67
CA ALA C 197 2.23 36.82 18.25
C ALA C 197 1.54 38.13 17.94
N PHE C 198 0.85 38.23 16.80
CA PHE C 198 0.23 39.49 16.40
C PHE C 198 -1.28 39.39 16.40
N TRP C 199 -1.79 38.37 17.10
CA TRP C 199 -3.21 38.11 17.19
C TRP C 199 -3.98 39.34 17.63
N TYR C 200 -3.41 40.14 18.55
CA TYR C 200 -4.09 41.31 19.09
C TYR C 200 -3.68 42.61 18.44
N SER C 201 -2.93 42.56 17.35
CA SER C 201 -2.32 43.76 16.77
C SER C 201 -2.82 43.98 15.34
N PRO C 202 -3.56 45.06 15.09
CA PRO C 202 -3.99 45.36 13.71
C PRO C 202 -2.87 45.83 12.80
N ARG C 203 -1.73 46.30 13.33
CA ARG C 203 -0.71 46.89 12.47
C ARG C 203 0.14 45.83 11.77
N VAL C 204 0.03 44.57 12.15
CA VAL C 204 0.67 43.47 11.44
C VAL C 204 -0.43 42.52 11.00
N VAL C 205 -0.69 42.47 9.69
CA VAL C 205 -1.67 41.56 9.13
C VAL C 205 -0.94 40.31 8.66
N THR C 206 -1.38 39.15 9.14
CA THR C 206 -0.76 37.89 8.75
C THR C 206 -1.68 37.13 7.81
N PHE C 207 -1.10 36.61 6.75
CA PHE C 207 -1.80 35.78 5.77
C PHE C 207 -0.97 34.52 5.57
N SER C 208 -1.55 33.37 5.90
CA SER C 208 -0.90 32.08 5.73
C SER C 208 -1.69 31.21 4.74
N VAL C 209 -1.00 30.66 3.75
CA VAL C 209 -1.57 29.63 2.90
C VAL C 209 -0.83 28.33 3.22
N HIS C 210 -1.58 27.23 3.35
CA HIS C 210 -0.97 26.02 3.91
C HIS C 210 -1.92 24.86 3.68
N HIS C 211 -1.40 23.65 3.87
CA HIS C 211 -2.26 22.48 4.03
C HIS C 211 -2.80 22.38 5.47
N ALA C 212 -4.08 22.02 5.60
CA ALA C 212 -4.65 21.62 6.87
C ALA C 212 -5.51 20.38 6.71
N SER C 213 -5.39 19.44 7.64
CA SER C 213 -6.22 18.25 7.67
C SER C 213 -6.07 17.61 9.06
N PRO C 214 -6.98 16.69 9.41
CA PRO C 214 -6.95 16.14 10.78
C PRO C 214 -5.63 15.42 11.05
N GLY C 215 -4.99 15.82 12.15
CA GLY C 215 -3.70 15.27 12.51
C GLY C 215 -2.49 15.89 11.84
N PHE C 216 -2.66 16.93 11.01
CA PHE C 216 -1.52 17.52 10.30
C PHE C 216 -0.94 18.70 11.08
N PHE C 217 0.36 18.67 11.28
CA PHE C 217 1.04 19.73 12.00
C PHE C 217 0.81 21.10 11.37
N PRO C 218 0.64 22.14 12.19
CA PRO C 218 0.53 22.18 13.66
C PRO C 218 -0.93 22.13 14.17
N GLY C 219 -1.90 21.96 13.27
CA GLY C 219 -3.29 21.82 13.63
C GLY C 219 -4.14 23.06 13.45
N THR C 220 -3.53 24.23 13.31
CA THR C 220 -4.27 25.48 13.27
C THR C 220 -4.37 26.01 11.83
N GLY C 221 -4.98 27.18 11.70
CA GLY C 221 -5.18 27.76 10.37
C GLY C 221 -6.35 27.20 9.59
N THR C 222 -7.38 26.68 10.27
CA THR C 222 -8.54 26.13 9.59
C THR C 222 -9.78 26.31 10.48
N TRP C 223 -10.88 25.71 10.04
CA TRP C 223 -12.14 25.78 10.77
C TRP C 223 -11.94 25.40 12.23
N ASN C 224 -12.61 26.15 13.13
CA ASN C 224 -12.46 25.97 14.56
C ASN C 224 -13.81 25.68 15.19
N MET C 225 -13.79 24.87 16.26
CA MET C 225 -15.01 24.45 16.94
C MET C 225 -14.69 23.88 18.32
N LEU C 231 -21.93 25.20 13.20
CA LEU C 231 -21.29 25.76 12.01
C LEU C 231 -19.93 26.36 12.36
N PRO C 232 -18.84 25.64 12.06
CA PRO C 232 -17.51 26.09 12.47
C PRO C 232 -17.17 27.46 11.89
N ILE C 233 -16.27 28.16 12.58
CA ILE C 233 -15.83 29.50 12.17
C ILE C 233 -14.32 29.52 12.05
N PHE C 234 -13.82 30.42 11.20
CA PHE C 234 -12.41 30.79 11.19
C PHE C 234 -12.16 31.87 12.25
N LEU C 235 -11.32 31.57 13.23
CA LEU C 235 -10.87 32.65 14.11
C LEU C 235 -9.90 33.53 13.33
N ASN C 236 -9.86 34.84 13.65
CA ASN C 236 -9.19 35.77 12.75
C ASN C 236 -8.54 36.94 13.49
N GLY C 237 -8.14 36.75 14.74
CA GLY C 237 -7.66 37.82 15.58
C GLY C 237 -8.69 38.21 16.63
N ALA C 238 -8.26 39.08 17.52
CA ALA C 238 -9.09 39.42 18.66
C ALA C 238 -8.77 40.82 19.14
N GLY C 239 -9.75 41.46 19.78
CA GLY C 239 -9.54 42.79 20.32
C GLY C 239 -9.28 43.77 19.20
N ARG C 240 -8.25 44.61 19.36
CA ARG C 240 -7.81 45.48 18.28
C ARG C 240 -7.36 44.70 17.04
N GLY C 241 -7.00 43.42 17.19
CA GLY C 241 -6.55 42.58 16.10
C GLY C 241 -7.61 41.75 15.38
N ARG C 242 -8.87 41.84 15.82
CA ARG C 242 -9.98 41.24 15.09
C ARG C 242 -9.86 41.53 13.60
N PHE C 243 -10.10 40.48 12.80
CA PHE C 243 -10.09 40.43 11.34
C PHE C 243 -8.70 40.52 10.73
N SER C 244 -7.64 40.50 11.55
CA SER C 244 -6.29 40.81 11.07
C SER C 244 -5.41 39.58 10.87
N ALA C 245 -5.91 38.37 11.12
CA ALA C 245 -5.16 37.15 10.80
C ALA C 245 -5.94 36.34 9.75
N PHE C 246 -5.33 36.14 8.58
CA PHE C 246 -5.99 35.49 7.44
C PHE C 246 -5.40 34.11 7.20
N ASN C 247 -6.24 33.18 6.78
CA ASN C 247 -5.81 31.80 6.57
C ASN C 247 -6.53 31.21 5.36
N LEU C 248 -5.79 30.46 4.58
CA LEU C 248 -6.34 29.73 3.43
C LEU C 248 -5.76 28.33 3.48
N PRO C 249 -6.45 27.43 4.19
CA PRO C 249 -6.08 26.02 4.12
C PRO C 249 -6.56 25.40 2.82
N LEU C 250 -5.68 24.61 2.21
CA LEU C 250 -5.94 23.96 0.94
C LEU C 250 -5.77 22.46 1.08
N GLU C 251 -6.46 21.71 0.22
CA GLU C 251 -6.36 20.25 0.18
C GLU C 251 -5.04 19.83 -0.45
N GLU C 252 -4.67 18.59 -0.20
CA GLU C 252 -3.42 18.08 -0.76
C GLU C 252 -3.57 17.88 -2.26
N GLY C 253 -2.44 17.93 -2.95
CA GLY C 253 -2.34 17.68 -4.38
C GLY C 253 -2.34 18.91 -5.28
N ILE C 254 -2.47 20.11 -4.72
CA ILE C 254 -2.63 21.31 -5.54
C ILE C 254 -1.36 21.59 -6.35
N ASN C 255 -1.53 22.04 -7.60
CA ASN C 255 -0.40 22.32 -8.48
C ASN C 255 -0.10 23.83 -8.51
N ASP C 256 0.95 24.20 -9.25
CA ASP C 256 1.37 25.60 -9.35
C ASP C 256 0.22 26.50 -9.75
N LEU C 257 -0.45 26.17 -10.85
CA LEU C 257 -1.48 27.06 -11.39
C LEU C 257 -2.64 27.24 -10.43
N ASP C 258 -3.12 26.16 -9.81
CA ASP C 258 -4.24 26.35 -8.89
C ASP C 258 -3.78 27.07 -7.63
N TRP C 259 -2.59 26.76 -7.13
CA TRP C 259 -2.08 27.47 -5.96
C TRP C 259 -1.94 28.96 -6.26
N SER C 260 -1.52 29.28 -7.47
CA SER C 260 -1.30 30.66 -7.86
C SER C 260 -2.62 31.39 -8.07
N ASN C 261 -3.60 30.71 -8.68
CA ASN C 261 -4.92 31.32 -8.79
C ASN C 261 -5.56 31.48 -7.42
N ALA C 262 -5.18 30.64 -6.46
CA ALA C 262 -5.76 30.69 -5.12
C ALA C 262 -5.31 31.92 -4.35
N ILE C 263 -4.03 32.26 -4.41
CA ILE C 263 -3.51 33.31 -3.56
C ILE C 263 -3.26 34.61 -4.31
N GLY C 264 -3.16 34.57 -5.62
CA GLY C 264 -2.87 35.76 -6.39
C GLY C 264 -3.84 36.89 -6.13
N PRO C 265 -5.13 36.64 -6.33
CA PRO C 265 -6.11 37.70 -6.09
C PRO C 265 -6.17 38.14 -4.64
N ILE C 266 -5.99 37.22 -3.69
CA ILE C 266 -6.02 37.58 -2.27
C ILE C 266 -4.82 38.44 -1.91
N LEU C 267 -3.65 38.13 -2.49
CA LEU C 267 -2.46 38.94 -2.23
C LEU C 267 -2.65 40.37 -2.73
N ASP C 268 -3.20 40.52 -3.94
CA ASP C 268 -3.42 41.84 -4.50
C ASP C 268 -4.42 42.63 -3.66
N SER C 269 -5.49 41.97 -3.23
CA SER C 269 -6.50 42.62 -2.39
C SER C 269 -5.92 43.03 -1.05
N LEU C 270 -5.11 42.15 -0.44
CA LEU C 270 -4.45 42.53 0.81
C LEU C 270 -3.58 43.77 0.61
N ASN C 271 -2.90 43.86 -0.53
CA ASN C 271 -2.07 45.04 -0.75
C ASN C 271 -2.94 46.27 -0.99
N ILE C 272 -4.01 46.13 -1.77
CA ILE C 272 -4.85 47.29 -2.07
C ILE C 272 -5.40 47.89 -0.79
N VAL C 273 -5.90 47.04 0.11
CA VAL C 273 -6.65 47.51 1.26
C VAL C 273 -5.73 47.86 2.43
N ILE C 274 -4.74 47.02 2.71
CA ILE C 274 -3.88 47.26 3.87
C ILE C 274 -2.84 48.33 3.59
N GLN C 275 -2.41 48.47 2.33
CA GLN C 275 -1.35 49.39 1.94
C GLN C 275 -0.15 49.27 2.89
N PRO C 276 0.44 48.08 3.03
CA PRO C 276 1.51 47.91 4.01
C PRO C 276 2.74 48.71 3.64
N SER C 277 3.51 49.10 4.67
CA SER C 277 4.78 49.76 4.48
C SER C 277 5.92 48.78 4.28
N TYR C 278 5.77 47.56 4.76
CA TYR C 278 6.73 46.51 4.53
C TYR C 278 5.96 45.23 4.31
N VAL C 279 6.50 44.34 3.48
CA VAL C 279 5.99 43.00 3.31
C VAL C 279 7.06 42.03 3.78
N VAL C 280 6.68 41.07 4.61
CA VAL C 280 7.57 39.99 5.04
C VAL C 280 7.03 38.69 4.47
N VAL C 281 7.85 38.00 3.67
CA VAL C 281 7.46 36.78 2.98
C VAL C 281 8.26 35.61 3.55
N GLN C 282 7.54 34.64 4.11
CA GLN C 282 8.12 33.35 4.47
C GLN C 282 7.92 32.42 3.29
N CYS C 283 9.02 31.84 2.81
CA CYS C 283 9.03 31.17 1.51
C CYS C 283 9.48 29.73 1.65
N GLY C 284 8.99 29.05 2.70
CA GLY C 284 9.19 27.64 2.93
C GLY C 284 8.97 26.79 1.69
N ALA C 285 9.93 25.91 1.41
CA ALA C 285 10.01 25.14 0.17
C ALA C 285 9.41 23.75 0.29
N ASP C 286 8.66 23.46 1.36
CA ASP C 286 8.06 22.13 1.49
C ASP C 286 6.75 21.99 0.73
N CYS C 287 6.32 23.01 -0.01
CA CYS C 287 5.24 22.78 -0.97
C CYS C 287 5.74 22.22 -2.29
N LEU C 288 7.06 21.99 -2.47
CA LEU C 288 7.55 21.41 -3.70
C LEU C 288 7.04 19.98 -3.84
N ALA C 289 6.82 19.57 -5.10
CA ALA C 289 6.30 18.22 -5.36
C ALA C 289 7.28 17.14 -4.96
N THR C 290 8.56 17.47 -4.81
CA THR C 290 9.63 16.55 -4.46
C THR C 290 10.05 16.66 -3.01
N ASP C 291 9.38 17.48 -2.21
CA ASP C 291 9.66 17.50 -0.80
C ASP C 291 9.27 16.15 -0.18
N PRO C 292 10.04 15.64 0.78
CA PRO C 292 9.62 14.44 1.51
C PRO C 292 8.19 14.50 2.04
N HIS C 293 7.59 15.69 2.21
CA HIS C 293 6.20 15.76 2.65
C HIS C 293 5.23 15.31 1.57
N ARG C 294 5.52 15.60 0.30
CA ARG C 294 4.71 15.15 -0.83
C ARG C 294 3.23 15.49 -0.63
N ILE C 295 2.94 16.76 -0.36
CA ILE C 295 1.56 17.20 -0.13
C ILE C 295 1.08 18.17 -1.22
N PHE C 296 1.78 19.27 -1.43
CA PHE C 296 1.47 20.08 -2.60
C PHE C 296 2.33 19.64 -3.78
N ARG C 297 2.01 20.15 -4.95
CA ARG C 297 2.78 19.73 -6.11
C ARG C 297 3.38 20.95 -6.79
N LEU C 298 3.95 21.85 -6.01
CA LEU C 298 4.53 23.02 -6.64
C LEU C 298 5.89 22.65 -7.24
N THR C 299 6.38 23.49 -8.15
CA THR C 299 7.68 23.28 -8.78
C THR C 299 8.51 24.54 -8.66
N ASN C 300 9.70 24.51 -9.26
CA ASN C 300 10.51 25.70 -9.44
C ASN C 300 10.60 26.13 -10.91
N PHE C 301 9.64 25.69 -11.73
CA PHE C 301 9.71 25.90 -13.18
C PHE C 301 9.55 27.37 -13.54
N TYR C 302 10.29 27.81 -14.56
CA TYR C 302 10.28 29.19 -15.03
C TYR C 302 10.33 29.18 -16.55
N PRO C 303 9.19 28.92 -17.22
CA PRO C 303 9.05 28.92 -18.67
C PRO C 303 9.70 30.09 -19.40
N SER C 316 3.80 26.10 -17.33
CA SER C 316 3.24 26.75 -16.15
C SER C 316 4.33 27.26 -15.18
N LEU C 317 4.11 28.43 -14.60
CA LEU C 317 5.11 29.07 -13.78
C LEU C 317 5.01 28.59 -12.34
N SER C 318 6.17 28.31 -11.73
CA SER C 318 6.24 27.95 -10.33
C SER C 318 5.40 28.90 -9.48
N GLY C 319 4.58 28.32 -8.59
CA GLY C 319 3.70 29.16 -7.78
C GLY C 319 4.46 30.11 -6.90
N TYR C 320 5.57 29.64 -6.30
CA TYR C 320 6.45 30.51 -5.54
C TYR C 320 6.89 31.72 -6.36
N LEU C 321 7.45 31.47 -7.55
CA LEU C 321 7.92 32.56 -8.41
C LEU C 321 6.77 33.46 -8.80
N TYR C 322 5.64 32.86 -9.20
CA TYR C 322 4.45 33.65 -9.46
C TYR C 322 4.12 34.56 -8.28
N ALA C 323 4.07 34.01 -7.06
CA ALA C 323 3.72 34.82 -5.88
C ALA C 323 4.81 35.82 -5.52
N ILE C 324 6.08 35.44 -5.65
CA ILE C 324 7.16 36.38 -5.35
C ILE C 324 7.16 37.54 -6.36
N LYS C 325 7.02 37.23 -7.64
CA LYS C 325 6.88 38.28 -8.65
C LYS C 325 5.75 39.25 -8.30
N LYS C 326 4.55 38.73 -8.02
CA LYS C 326 3.39 39.59 -7.71
C LYS C 326 3.69 40.52 -6.55
N ILE C 327 4.27 39.97 -5.47
CA ILE C 327 4.56 40.77 -4.29
C ILE C 327 5.57 41.85 -4.61
N LEU C 328 6.62 41.51 -5.35
CA LEU C 328 7.61 42.51 -5.71
C LEU C 328 7.05 43.58 -6.65
N SER C 329 5.99 43.27 -7.40
CA SER C 329 5.46 44.30 -8.30
C SER C 329 4.78 45.44 -7.54
N TRP C 330 4.42 45.24 -6.27
CA TRP C 330 3.86 46.33 -5.48
C TRP C 330 4.89 47.38 -5.10
N LYS C 331 6.18 47.13 -5.37
CA LYS C 331 7.26 48.09 -5.10
C LYS C 331 7.26 48.52 -3.65
N VAL C 332 6.88 47.60 -2.77
CA VAL C 332 6.85 47.81 -1.32
C VAL C 332 8.09 47.14 -0.73
N PRO C 333 8.85 47.85 0.12
CA PRO C 333 10.05 47.24 0.70
C PRO C 333 9.77 45.92 1.39
N THR C 334 10.63 44.94 1.15
CA THR C 334 10.26 43.55 1.35
C THR C 334 11.39 42.76 1.99
N LEU C 335 11.02 41.87 2.89
CA LEU C 335 11.91 40.89 3.48
C LEU C 335 11.47 39.52 2.97
N ILE C 336 12.41 38.75 2.43
CA ILE C 336 12.14 37.39 1.97
C ILE C 336 12.93 36.42 2.83
N LEU C 337 12.22 35.50 3.47
CA LEU C 337 12.80 34.53 4.39
C LEU C 337 12.59 33.12 3.86
N GLY C 338 13.41 32.19 4.36
CA GLY C 338 13.25 30.79 4.00
C GLY C 338 12.27 30.11 4.93
N GLY C 339 12.70 29.04 5.59
CA GLY C 339 11.79 28.28 6.43
C GLY C 339 11.90 26.79 6.18
N GLY C 340 10.76 26.11 6.03
CA GLY C 340 10.77 24.67 5.81
C GLY C 340 11.34 24.29 4.45
N GLY C 341 11.57 23.00 4.28
CA GLY C 341 12.10 22.47 3.02
C GLY C 341 13.14 21.38 3.21
N TYR C 342 12.76 20.13 2.92
CA TYR C 342 13.45 18.95 3.40
C TYR C 342 14.07 18.10 2.29
N ASN C 343 13.86 18.48 1.03
CA ASN C 343 14.70 18.06 -0.09
C ASN C 343 15.72 19.19 -0.26
N PHE C 344 16.93 19.01 0.30
CA PHE C 344 17.89 20.10 0.35
C PHE C 344 18.32 20.58 -1.05
N PRO C 345 18.66 19.70 -2.00
CA PRO C 345 19.02 20.23 -3.33
C PRO C 345 17.86 20.91 -4.02
N ASP C 346 16.63 20.40 -3.89
CA ASP C 346 15.50 21.02 -4.57
C ASP C 346 15.11 22.34 -3.92
N THR C 347 15.24 22.43 -2.59
CA THR C 347 15.10 23.74 -1.93
C THR C 347 16.11 24.73 -2.50
N ALA C 348 17.37 24.30 -2.61
CA ALA C 348 18.37 25.12 -3.26
C ALA C 348 17.93 25.52 -4.67
N ARG C 349 17.45 24.55 -5.46
CA ARG C 349 17.04 24.86 -6.84
C ARG C 349 15.92 25.89 -6.89
N LEU C 350 15.05 25.93 -5.88
CA LEU C 350 13.98 26.92 -5.82
C LEU C 350 14.48 28.28 -5.30
N TRP C 351 15.15 28.32 -4.15
CA TRP C 351 15.55 29.61 -3.59
C TRP C 351 16.59 30.33 -4.46
N THR C 352 17.34 29.59 -5.28
CA THR C 352 18.21 30.22 -6.26
C THR C 352 17.38 30.89 -7.36
N ARG C 353 16.32 30.23 -7.82
CA ARG C 353 15.42 30.86 -8.77
C ARG C 353 14.72 32.07 -8.16
N VAL C 354 14.22 31.93 -6.92
CA VAL C 354 13.64 33.09 -6.22
C VAL C 354 14.65 34.23 -6.13
N THR C 355 15.92 33.90 -5.84
CA THR C 355 16.96 34.93 -5.76
C THR C 355 17.18 35.63 -7.09
N ALA C 356 17.25 34.87 -8.18
CA ALA C 356 17.46 35.48 -9.49
C ALA C 356 16.27 36.33 -9.89
N LEU C 357 15.06 35.88 -9.57
CA LEU C 357 13.88 36.67 -9.94
C LEU C 357 13.83 37.98 -9.20
N THR C 358 14.23 37.97 -7.94
CA THR C 358 14.29 39.22 -7.18
C THR C 358 15.26 40.20 -7.82
N ILE C 359 16.45 39.74 -8.20
CA ILE C 359 17.39 40.63 -8.90
C ILE C 359 16.73 41.22 -10.13
N GLU C 360 16.13 40.37 -10.97
CA GLU C 360 15.43 40.82 -12.16
C GLU C 360 14.36 41.86 -11.82
N GLU C 361 13.46 41.52 -10.89
CA GLU C 361 12.30 42.40 -10.63
C GLU C 361 12.71 43.70 -9.93
N VAL C 362 13.71 43.67 -9.05
CA VAL C 362 14.06 44.87 -8.30
C VAL C 362 15.06 45.76 -9.05
N LYS C 363 16.01 45.17 -9.79
CA LYS C 363 16.99 45.93 -10.55
C LYS C 363 16.64 46.09 -12.03
N GLY C 364 15.55 45.48 -12.49
CA GLY C 364 15.28 45.47 -13.92
C GLY C 364 16.41 44.93 -14.75
N LYS C 365 17.12 43.92 -14.23
CA LYS C 365 18.35 43.40 -14.82
C LYS C 365 18.13 41.92 -15.13
N LYS C 366 18.24 41.55 -16.41
CA LYS C 366 17.95 40.18 -16.79
C LYS C 366 18.94 39.21 -16.17
N MET C 367 18.42 38.14 -15.57
CA MET C 367 19.21 37.08 -14.97
C MET C 367 18.93 35.80 -15.72
N THR C 368 19.94 35.27 -16.38
CA THR C 368 19.81 34.05 -17.16
C THR C 368 20.48 32.92 -16.40
N ILE C 369 19.70 31.94 -16.01
CA ILE C 369 20.22 30.79 -15.28
C ILE C 369 20.26 29.59 -16.21
N SER C 370 21.44 29.01 -16.37
CA SER C 370 21.57 27.87 -17.27
C SER C 370 20.86 26.64 -16.70
N PRO C 371 20.23 25.81 -17.54
CA PRO C 371 19.55 24.61 -17.02
C PRO C 371 20.50 23.66 -16.32
N GLU C 372 21.76 23.63 -16.72
CA GLU C 372 22.73 22.74 -16.11
C GLU C 372 23.28 23.36 -14.83
N ILE C 373 23.32 22.57 -13.77
CA ILE C 373 23.88 23.03 -12.49
C ILE C 373 25.36 23.35 -12.69
N PRO C 374 25.84 24.49 -12.20
CA PRO C 374 27.24 24.86 -12.40
C PRO C 374 28.18 24.05 -11.53
N GLU C 375 29.45 24.05 -11.94
CA GLU C 375 30.52 23.46 -11.16
C GLU C 375 30.68 24.18 -9.82
N HIS C 376 30.69 23.40 -8.73
CA HIS C 376 30.96 23.92 -7.38
C HIS C 376 31.02 22.80 -6.36
N SER C 377 31.29 23.16 -5.10
CA SER C 377 31.59 22.17 -4.07
C SER C 377 30.51 21.11 -3.91
N TYR C 378 29.24 21.48 -4.16
CA TYR C 378 28.12 20.57 -3.95
C TYR C 378 27.46 20.12 -5.25
N PHE C 379 28.15 20.24 -6.40
CA PHE C 379 27.59 19.78 -7.67
C PHE C 379 27.10 18.34 -7.58
N SER C 380 27.83 17.48 -6.87
CA SER C 380 27.43 16.08 -6.77
C SER C 380 26.09 15.89 -6.08
N ARG C 381 25.64 16.84 -5.26
CA ARG C 381 24.35 16.68 -4.60
C ARG C 381 23.16 16.85 -5.54
N TYR C 382 23.38 17.27 -6.79
CA TYR C 382 22.30 17.61 -7.71
C TYR C 382 22.05 16.52 -8.76
N GLY C 383 22.54 15.31 -8.54
CA GLY C 383 22.38 14.21 -9.50
C GLY C 383 21.03 13.51 -9.44
N PRO C 384 20.80 12.55 -10.35
CA PRO C 384 21.67 12.17 -11.46
C PRO C 384 21.51 13.07 -12.68
N ASP C 385 20.60 14.04 -12.61
CA ASP C 385 20.32 14.91 -13.76
C ASP C 385 21.28 16.10 -13.83
N PHE C 386 21.59 16.70 -12.67
CA PHE C 386 22.46 17.87 -12.60
C PHE C 386 21.84 19.03 -13.38
N GLU C 387 20.53 19.17 -13.24
CA GLU C 387 19.74 20.21 -13.90
C GLU C 387 19.00 21.06 -12.86
N LEU C 388 18.63 22.28 -13.27
CA LEU C 388 18.09 23.21 -12.28
C LEU C 388 16.60 22.99 -12.00
N ASP C 389 15.80 22.58 -13.01
CA ASP C 389 14.40 22.22 -12.78
C ASP C 389 14.32 21.03 -11.84
N ILE C 390 13.40 21.06 -10.88
CA ILE C 390 13.25 19.88 -10.04
C ILE C 390 12.78 18.70 -10.92
N ASP C 391 13.13 17.50 -10.49
CA ASP C 391 12.84 16.28 -11.25
C ASP C 391 11.41 15.83 -10.95
N TYR C 392 10.46 16.46 -11.63
CA TYR C 392 9.06 16.18 -11.40
C TYR C 392 8.31 16.44 -12.69
N PHE C 393 7.33 15.58 -12.96
CA PHE C 393 6.51 15.71 -14.15
C PHE C 393 5.07 15.99 -13.75
N PRO C 394 4.57 17.22 -13.95
CA PRO C 394 3.20 17.53 -13.53
C PRO C 394 2.18 16.83 -14.40
N HIS C 395 1.03 16.54 -13.82
CA HIS C 395 -0.03 15.81 -14.50
C HIS C 395 -1.37 16.13 -13.86
N ASP C 403 -13.61 21.26 -5.93
CA ASP C 403 -12.19 21.52 -5.75
C ASP C 403 -11.90 23.01 -5.63
N SER C 404 -12.74 23.82 -6.27
CA SER C 404 -12.54 25.26 -6.22
C SER C 404 -12.69 25.75 -4.79
N ILE C 405 -12.28 27.01 -4.57
CA ILE C 405 -12.27 27.60 -3.23
C ILE C 405 -12.89 28.98 -3.30
N GLN C 406 -13.85 29.16 -4.22
CA GLN C 406 -14.46 30.49 -4.37
C GLN C 406 -15.14 30.94 -3.10
N LYS C 407 -15.68 30.01 -2.30
CA LYS C 407 -16.26 30.38 -1.01
C LYS C 407 -15.20 30.87 -0.02
N HIS C 408 -13.98 30.35 -0.09
CA HIS C 408 -12.90 30.89 0.73
C HIS C 408 -12.58 32.32 0.31
N HIS C 409 -12.44 32.57 -0.98
CA HIS C 409 -12.26 33.93 -1.47
C HIS C 409 -13.32 34.87 -0.88
N ARG C 410 -14.58 34.42 -0.90
CA ARG C 410 -15.66 35.28 -0.44
C ARG C 410 -15.55 35.55 1.05
N ARG C 411 -15.26 34.52 1.84
CA ARG C 411 -15.07 34.69 3.28
C ARG C 411 -13.91 35.64 3.58
N ILE C 412 -12.83 35.54 2.79
CA ILE C 412 -11.61 36.30 3.06
C ILE C 412 -11.78 37.77 2.67
N LEU C 413 -12.42 38.04 1.53
CA LEU C 413 -12.72 39.42 1.15
C LEU C 413 -13.71 40.08 2.11
N GLU C 414 -14.64 39.30 2.69
CA GLU C 414 -15.49 39.86 3.75
C GLU C 414 -14.68 40.15 5.01
N GLN C 415 -13.77 39.24 5.39
CA GLN C 415 -12.89 39.54 6.52
C GLN C 415 -12.05 40.78 6.23
N LEU C 416 -11.59 40.92 4.99
CA LEU C 416 -10.81 42.10 4.62
C LEU C 416 -11.65 43.36 4.68
N ARG C 417 -12.93 43.27 4.33
CA ARG C 417 -13.83 44.40 4.52
C ARG C 417 -14.04 44.70 5.99
N ASN C 418 -14.22 43.67 6.81
CA ASN C 418 -14.41 43.91 8.24
C ASN C 418 -13.17 44.52 8.85
N TYR C 419 -11.99 44.08 8.41
CA TYR C 419 -10.77 44.68 8.92
C TYR C 419 -10.75 46.16 8.59
N ALA C 420 -11.03 46.52 7.34
CA ALA C 420 -10.95 47.91 6.92
C ALA C 420 -11.88 48.78 7.73
N ASP C 421 -13.10 48.30 7.97
CA ASP C 421 -14.07 49.07 8.74
C ASP C 421 -13.62 49.20 10.19
N LEU C 422 -13.21 48.09 10.80
CA LEU C 422 -12.73 48.17 12.18
C LEU C 422 -11.63 49.20 12.32
N ASN C 423 -10.75 49.28 11.33
CA ASN C 423 -9.55 50.11 11.45
C ASN C 423 -9.68 51.43 10.72
N LYS C 424 -10.88 51.78 10.22
CA LYS C 424 -11.12 53.07 9.58
C LYS C 424 -10.21 53.28 8.37
N LEU C 425 -10.01 52.22 7.58
CA LEU C 425 -9.24 52.32 6.36
C LEU C 425 -10.16 52.39 5.15
N ILE C 426 -9.67 53.09 4.11
CA ILE C 426 -10.40 53.13 2.84
C ILE C 426 -10.55 51.73 2.27
N TYR C 427 -11.77 51.39 1.90
CA TYR C 427 -12.08 50.13 1.24
C TYR C 427 -12.50 50.44 -0.20
N ASP C 428 -11.55 50.30 -1.12
CA ASP C 428 -11.73 50.67 -2.53
C ASP C 428 -12.37 49.49 -3.27
N TYR C 429 -13.68 49.34 -3.04
CA TYR C 429 -14.43 48.24 -3.64
C TYR C 429 -14.21 48.14 -5.15
N ASP C 430 -14.18 49.29 -5.84
CA ASP C 430 -14.04 49.24 -7.30
C ASP C 430 -12.75 48.55 -7.71
N GLN C 431 -11.65 48.89 -7.05
CA GLN C 431 -10.37 48.27 -7.39
C GLN C 431 -10.39 46.77 -7.12
N VAL C 432 -10.91 46.38 -5.96
CA VAL C 432 -10.98 44.95 -5.67
C VAL C 432 -11.92 44.25 -6.62
N TYR C 433 -13.08 44.87 -6.92
CA TYR C 433 -13.97 44.27 -7.91
C TYR C 433 -13.26 44.08 -9.25
N GLN C 434 -12.64 45.15 -9.77
CA GLN C 434 -11.94 45.04 -11.05
C GLN C 434 -10.87 43.96 -10.98
N LEU C 435 -10.19 43.85 -9.85
CA LEU C 435 -9.20 42.81 -9.65
C LEU C 435 -9.82 41.43 -9.84
N TYR C 436 -10.91 41.13 -9.11
CA TYR C 436 -11.57 39.84 -9.24
C TYR C 436 -12.32 39.68 -10.55
N ASN C 437 -12.81 40.79 -11.10
CA ASN C 437 -13.48 40.72 -12.40
C ASN C 437 -12.52 40.31 -13.51
N LEU C 438 -11.22 40.53 -13.34
CA LEU C 438 -10.23 40.06 -14.32
C LEU C 438 -10.39 38.59 -14.62
N THR C 439 -10.93 37.81 -13.68
CA THR C 439 -11.15 36.37 -13.88
C THR C 439 -12.62 36.00 -13.80
N GLY C 440 -13.54 36.93 -14.02
CA GLY C 440 -14.98 36.69 -13.98
C GLY C 440 -15.59 36.51 -12.60
N MET C 441 -14.86 36.87 -11.53
CA MET C 441 -15.27 36.55 -10.17
C MET C 441 -15.51 37.80 -9.31
N GLY C 442 -15.79 38.96 -9.92
CA GLY C 442 -16.14 40.15 -9.16
C GLY C 442 -17.34 39.98 -8.25
N SER C 443 -18.25 39.07 -8.58
CA SER C 443 -19.40 38.82 -7.72
C SER C 443 -19.00 38.38 -6.32
N LEU C 444 -17.79 37.86 -6.14
CA LEU C 444 -17.35 37.44 -4.82
C LEU C 444 -16.98 38.62 -3.90
N VAL C 445 -16.92 39.83 -4.42
CA VAL C 445 -16.42 40.97 -3.65
C VAL C 445 -17.53 41.65 -2.84
N PRO C 446 -17.35 41.87 -1.55
CA PRO C 446 -18.33 42.64 -0.78
C PRO C 446 -18.19 44.13 -1.01
N ARG C 447 -19.31 44.83 -0.92
CA ARG C 447 -19.29 46.28 -1.11
C ARG C 447 -18.93 47.02 0.19
N SER D 3 10.53 9.71 35.81
CA SER D 3 9.80 10.65 34.98
C SER D 3 8.35 10.20 34.77
N VAL D 4 7.41 11.07 35.15
CA VAL D 4 5.99 10.84 34.90
C VAL D 4 5.55 11.86 33.85
N GLY D 5 4.97 11.38 32.76
CA GLY D 5 4.47 12.23 31.70
C GLY D 5 2.95 12.33 31.74
N ILE D 6 2.42 13.47 31.29
CA ILE D 6 0.97 13.68 31.21
C ILE D 6 0.67 14.37 29.89
N VAL D 7 -0.30 13.83 29.14
CA VAL D 7 -0.64 14.34 27.81
C VAL D 7 -1.54 15.56 27.94
N TYR D 8 -1.10 16.69 27.38
CA TYR D 8 -2.00 17.80 27.17
C TYR D 8 -1.42 18.78 26.14
N GLY D 9 -2.26 19.75 25.79
CA GLY D 9 -1.90 20.82 24.89
C GLY D 9 -3.13 21.69 24.73
N ASP D 10 -2.90 22.91 24.26
CA ASP D 10 -4.04 23.83 24.13
C ASP D 10 -5.07 23.29 23.14
N GLN D 11 -4.63 22.87 21.97
CA GLN D 11 -5.56 22.32 20.98
C GLN D 11 -6.15 21.01 21.49
N TYR D 12 -5.32 20.14 22.05
CA TYR D 12 -5.78 18.86 22.58
C TYR D 12 -6.93 19.06 23.56
N ARG D 13 -6.79 20.04 24.46
CA ARG D 13 -7.83 20.34 25.43
C ARG D 13 -9.11 20.80 24.74
N GLN D 14 -9.00 21.72 23.77
CA GLN D 14 -10.18 22.16 23.03
C GLN D 14 -10.86 20.99 22.33
N LEU D 15 -10.08 20.07 21.76
CA LEU D 15 -10.65 18.93 21.05
C LEU D 15 -11.30 17.92 22.02
N CYS D 16 -10.61 17.57 23.12
CA CYS D 16 -11.23 16.67 24.09
C CYS D 16 -12.45 17.30 24.77
N CYS D 17 -12.64 18.61 24.68
CA CYS D 17 -13.77 19.26 25.32
C CYS D 17 -14.88 19.61 24.36
N SER D 18 -14.88 18.99 23.18
CA SER D 18 -15.79 19.37 22.11
C SER D 18 -16.93 18.38 21.92
N SER D 19 -17.02 17.28 22.76
CA SER D 19 -18.08 16.31 22.44
C SER D 19 -19.34 16.58 23.25
N PRO D 20 -20.50 16.18 22.72
CA PRO D 20 -21.75 16.38 23.48
C PRO D 20 -21.84 15.53 24.74
N LYS D 21 -21.19 14.37 24.76
CA LYS D 21 -21.33 13.46 25.89
C LYS D 21 -20.42 13.81 27.07
N PHE D 22 -19.16 14.15 26.81
CA PHE D 22 -18.21 14.39 27.90
C PHE D 22 -17.93 15.86 28.13
N GLY D 23 -18.47 16.76 27.31
CA GLY D 23 -18.41 18.19 27.59
C GLY D 23 -17.02 18.68 27.97
N ASP D 24 -16.93 19.47 29.04
CA ASP D 24 -15.67 20.02 29.49
C ASP D 24 -15.00 19.17 30.56
N ARG D 25 -15.33 17.87 30.65
CA ARG D 25 -14.75 17.04 31.70
C ARG D 25 -13.23 17.07 31.69
N TYR D 26 -12.63 17.02 30.51
CA TYR D 26 -11.17 17.02 30.41
C TYR D 26 -10.57 18.32 30.93
N ALA D 27 -11.25 19.46 30.72
CA ALA D 27 -10.80 20.73 31.30
C ALA D 27 -10.94 20.73 32.81
N LEU D 28 -11.99 20.11 33.34
CA LEU D 28 -12.07 19.93 34.79
C LEU D 28 -10.91 19.09 35.32
N VAL D 29 -10.54 18.03 34.60
CA VAL D 29 -9.50 17.14 35.11
C VAL D 29 -8.15 17.85 35.10
N MET D 30 -7.79 18.47 33.98
CA MET D 30 -6.48 19.11 33.88
C MET D 30 -6.37 20.35 34.76
N ASP D 31 -7.49 21.06 34.98
CA ASP D 31 -7.48 22.26 35.82
C ASP D 31 -7.55 21.94 37.30
N LEU D 32 -8.11 20.79 37.69
CA LEU D 32 -7.99 20.40 39.09
C LEU D 32 -6.58 19.91 39.39
N ILE D 33 -6.00 19.13 38.47
CA ILE D 33 -4.60 18.73 38.62
C ILE D 33 -3.70 19.96 38.71
N ASN D 34 -3.98 20.97 37.91
CA ASN D 34 -3.15 22.17 37.93
C ASN D 34 -3.39 22.98 39.21
N ALA D 35 -4.64 23.02 39.69
CA ALA D 35 -4.95 23.79 40.89
C ALA D 35 -4.23 23.22 42.11
N TYR D 36 -3.96 21.92 42.12
CA TYR D 36 -3.22 21.27 43.19
C TYR D 36 -1.69 21.34 42.99
N LYS D 37 -1.21 22.20 42.10
CA LYS D 37 0.22 22.39 41.86
C LYS D 37 0.92 21.09 41.42
N LEU D 38 0.23 20.23 40.67
CA LEU D 38 0.82 18.97 40.21
C LEU D 38 1.57 19.11 38.90
N ILE D 39 1.29 20.12 38.10
CA ILE D 39 1.84 20.20 36.75
C ILE D 39 3.35 20.40 36.76
N PRO D 40 3.92 21.25 37.64
CA PRO D 40 5.40 21.33 37.70
C PRO D 40 6.09 19.99 37.92
N GLU D 41 5.44 19.05 38.61
CA GLU D 41 6.00 17.74 38.85
C GLU D 41 5.98 16.82 37.63
N LEU D 42 5.21 17.16 36.59
CA LEU D 42 4.96 16.29 35.45
C LEU D 42 5.65 16.79 34.19
N SER D 43 6.01 15.86 33.32
CA SER D 43 6.54 16.17 32.00
C SER D 43 5.39 16.20 30.99
N ARG D 44 5.21 17.32 30.30
CA ARG D 44 4.11 17.38 29.33
C ARG D 44 4.47 16.56 28.11
N VAL D 45 3.66 15.56 27.80
CA VAL D 45 3.80 14.77 26.57
C VAL D 45 2.88 15.37 25.52
N PRO D 46 3.42 15.89 24.42
CA PRO D 46 2.57 16.51 23.39
C PRO D 46 1.92 15.46 22.51
N PRO D 47 0.66 15.69 22.12
CA PRO D 47 0.00 14.73 21.21
C PRO D 47 0.76 14.60 19.89
N LEU D 48 0.73 13.39 19.35
CA LEU D 48 1.40 13.07 18.08
C LEU D 48 0.70 13.77 16.92
N GLN D 49 1.49 14.27 15.97
CA GLN D 49 0.96 14.76 14.71
C GLN D 49 1.69 14.11 13.55
N TRP D 50 1.09 14.18 12.36
CA TRP D 50 1.60 13.45 11.22
C TRP D 50 1.97 14.39 10.08
N ASP D 51 2.93 13.96 9.26
CA ASP D 51 3.39 14.85 8.20
C ASP D 51 2.52 14.80 6.97
N SER D 52 1.42 14.06 6.99
CA SER D 52 0.61 13.92 5.79
C SER D 52 -0.69 13.21 6.16
N PRO D 53 -1.74 13.42 5.37
CA PRO D 53 -2.93 12.57 5.48
C PRO D 53 -2.60 11.08 5.43
N SER D 54 -1.70 10.68 4.55
CA SER D 54 -1.44 9.25 4.36
C SER D 54 -0.81 8.62 5.59
N ARG D 55 0.04 9.37 6.31
CA ARG D 55 0.66 8.83 7.53
C ARG D 55 -0.33 8.76 8.68
N MET D 56 -1.21 9.74 8.80
CA MET D 56 -2.29 9.60 9.75
C MET D 56 -3.13 8.38 9.40
N TYR D 57 -3.41 8.21 8.11
CA TYR D 57 -4.24 7.09 7.67
C TYR D 57 -3.57 5.75 7.93
N GLU D 58 -2.26 5.67 7.68
CA GLU D 58 -1.57 4.40 7.90
C GLU D 58 -1.55 4.03 9.39
N ALA D 59 -1.47 5.03 10.29
CA ALA D 59 -1.45 4.73 11.72
C ALA D 59 -2.81 4.32 12.23
N VAL D 60 -3.86 5.02 11.84
CA VAL D 60 -5.17 4.70 12.38
C VAL D 60 -5.66 3.36 11.82
N THR D 61 -5.44 3.11 10.53
CA THR D 61 -5.86 1.83 9.96
C THR D 61 -4.92 0.68 10.30
N ALA D 62 -3.91 0.89 11.16
CA ALA D 62 -3.25 -0.25 11.80
C ALA D 62 -4.24 -1.07 12.64
N PHE D 63 -5.35 -0.48 13.08
CA PHE D 63 -6.41 -1.28 13.67
C PHE D 63 -7.73 -1.16 12.93
N HIS D 64 -8.17 0.05 12.58
CA HIS D 64 -9.48 0.25 11.96
C HIS D 64 -9.41 0.09 10.44
N SER D 65 -10.54 -0.27 9.85
CA SER D 65 -10.60 -0.38 8.41
C SER D 65 -10.60 1.00 7.77
N THR D 66 -10.07 1.08 6.56
CA THR D 66 -10.05 2.35 5.83
C THR D 66 -11.46 2.84 5.51
N GLU D 67 -12.41 1.93 5.25
CA GLU D 67 -13.79 2.35 4.99
C GLU D 67 -14.43 2.94 6.25
N TYR D 68 -14.16 2.37 7.42
CA TYR D 68 -14.66 2.95 8.67
C TYR D 68 -14.09 4.35 8.90
N VAL D 69 -12.78 4.53 8.73
CA VAL D 69 -12.16 5.84 8.93
C VAL D 69 -12.72 6.84 7.92
N ASP D 70 -12.91 6.39 6.67
CA ASP D 70 -13.57 7.19 5.65
C ASP D 70 -14.95 7.65 6.09
N ALA D 71 -15.77 6.71 6.59
CA ALA D 71 -17.13 7.05 7.02
C ALA D 71 -17.11 8.03 8.19
N LEU D 72 -16.18 7.82 9.13
CA LEU D 72 -16.08 8.70 10.29
C LEU D 72 -15.69 10.12 9.87
N LYS D 73 -14.73 10.25 8.95
CA LYS D 73 -14.37 11.55 8.38
C LYS D 73 -15.52 12.18 7.61
N LYS D 74 -16.31 11.39 6.91
CA LYS D 74 -17.45 11.96 6.19
C LYS D 74 -18.57 12.35 7.16
N LEU D 75 -18.76 11.57 8.23
CA LEU D 75 -19.68 11.98 9.28
C LEU D 75 -19.38 13.39 9.78
N GLN D 76 -18.11 13.68 10.06
CA GLN D 76 -17.78 15.01 10.57
C GLN D 76 -18.11 16.09 9.55
N MET D 77 -17.66 15.90 8.30
CA MET D 77 -17.94 16.81 7.20
C MET D 77 -19.44 17.09 7.08
N LEU D 78 -20.26 16.05 7.16
CA LEU D 78 -21.70 16.24 6.99
C LEU D 78 -22.28 17.04 8.16
N HIS D 79 -21.71 16.89 9.36
CA HIS D 79 -22.18 17.62 10.53
C HIS D 79 -21.67 19.05 10.60
N CYS D 80 -20.69 19.41 9.76
CA CYS D 80 -20.28 20.80 9.69
C CYS D 80 -21.09 21.59 8.68
N GLU D 81 -21.97 20.94 7.94
CA GLU D 81 -22.86 21.60 7.00
C GLU D 81 -24.28 21.61 7.55
N GLU D 82 -25.05 22.59 7.11
CA GLU D 82 -26.39 22.81 7.67
C GLU D 82 -27.33 21.65 7.35
N LYS D 83 -27.40 21.25 6.09
CA LYS D 83 -28.38 20.28 5.62
C LYS D 83 -28.27 18.95 6.38
N GLU D 84 -29.34 18.17 6.32
CA GLU D 84 -29.38 16.87 6.98
C GLU D 84 -28.89 15.78 6.03
N LEU D 85 -28.64 14.61 6.61
CA LEU D 85 -28.09 13.47 5.87
C LEU D 85 -29.09 12.90 4.88
N THR D 86 -28.62 12.53 3.70
CA THR D 86 -29.44 11.78 2.76
C THR D 86 -29.71 10.37 3.30
N ALA D 87 -30.70 9.71 2.69
CA ALA D 87 -31.00 8.33 3.09
C ALA D 87 -29.79 7.43 2.90
N ASP D 88 -29.08 7.56 1.76
CA ASP D 88 -27.90 6.72 1.53
C ASP D 88 -26.80 6.98 2.55
N ASP D 89 -26.59 8.25 2.94
CA ASP D 89 -25.61 8.53 3.99
C ASP D 89 -26.03 7.95 5.33
N GLU D 90 -27.32 8.09 5.71
CA GLU D 90 -27.79 7.51 6.96
C GLU D 90 -27.54 5.99 6.97
N LEU D 91 -27.77 5.33 5.84
CA LEU D 91 -27.51 3.90 5.75
C LEU D 91 -26.02 3.58 5.84
N LEU D 92 -25.16 4.42 5.25
CA LEU D 92 -23.72 4.22 5.36
C LEU D 92 -23.27 4.31 6.80
N MET D 93 -23.73 5.33 7.53
CA MET D 93 -23.38 5.47 8.94
C MET D 93 -23.93 4.29 9.76
N ASP D 94 -25.16 3.86 9.47
CA ASP D 94 -25.74 2.71 10.17
C ASP D 94 -24.87 1.46 10.04
N SER D 95 -24.23 1.30 8.87
CA SER D 95 -23.40 0.11 8.66
C SER D 95 -22.14 0.14 9.51
N PHE D 96 -21.78 1.29 10.08
CA PHE D 96 -20.64 1.40 10.98
C PHE D 96 -21.07 1.70 12.42
N SER D 97 -22.38 1.62 12.69
CA SER D 97 -22.98 1.97 14.00
C SER D 97 -22.66 3.40 14.39
N LEU D 98 -22.48 4.28 13.41
CA LEU D 98 -22.32 5.70 13.67
C LEU D 98 -23.71 6.30 13.84
N ASN D 99 -24.37 5.88 14.91
CA ASN D 99 -25.75 6.30 15.21
C ASN D 99 -25.97 6.09 16.70
N TYR D 100 -27.16 6.49 17.18
CA TYR D 100 -27.63 6.19 18.52
C TYR D 100 -26.72 6.79 19.59
N ASP D 101 -26.03 5.96 20.35
CA ASP D 101 -25.13 6.51 21.35
C ASP D 101 -23.75 6.84 20.80
N CYS D 102 -23.54 6.67 19.50
CA CYS D 102 -22.35 7.16 18.81
C CYS D 102 -22.75 8.10 17.67
N PRO D 103 -23.43 9.20 17.98
CA PRO D 103 -23.92 10.08 16.91
C PRO D 103 -22.81 10.91 16.28
N GLY D 104 -23.13 11.69 15.25
CA GLY D 104 -22.17 12.64 14.71
C GLY D 104 -22.23 13.98 15.42
N PHE D 105 -21.14 14.74 15.33
CA PHE D 105 -21.10 16.13 15.76
C PHE D 105 -19.97 16.83 15.01
N PRO D 106 -19.96 18.17 14.99
CA PRO D 106 -19.05 18.87 14.06
C PRO D 106 -17.56 18.56 14.21
N SER D 107 -17.12 18.04 15.35
CA SER D 107 -15.72 17.67 15.50
C SER D 107 -15.52 16.20 15.82
N VAL D 108 -16.40 15.32 15.32
CA VAL D 108 -16.35 13.92 15.79
C VAL D 108 -15.06 13.24 15.34
N PHE D 109 -14.60 13.49 14.11
CA PHE D 109 -13.36 12.86 13.67
C PHE D 109 -12.15 13.44 14.39
N ASP D 110 -12.08 14.77 14.50
CA ASP D 110 -10.95 15.39 15.19
C ASP D 110 -10.97 15.03 16.67
N TYR D 111 -12.16 14.96 17.27
CA TYR D 111 -12.28 14.58 18.67
C TYR D 111 -11.76 13.18 18.91
N SER D 112 -12.20 12.23 18.05
CA SER D 112 -11.75 10.86 18.21
C SER D 112 -10.26 10.75 17.97
N LEU D 113 -9.77 11.40 16.91
CA LEU D 113 -8.37 11.31 16.52
C LEU D 113 -7.45 11.82 17.62
N ALA D 114 -7.85 12.90 18.29
CA ALA D 114 -7.02 13.47 19.34
C ALA D 114 -6.62 12.42 20.36
N ALA D 115 -7.58 11.60 20.81
CA ALA D 115 -7.26 10.55 21.77
C ALA D 115 -6.21 9.58 21.21
N VAL D 116 -6.29 9.28 19.91
CA VAL D 116 -5.25 8.47 19.28
C VAL D 116 -3.93 9.22 19.29
N GLN D 117 -3.95 10.51 18.97
CA GLN D 117 -2.72 11.30 18.99
C GLN D 117 -2.11 11.29 20.37
N GLY D 118 -2.95 11.51 21.39
CA GLY D 118 -2.46 11.54 22.77
C GLY D 118 -1.88 10.21 23.22
N SER D 119 -2.58 9.11 22.93
CA SER D 119 -2.16 7.80 23.43
C SER D 119 -0.99 7.21 22.65
N LEU D 120 -0.86 7.54 21.35
CA LEU D 120 0.31 7.10 20.60
C LEU D 120 1.55 7.86 21.04
N ALA D 121 1.43 9.16 21.30
CA ALA D 121 2.54 9.91 21.90
C ALA D 121 2.96 9.27 23.21
N ALA D 122 1.99 9.01 24.09
CA ALA D 122 2.27 8.41 25.39
C ALA D 122 3.09 7.13 25.24
N ALA D 123 2.69 6.27 24.30
CA ALA D 123 3.42 5.01 24.10
C ALA D 123 4.85 5.30 23.65
N SER D 124 5.02 6.28 22.77
CA SER D 124 6.36 6.62 22.28
C SER D 124 7.26 7.16 23.39
N ALA D 125 6.70 7.97 24.28
CA ALA D 125 7.47 8.42 25.44
C ALA D 125 7.90 7.24 26.30
N LEU D 126 6.99 6.27 26.53
CA LEU D 126 7.38 5.04 27.19
C LEU D 126 8.50 4.33 26.43
N ILE D 127 8.35 4.18 25.12
CA ILE D 127 9.29 3.38 24.35
C ILE D 127 10.68 4.01 24.41
N CYS D 128 10.80 5.27 24.05
CA CYS D 128 12.12 5.91 24.11
C CYS D 128 12.62 6.12 25.53
N ARG D 129 11.86 5.65 26.53
CA ARG D 129 12.17 5.69 27.96
C ARG D 129 12.23 7.10 28.53
N HIS D 130 11.71 8.11 27.82
CA HIS D 130 11.70 9.46 28.38
C HIS D 130 10.84 9.53 29.63
N CYS D 131 9.83 8.67 29.74
CA CYS D 131 8.96 8.59 30.90
C CYS D 131 8.84 7.15 31.36
N GLU D 132 8.81 6.95 32.69
CA GLU D 132 8.55 5.65 33.28
C GLU D 132 7.07 5.34 33.36
N VAL D 133 6.23 6.38 33.41
CA VAL D 133 4.77 6.29 33.40
C VAL D 133 4.29 7.50 32.62
N VAL D 134 3.16 7.34 31.90
CA VAL D 134 2.49 8.44 31.21
C VAL D 134 0.98 8.31 31.42
N ILE D 135 0.35 9.45 31.66
CA ILE D 135 -1.08 9.58 31.93
C ILE D 135 -1.73 10.30 30.75
N ASN D 136 -2.80 9.72 30.21
CA ASN D 136 -3.63 10.42 29.22
C ASN D 136 -5.09 10.36 29.65
N TRP D 137 -5.54 11.41 30.32
CA TRP D 137 -6.92 11.49 30.76
C TRP D 137 -7.87 11.93 29.65
N GLY D 138 -7.38 12.05 28.42
CA GLY D 138 -8.22 12.18 27.25
C GLY D 138 -8.42 10.90 26.45
N GLY D 139 -7.73 9.82 26.83
CA GLY D 139 -7.83 8.56 26.11
C GLY D 139 -8.51 7.48 26.92
N GLY D 140 -8.50 6.26 26.37
CA GLY D 140 -9.09 5.12 27.05
C GLY D 140 -10.43 4.65 26.53
N TRP D 141 -10.63 4.75 25.21
CA TRP D 141 -11.93 4.49 24.59
C TRP D 141 -11.97 3.03 24.14
N HIS D 142 -12.28 2.16 25.10
CA HIS D 142 -12.06 0.73 24.95
C HIS D 142 -13.16 -0.02 24.18
N HIS D 143 -14.25 0.63 23.77
CA HIS D 143 -15.32 -0.12 23.11
C HIS D 143 -15.22 -0.16 21.59
N ALA D 144 -14.41 0.71 20.96
CA ALA D 144 -14.45 0.82 19.52
C ALA D 144 -13.81 -0.41 18.89
N LYS D 145 -14.40 -0.87 17.81
CA LYS D 145 -13.93 -2.05 17.10
C LYS D 145 -13.36 -1.62 15.75
N ARG D 146 -12.89 -2.60 14.98
CA ARG D 146 -12.22 -2.31 13.72
C ARG D 146 -13.10 -1.46 12.81
N SER D 147 -14.38 -1.81 12.68
CA SER D 147 -15.25 -1.10 11.75
C SER D 147 -16.56 -0.65 12.40
N GLU D 148 -16.54 -0.35 13.69
CA GLU D 148 -17.77 -0.01 14.39
C GLU D 148 -17.45 0.89 15.57
N ALA D 149 -18.21 1.99 15.69
CA ALA D 149 -18.28 2.77 16.91
C ALA D 149 -19.11 2.03 17.96
N SER D 150 -18.85 2.30 19.23
CA SER D 150 -19.61 1.65 20.27
C SER D 150 -19.46 2.44 21.57
N GLY D 151 -20.58 2.76 22.21
CA GLY D 151 -20.55 3.36 23.53
C GLY D 151 -19.77 4.66 23.58
N PHE D 152 -20.02 5.53 22.60
CA PHE D 152 -19.30 6.79 22.42
C PHE D 152 -17.80 6.58 22.32
N CYS D 153 -17.40 5.38 21.88
CA CYS D 153 -16.02 5.14 21.48
C CYS D 153 -15.98 5.05 19.96
N TYR D 154 -15.28 5.99 19.31
CA TYR D 154 -15.22 6.00 17.86
C TYR D 154 -13.92 5.40 17.31
N LEU D 155 -12.79 5.73 17.92
CA LEU D 155 -11.50 5.18 17.52
C LEU D 155 -10.86 4.57 18.76
N ASN D 156 -10.31 3.38 18.64
CA ASN D 156 -9.79 2.72 19.83
C ASN D 156 -8.33 3.12 20.02
N ASP D 157 -8.11 4.20 20.78
CA ASP D 157 -6.77 4.68 21.04
C ASP D 157 -5.96 3.69 21.86
N ILE D 158 -6.61 2.88 22.73
CA ILE D 158 -5.88 1.89 23.53
C ILE D 158 -5.22 0.84 22.63
N VAL D 159 -6.02 0.19 21.76
CA VAL D 159 -5.52 -0.81 20.83
C VAL D 159 -4.33 -0.29 20.03
N LEU D 160 -4.40 0.95 19.56
CA LEU D 160 -3.31 1.49 18.77
C LEU D 160 -2.07 1.70 19.63
N ALA D 161 -2.23 2.34 20.80
CA ALA D 161 -1.11 2.49 21.72
C ALA D 161 -0.47 1.13 22.04
N ILE D 162 -1.29 0.13 22.38
CA ILE D 162 -0.77 -1.21 22.66
C ILE D 162 -0.06 -1.77 21.42
N HIS D 163 -0.64 -1.59 20.25
CA HIS D 163 0.00 -2.05 19.03
C HIS D 163 1.39 -1.42 18.85
N ARG D 164 1.52 -0.11 19.10
CA ARG D 164 2.84 0.52 19.05
C ARG D 164 3.78 -0.05 20.12
N LEU D 165 3.24 -0.39 21.30
CA LEU D 165 4.09 -0.93 22.35
C LEU D 165 4.66 -2.31 21.98
N VAL D 166 3.79 -3.24 21.55
CA VAL D 166 4.27 -4.60 21.23
C VAL D 166 5.17 -4.59 20.01
N SER D 167 4.97 -3.63 19.11
CA SER D 167 5.74 -3.57 17.87
C SER D 167 6.98 -2.71 18.01
N SER D 168 7.62 -2.72 19.18
CA SER D 168 8.76 -1.83 19.41
C SER D 168 10.07 -2.59 19.66
N THR D 179 8.45 -9.27 23.78
CA THR D 179 7.70 -8.12 24.27
C THR D 179 6.26 -8.53 24.57
N ARG D 180 5.82 -8.22 25.79
CA ARG D 180 4.48 -8.56 26.26
C ARG D 180 3.88 -7.36 26.96
N VAL D 181 2.62 -7.12 26.69
CA VAL D 181 1.87 -6.03 27.32
C VAL D 181 0.76 -6.64 28.16
N LEU D 182 0.61 -6.17 29.38
CA LEU D 182 -0.53 -6.50 30.22
C LEU D 182 -1.48 -5.32 30.21
N TYR D 183 -2.69 -5.56 29.72
CA TYR D 183 -3.75 -4.56 29.69
C TYR D 183 -4.75 -4.79 30.84
N VAL D 184 -4.98 -3.75 31.64
CA VAL D 184 -5.81 -3.83 32.84
C VAL D 184 -6.94 -2.80 32.72
N ASP D 185 -8.19 -3.27 32.71
CA ASP D 185 -9.36 -2.41 32.45
C ASP D 185 -10.19 -2.29 33.73
N LEU D 186 -10.06 -1.15 34.40
CA LEU D 186 -10.75 -0.94 35.66
C LEU D 186 -12.12 -0.27 35.48
N ASP D 187 -12.54 -0.03 34.25
CA ASP D 187 -13.82 0.62 33.97
C ASP D 187 -15.00 -0.21 34.49
N LEU D 188 -16.11 0.46 34.75
CA LEU D 188 -17.31 -0.26 35.19
C LEU D 188 -17.80 -1.22 34.10
N HIS D 189 -17.52 -0.90 32.83
CA HIS D 189 -17.97 -1.71 31.71
C HIS D 189 -16.84 -2.58 31.17
N HIS D 190 -17.22 -3.72 30.59
CA HIS D 190 -16.25 -4.65 30.02
C HIS D 190 -15.48 -3.97 28.88
N GLY D 191 -14.17 -4.18 28.87
CA GLY D 191 -13.36 -3.65 27.79
C GLY D 191 -13.38 -4.55 26.58
N ASP D 192 -14.54 -4.67 25.92
CA ASP D 192 -14.69 -5.63 24.84
C ASP D 192 -13.85 -5.30 23.62
N GLY D 193 -13.66 -4.02 23.29
CA GLY D 193 -12.96 -3.68 22.06
C GLY D 193 -11.48 -4.05 22.09
N VAL D 194 -10.81 -3.75 23.20
CA VAL D 194 -9.39 -4.13 23.33
C VAL D 194 -9.26 -5.64 23.40
N GLU D 195 -10.13 -6.28 24.18
CA GLU D 195 -10.08 -7.74 24.33
C GLU D 195 -10.20 -8.44 22.99
N GLU D 196 -11.15 -8.00 22.16
CA GLU D 196 -11.36 -8.62 20.86
C GLU D 196 -10.21 -8.32 19.90
N ALA D 197 -9.62 -7.12 20.01
CA ALA D 197 -8.50 -6.76 19.14
C ALA D 197 -7.36 -7.76 19.27
N PHE D 198 -7.07 -8.19 20.51
CA PHE D 198 -5.94 -9.07 20.78
C PHE D 198 -6.38 -10.49 21.15
N TRP D 199 -7.62 -10.84 20.81
CA TRP D 199 -8.20 -12.16 21.02
C TRP D 199 -7.29 -13.31 20.62
N TYR D 200 -6.57 -13.14 19.51
CA TYR D 200 -5.70 -14.18 18.97
C TYR D 200 -4.24 -13.96 19.31
N SER D 201 -3.93 -13.08 20.25
CA SER D 201 -2.55 -12.66 20.50
C SER D 201 -2.11 -12.94 21.92
N PRO D 202 -1.21 -13.92 22.13
CA PRO D 202 -0.72 -14.19 23.50
C PRO D 202 0.17 -13.09 24.06
N ARG D 203 0.72 -12.21 23.23
CA ARG D 203 1.64 -11.21 23.75
C ARG D 203 0.94 -10.03 24.40
N VAL D 204 -0.37 -9.87 24.19
CA VAL D 204 -1.14 -8.82 24.85
C VAL D 204 -2.19 -9.51 25.71
N VAL D 205 -1.93 -9.59 27.00
CA VAL D 205 -2.86 -10.19 27.95
C VAL D 205 -3.81 -9.11 28.43
N THR D 206 -5.11 -9.34 28.25
CA THR D 206 -6.13 -8.37 28.62
C THR D 206 -6.88 -8.88 29.84
N PHE D 207 -7.09 -7.99 30.81
CA PHE D 207 -7.82 -8.31 32.03
C PHE D 207 -8.72 -7.15 32.38
N SER D 208 -10.02 -7.43 32.48
CA SER D 208 -11.05 -6.43 32.72
C SER D 208 -11.88 -6.87 33.93
N VAL D 209 -11.99 -6.00 34.93
CA VAL D 209 -12.97 -6.15 36.00
C VAL D 209 -14.11 -5.19 35.71
N HIS D 210 -15.34 -5.65 35.88
CA HIS D 210 -16.47 -4.88 35.40
C HIS D 210 -17.71 -5.44 36.07
N HIS D 211 -18.82 -4.71 35.95
CA HIS D 211 -20.14 -5.29 36.23
C HIS D 211 -20.66 -6.01 34.99
N ALA D 212 -21.33 -7.14 35.20
CA ALA D 212 -22.05 -7.78 34.09
C ALA D 212 -23.33 -8.39 34.62
N SER D 213 -24.42 -8.19 33.90
CA SER D 213 -25.72 -8.69 34.28
C SER D 213 -26.61 -8.63 33.06
N PRO D 214 -27.74 -9.33 33.06
CA PRO D 214 -28.53 -9.42 31.82
C PRO D 214 -28.98 -8.04 31.40
N GLY D 215 -28.74 -7.72 30.12
CA GLY D 215 -29.10 -6.42 29.56
C GLY D 215 -28.12 -5.30 29.78
N PHE D 216 -27.08 -5.49 30.59
CA PHE D 216 -26.12 -4.42 30.89
C PHE D 216 -25.07 -4.33 29.79
N PHE D 217 -24.78 -3.10 29.35
CA PHE D 217 -23.80 -2.84 28.31
C PHE D 217 -22.40 -3.27 28.75
N PRO D 218 -21.58 -3.81 27.83
CA PRO D 218 -21.89 -4.16 26.44
C PRO D 218 -22.38 -5.60 26.28
N GLY D 219 -22.48 -6.35 27.38
CA GLY D 219 -23.01 -7.70 27.35
C GLY D 219 -21.98 -8.79 27.53
N THR D 220 -20.70 -8.50 27.33
CA THR D 220 -19.64 -9.48 27.30
C THR D 220 -18.81 -9.48 28.60
N GLY D 221 -17.68 -10.19 28.58
CA GLY D 221 -16.87 -10.37 29.78
C GLY D 221 -17.56 -11.16 30.88
N THR D 222 -18.27 -12.24 30.51
CA THR D 222 -19.00 -13.05 31.48
C THR D 222 -19.37 -14.38 30.82
N TRP D 223 -20.11 -15.19 31.57
CA TRP D 223 -20.54 -16.49 31.07
C TRP D 223 -21.26 -16.33 29.75
N ASN D 224 -20.84 -17.12 28.77
CA ASN D 224 -21.26 -17.00 27.38
C ASN D 224 -22.17 -18.17 27.01
N MET D 225 -23.40 -17.84 26.63
CA MET D 225 -24.49 -18.83 26.60
C MET D 225 -24.61 -19.56 25.25
N LEU D 231 -24.25 -25.81 31.11
CA LEU D 231 -23.23 -25.12 31.89
C LEU D 231 -22.40 -24.23 30.97
N PRO D 232 -22.80 -22.96 30.81
CA PRO D 232 -22.05 -22.05 29.93
C PRO D 232 -20.65 -21.81 30.45
N ILE D 233 -19.80 -21.24 29.59
CA ILE D 233 -18.37 -21.17 29.86
C ILE D 233 -17.82 -19.80 29.51
N PHE D 234 -16.80 -19.36 30.25
CA PHE D 234 -16.01 -18.18 29.96
C PHE D 234 -15.09 -18.41 28.77
N LEU D 235 -15.41 -17.84 27.62
CA LEU D 235 -14.43 -17.80 26.53
C LEU D 235 -13.25 -16.94 26.96
N ASN D 236 -12.06 -17.22 26.40
CA ASN D 236 -10.88 -16.55 26.95
C ASN D 236 -9.76 -16.37 25.93
N GLY D 237 -10.10 -16.21 24.66
CA GLY D 237 -9.13 -16.13 23.59
C GLY D 237 -9.19 -17.35 22.69
N ALA D 238 -8.63 -17.20 21.50
CA ALA D 238 -8.68 -18.24 20.47
C ALA D 238 -7.31 -18.35 19.83
N GLY D 239 -7.13 -19.44 19.06
CA GLY D 239 -5.85 -19.69 18.43
C GLY D 239 -4.73 -19.76 19.44
N ARG D 240 -3.60 -19.13 19.11
CA ARG D 240 -2.48 -19.01 20.03
C ARG D 240 -2.75 -18.02 21.15
N GLY D 241 -3.82 -17.24 21.03
CA GLY D 241 -4.30 -16.38 22.09
C GLY D 241 -5.20 -17.05 23.09
N ARG D 242 -5.34 -18.37 23.02
CA ARG D 242 -6.19 -19.07 23.98
C ARG D 242 -5.66 -18.83 25.38
N PHE D 243 -6.59 -18.59 26.32
CA PHE D 243 -6.34 -18.31 27.73
C PHE D 243 -5.76 -16.92 28.01
N SER D 244 -5.71 -16.02 27.02
CA SER D 244 -5.05 -14.73 27.18
C SER D 244 -6.02 -13.56 27.41
N ALA D 245 -7.32 -13.79 27.38
CA ALA D 245 -8.33 -12.80 27.69
C ALA D 245 -8.93 -13.15 29.05
N PHE D 246 -8.71 -12.28 30.04
CA PHE D 246 -9.15 -12.51 31.42
C PHE D 246 -10.29 -11.55 31.76
N ASN D 247 -11.25 -12.03 32.54
CA ASN D 247 -12.44 -11.27 32.85
C ASN D 247 -12.90 -11.60 34.26
N LEU D 248 -13.14 -10.56 35.06
CA LEU D 248 -13.75 -10.70 36.38
C LEU D 248 -15.05 -9.89 36.48
N PRO D 249 -16.21 -10.51 36.28
CA PRO D 249 -17.47 -9.78 36.45
C PRO D 249 -17.88 -9.78 37.92
N LEU D 250 -18.27 -8.62 38.44
CA LEU D 250 -18.60 -8.45 39.85
C LEU D 250 -20.02 -7.96 40.03
N GLU D 251 -20.61 -8.31 41.18
CA GLU D 251 -21.97 -7.93 41.51
C GLU D 251 -22.07 -6.43 41.79
N GLU D 252 -23.24 -5.86 41.50
CA GLU D 252 -23.50 -4.46 41.81
C GLU D 252 -23.45 -4.24 43.33
N GLY D 253 -23.05 -3.04 43.74
CA GLY D 253 -22.97 -2.69 45.14
C GLY D 253 -21.63 -2.93 45.80
N ILE D 254 -20.64 -3.43 45.07
CA ILE D 254 -19.38 -3.85 45.69
C ILE D 254 -18.63 -2.61 46.17
N ASN D 255 -17.99 -2.73 47.33
CA ASN D 255 -17.34 -1.59 47.96
C ASN D 255 -15.84 -1.63 47.67
N ASP D 256 -15.13 -0.59 48.13
CA ASP D 256 -13.69 -0.46 47.91
C ASP D 256 -12.94 -1.71 48.35
N LEU D 257 -13.21 -2.15 49.57
CA LEU D 257 -12.45 -3.24 50.16
C LEU D 257 -12.66 -4.54 49.39
N ASP D 258 -13.91 -4.88 49.08
CA ASP D 258 -14.20 -6.16 48.44
C ASP D 258 -13.78 -6.15 46.97
N TRP D 259 -13.92 -5.01 46.29
CA TRP D 259 -13.34 -4.86 44.96
C TRP D 259 -11.82 -5.06 45.00
N SER D 260 -11.15 -4.47 46.00
CA SER D 260 -9.70 -4.54 46.05
C SER D 260 -9.22 -5.95 46.29
N ASN D 261 -9.86 -6.65 47.23
CA ASN D 261 -9.53 -8.04 47.50
C ASN D 261 -9.86 -8.96 46.33
N ALA D 262 -10.89 -8.63 45.54
CA ALA D 262 -11.21 -9.44 44.38
C ALA D 262 -10.15 -9.30 43.30
N ILE D 263 -9.65 -8.08 43.10
CA ILE D 263 -8.74 -7.80 41.99
C ILE D 263 -7.26 -7.98 42.39
N GLY D 264 -6.93 -7.75 43.66
CA GLY D 264 -5.57 -7.71 44.15
C GLY D 264 -4.71 -8.91 43.79
N PRO D 265 -5.15 -10.12 44.20
CA PRO D 265 -4.36 -11.32 43.89
C PRO D 265 -4.29 -11.65 42.40
N ILE D 266 -5.32 -11.28 41.63
CA ILE D 266 -5.28 -11.53 40.19
C ILE D 266 -4.22 -10.65 39.52
N LEU D 267 -4.18 -9.36 39.89
CA LEU D 267 -3.16 -8.47 39.36
C LEU D 267 -1.77 -8.97 39.69
N ASP D 268 -1.55 -9.38 40.95
CA ASP D 268 -0.22 -9.78 41.37
C ASP D 268 0.25 -11.01 40.62
N SER D 269 -0.66 -11.95 40.35
CA SER D 269 -0.25 -13.18 39.69
C SER D 269 -0.12 -13.03 38.18
N LEU D 270 -0.94 -12.17 37.56
CA LEU D 270 -0.69 -11.81 36.16
C LEU D 270 0.72 -11.29 35.99
N ASN D 271 1.17 -10.43 36.91
CA ASN D 271 2.48 -9.83 36.79
C ASN D 271 3.60 -10.84 37.02
N ILE D 272 3.48 -11.67 38.07
CA ILE D 272 4.45 -12.74 38.31
C ILE D 272 4.61 -13.62 37.07
N VAL D 273 3.49 -14.02 36.46
CA VAL D 273 3.52 -15.03 35.40
C VAL D 273 3.80 -14.40 34.05
N ILE D 274 3.12 -13.30 33.72
CA ILE D 274 3.32 -12.72 32.41
C ILE D 274 4.66 -11.98 32.32
N GLN D 275 5.10 -11.35 33.42
CA GLN D 275 6.27 -10.48 33.44
C GLN D 275 6.21 -9.46 32.31
N PRO D 276 5.23 -8.56 32.31
CA PRO D 276 5.01 -7.70 31.13
C PRO D 276 6.12 -6.68 30.94
N SER D 277 6.45 -6.42 29.68
CA SER D 277 7.33 -5.31 29.32
C SER D 277 6.65 -3.95 29.51
N TYR D 278 5.33 -3.87 29.29
CA TYR D 278 4.56 -2.65 29.55
C TYR D 278 3.19 -2.99 30.11
N VAL D 279 2.64 -2.06 30.91
CA VAL D 279 1.29 -2.17 31.45
C VAL D 279 0.45 -0.98 30.98
N VAL D 280 -0.74 -1.25 30.47
CA VAL D 280 -1.71 -0.23 30.05
C VAL D 280 -2.94 -0.35 30.95
N VAL D 281 -3.23 0.71 31.72
CA VAL D 281 -4.35 0.71 32.65
C VAL D 281 -5.41 1.65 32.10
N GLN D 282 -6.63 1.14 31.94
CA GLN D 282 -7.78 2.00 31.70
C GLN D 282 -8.41 2.26 33.06
N CYS D 283 -8.58 3.53 33.42
CA CYS D 283 -8.98 3.89 34.77
CA CYS D 283 -8.98 3.89 34.77
C CYS D 283 -10.32 4.62 34.78
N GLY D 284 -11.28 4.17 33.97
CA GLY D 284 -12.61 4.75 33.95
C GLY D 284 -13.21 4.94 35.33
N ALA D 285 -13.76 6.13 35.56
CA ALA D 285 -14.17 6.56 36.90
C ALA D 285 -15.64 6.28 37.17
N ASP D 286 -16.30 5.49 36.33
CA ASP D 286 -17.72 5.24 36.53
C ASP D 286 -17.99 4.10 37.51
N CYS D 287 -16.96 3.54 38.15
CA CYS D 287 -17.21 2.67 39.31
C CYS D 287 -17.44 3.47 40.59
N LEU D 288 -17.26 4.80 40.54
CA LEU D 288 -17.44 5.63 41.71
C LEU D 288 -18.88 5.53 42.21
N ALA D 289 -19.03 5.46 43.53
CA ALA D 289 -20.34 5.42 44.14
C ALA D 289 -21.20 6.61 43.73
N THR D 290 -20.60 7.70 43.25
CA THR D 290 -21.33 8.92 42.92
C THR D 290 -21.52 9.10 41.40
N ASP D 291 -21.08 8.15 40.59
CA ASP D 291 -21.41 8.19 39.18
C ASP D 291 -22.91 8.02 39.00
N PRO D 292 -23.53 8.75 38.07
CA PRO D 292 -24.96 8.52 37.82
C PRO D 292 -25.28 7.08 37.38
N HIS D 293 -24.27 6.26 37.06
CA HIS D 293 -24.48 4.82 36.89
C HIS D 293 -24.76 4.13 38.22
N ARG D 294 -24.00 4.48 39.26
CA ARG D 294 -24.12 3.93 40.60
C ARG D 294 -24.36 2.42 40.56
N ILE D 295 -23.43 1.72 39.91
CA ILE D 295 -23.41 0.26 39.98
C ILE D 295 -22.47 -0.15 41.12
N PHE D 296 -21.19 0.22 41.02
CA PHE D 296 -20.25 -0.10 42.09
C PHE D 296 -20.23 1.05 43.11
N ARG D 297 -19.59 0.80 44.25
CA ARG D 297 -19.53 1.77 45.34
C ARG D 297 -18.08 2.15 45.65
N LEU D 298 -17.24 2.23 44.64
CA LEU D 298 -15.88 2.67 44.91
C LEU D 298 -15.84 4.17 45.15
N THR D 299 -14.82 4.60 45.86
CA THR D 299 -14.63 6.01 46.17
C THR D 299 -13.26 6.44 45.66
N ASN D 300 -12.87 7.67 46.03
CA ASN D 300 -11.52 8.15 45.84
C ASN D 300 -10.80 8.33 47.17
N PHE D 301 -11.28 7.68 48.23
CA PHE D 301 -10.72 7.93 49.56
C PHE D 301 -9.28 7.41 49.61
N TYR D 302 -8.43 8.16 50.29
CA TYR D 302 -7.01 7.81 50.45
C TYR D 302 -6.63 8.12 51.89
N PRO D 303 -6.76 7.16 52.81
CA PRO D 303 -6.49 7.37 54.24
C PRO D 303 -5.13 8.01 54.53
N SER D 316 -11.29 3.56 54.69
CA SER D 316 -11.33 2.60 53.59
C SER D 316 -10.66 3.18 52.35
N LEU D 317 -9.75 2.41 51.75
CA LEU D 317 -8.90 2.90 50.67
C LEU D 317 -9.58 2.73 49.31
N SER D 318 -9.48 3.75 48.48
CA SER D 318 -10.06 3.71 47.13
C SER D 318 -9.54 2.52 46.34
N GLY D 319 -10.48 1.74 45.79
CA GLY D 319 -10.10 0.59 44.99
C GLY D 319 -9.21 0.97 43.83
N TYR D 320 -9.49 2.14 43.24
CA TYR D 320 -8.63 2.66 42.17
C TYR D 320 -7.21 2.89 42.65
N LEU D 321 -7.06 3.66 43.73
CA LEU D 321 -5.73 3.97 44.26
C LEU D 321 -5.02 2.69 44.70
N TYR D 322 -5.76 1.73 45.24
CA TYR D 322 -5.17 0.45 45.62
C TYR D 322 -4.61 -0.27 44.41
N ALA D 323 -5.39 -0.34 43.32
CA ALA D 323 -4.95 -1.05 42.13
C ALA D 323 -3.77 -0.34 41.48
N ILE D 324 -3.88 0.99 41.31
CA ILE D 324 -2.82 1.76 40.67
C ILE D 324 -1.50 1.54 41.40
N LYS D 325 -1.49 1.77 42.72
CA LYS D 325 -0.29 1.61 43.53
C LYS D 325 0.32 0.22 43.33
N LYS D 326 -0.53 -0.82 43.38
CA LYS D 326 -0.07 -2.19 43.12
C LYS D 326 0.63 -2.30 41.77
N ILE D 327 -0.03 -1.83 40.71
CA ILE D 327 0.56 -1.91 39.37
C ILE D 327 1.87 -1.13 39.32
N LEU D 328 1.91 0.04 39.97
CA LEU D 328 3.11 0.90 39.98
C LEU D 328 4.24 0.29 40.81
N SER D 329 3.91 -0.41 41.91
CA SER D 329 4.93 -1.07 42.72
C SER D 329 5.70 -2.12 41.94
N TRP D 330 5.23 -2.47 40.73
CA TRP D 330 5.88 -3.44 39.86
C TRP D 330 7.07 -2.88 39.11
N LYS D 331 7.18 -1.55 39.02
CA LYS D 331 8.30 -0.87 38.37
C LYS D 331 8.41 -1.23 36.89
N VAL D 332 7.26 -1.33 36.23
CA VAL D 332 7.15 -1.63 34.81
C VAL D 332 6.63 -0.39 34.09
N PRO D 333 7.24 0.06 32.95
CA PRO D 333 6.73 1.23 32.23
C PRO D 333 5.22 1.18 32.01
N THR D 334 4.47 2.16 32.52
CA THR D 334 3.02 2.08 32.61
C THR D 334 2.32 3.23 31.88
N LEU D 335 1.30 2.89 31.11
CA LEU D 335 0.42 3.86 30.49
C LEU D 335 -0.89 3.87 31.26
N ILE D 336 -1.21 5.00 31.87
CA ILE D 336 -2.48 5.16 32.55
C ILE D 336 -3.39 5.97 31.65
N LEU D 337 -4.59 5.46 31.40
CA LEU D 337 -5.59 6.05 30.53
C LEU D 337 -6.88 6.34 31.29
N GLY D 338 -7.68 7.25 30.73
CA GLY D 338 -8.97 7.57 31.30
C GLY D 338 -10.06 6.56 30.93
N GLY D 339 -11.26 7.05 30.66
CA GLY D 339 -12.33 6.22 30.12
C GLY D 339 -13.66 6.81 30.49
N GLY D 340 -14.57 5.97 30.97
CA GLY D 340 -15.86 6.40 31.50
C GLY D 340 -15.75 7.34 32.70
N GLY D 341 -16.87 7.83 33.16
CA GLY D 341 -16.88 8.78 34.26
C GLY D 341 -17.79 9.95 33.94
N TYR D 342 -19.02 9.89 34.48
CA TYR D 342 -20.10 10.77 34.04
C TYR D 342 -20.55 11.72 35.15
N ASN D 343 -19.83 11.74 36.27
CA ASN D 343 -19.89 12.81 37.27
C ASN D 343 -18.55 13.53 37.12
N PHE D 344 -18.53 14.61 36.34
CA PHE D 344 -17.25 15.19 35.94
C PHE D 344 -16.41 15.71 37.12
N PRO D 345 -16.97 16.43 38.10
CA PRO D 345 -16.11 16.84 39.23
C PRO D 345 -15.60 15.66 40.03
N ASP D 346 -16.40 14.59 40.15
CA ASP D 346 -15.90 13.45 40.91
C ASP D 346 -14.93 12.59 40.11
N THR D 347 -15.07 12.56 38.79
CA THR D 347 -14.00 11.98 37.98
C THR D 347 -12.72 12.79 38.14
N ALA D 348 -12.85 14.12 38.11
CA ALA D 348 -11.71 14.99 38.40
C ALA D 348 -11.13 14.74 39.81
N ARG D 349 -11.99 14.53 40.80
CA ARG D 349 -11.50 14.29 42.16
C ARG D 349 -10.72 12.99 42.26
N LEU D 350 -11.21 11.93 41.61
CA LEU D 350 -10.44 10.69 41.57
C LEU D 350 -9.15 10.85 40.75
N TRP D 351 -9.24 11.40 39.54
CA TRP D 351 -8.09 11.34 38.65
C TRP D 351 -6.96 12.25 39.13
N THR D 352 -7.30 13.32 39.84
CA THR D 352 -6.28 14.14 40.49
C THR D 352 -5.54 13.32 41.53
N ARG D 353 -6.26 12.50 42.29
CA ARG D 353 -5.58 11.66 43.27
C ARG D 353 -4.71 10.61 42.59
N VAL D 354 -5.21 9.96 41.53
CA VAL D 354 -4.38 9.01 40.79
C VAL D 354 -3.12 9.69 40.26
N THR D 355 -3.25 10.95 39.83
CA THR D 355 -2.08 11.64 39.30
C THR D 355 -1.04 11.87 40.39
N ALA D 356 -1.46 12.42 41.54
CA ALA D 356 -0.54 12.59 42.66
C ALA D 356 0.14 11.27 43.06
N LEU D 357 -0.66 10.22 43.20
CA LEU D 357 -0.12 8.91 43.59
C LEU D 357 0.99 8.46 42.65
N THR D 358 0.82 8.66 41.35
CA THR D 358 1.81 8.20 40.39
C THR D 358 3.12 8.97 40.55
N ILE D 359 3.04 10.29 40.69
CA ILE D 359 4.20 11.10 41.04
C ILE D 359 4.86 10.57 42.32
N GLU D 360 4.05 10.29 43.35
CA GLU D 360 4.59 9.80 44.63
C GLU D 360 5.31 8.47 44.45
N GLU D 361 4.68 7.52 43.74
CA GLU D 361 5.24 6.19 43.64
C GLU D 361 6.37 6.09 42.62
N VAL D 362 6.44 6.99 41.65
CA VAL D 362 7.53 6.90 40.69
C VAL D 362 8.72 7.75 41.12
N LYS D 363 8.47 8.99 41.56
CA LYS D 363 9.54 9.91 41.93
C LYS D 363 9.93 9.82 43.40
N GLY D 364 9.14 9.15 44.25
CA GLY D 364 9.43 9.10 45.67
C GLY D 364 9.14 10.37 46.44
N LYS D 365 8.57 11.39 45.80
CA LYS D 365 8.32 12.68 46.44
C LYS D 365 6.91 12.71 47.02
N LYS D 366 6.81 12.86 48.33
CA LYS D 366 5.50 12.91 48.96
C LYS D 366 4.68 14.06 48.38
N MET D 367 3.48 13.76 47.92
CA MET D 367 2.57 14.78 47.42
C MET D 367 1.50 15.04 48.47
N THR D 368 1.48 16.25 48.99
CA THR D 368 0.50 16.64 49.99
C THR D 368 -0.66 17.33 49.30
N ILE D 369 -1.83 16.71 49.34
CA ILE D 369 -3.01 17.25 48.69
C ILE D 369 -3.98 17.73 49.77
N SER D 370 -4.37 19.01 49.69
CA SER D 370 -5.31 19.54 50.67
C SER D 370 -6.66 18.85 50.54
N PRO D 371 -7.31 18.51 51.66
CA PRO D 371 -8.66 17.95 51.60
C PRO D 371 -9.73 18.91 51.08
N GLU D 372 -9.40 20.19 50.91
CA GLU D 372 -10.34 21.18 50.38
C GLU D 372 -9.95 21.53 48.96
N ILE D 373 -10.94 21.71 48.09
CA ILE D 373 -10.65 22.02 46.69
C ILE D 373 -9.99 23.40 46.63
N PRO D 374 -8.87 23.55 45.95
CA PRO D 374 -8.21 24.87 45.87
C PRO D 374 -8.96 25.80 44.94
N GLU D 375 -8.60 27.08 45.03
CA GLU D 375 -9.18 28.08 44.15
C GLU D 375 -8.71 27.87 42.72
N HIS D 376 -9.66 27.99 41.78
CA HIS D 376 -9.37 27.92 40.36
C HIS D 376 -10.65 28.15 39.57
N SER D 377 -10.57 28.05 38.25
CA SER D 377 -11.65 28.47 37.36
C SER D 377 -12.93 27.66 37.58
N TYR D 378 -12.82 26.39 37.92
CA TYR D 378 -13.97 25.50 38.01
C TYR D 378 -14.36 25.23 39.45
N PHE D 379 -13.83 26.04 40.39
CA PHE D 379 -14.08 25.81 41.81
C PHE D 379 -15.55 25.68 42.10
N SER D 380 -16.38 26.43 41.37
CA SER D 380 -17.81 26.42 41.61
C SER D 380 -18.45 25.08 41.25
N ARG D 381 -17.77 24.22 40.52
CA ARG D 381 -18.36 22.93 40.15
C ARG D 381 -18.20 21.87 41.24
N TYR D 382 -17.48 22.19 42.32
CA TYR D 382 -17.17 21.23 43.38
C TYR D 382 -18.00 21.47 44.64
N GLY D 383 -19.06 22.25 44.52
CA GLY D 383 -20.03 22.40 45.60
C GLY D 383 -20.82 21.14 45.84
N PRO D 384 -21.60 21.13 46.94
CA PRO D 384 -21.75 22.28 47.84
C PRO D 384 -20.70 22.37 48.95
N ASP D 385 -19.94 21.30 49.19
CA ASP D 385 -18.97 21.26 50.28
C ASP D 385 -17.55 21.64 49.86
N PHE D 386 -17.18 21.42 48.59
CA PHE D 386 -15.90 21.87 48.04
C PHE D 386 -14.71 21.11 48.63
N GLU D 387 -14.87 19.79 48.78
CA GLU D 387 -13.83 18.93 49.29
C GLU D 387 -13.39 17.95 48.22
N LEU D 388 -12.19 17.39 48.41
CA LEU D 388 -11.60 16.50 47.42
C LEU D 388 -12.14 15.08 47.52
N ASP D 389 -12.37 14.59 48.75
CA ASP D 389 -13.15 13.38 48.95
C ASP D 389 -14.49 13.50 48.25
N ILE D 390 -14.93 12.43 47.60
CA ILE D 390 -16.28 12.42 47.06
C ILE D 390 -17.28 12.34 48.22
N ASP D 391 -18.47 12.87 48.00
CA ASP D 391 -19.48 13.01 49.03
C ASP D 391 -20.30 11.72 49.11
N TYR D 392 -19.71 10.71 49.76
CA TYR D 392 -20.38 9.41 49.87
C TYR D 392 -20.03 8.73 51.18
N PHE D 393 -21.06 8.16 51.82
CA PHE D 393 -20.98 7.48 53.11
C PHE D 393 -20.90 5.98 52.87
N PRO D 394 -19.70 5.37 52.89
CA PRO D 394 -19.60 3.93 52.63
C PRO D 394 -20.09 3.10 53.80
N ASP D 403 -17.65 -16.01 47.94
CA ASP D 403 -18.14 -17.32 47.53
C ASP D 403 -18.15 -17.42 46.01
N SER D 404 -18.84 -16.48 45.35
CA SER D 404 -18.72 -16.35 43.91
C SER D 404 -17.32 -15.87 43.52
N ILE D 405 -16.65 -15.17 44.43
CA ILE D 405 -15.34 -14.60 44.13
C ILE D 405 -14.25 -15.66 44.27
N GLN D 406 -14.44 -16.63 45.18
CA GLN D 406 -13.53 -17.76 45.27
C GLN D 406 -13.61 -18.63 44.02
N LYS D 407 -14.82 -18.88 43.52
CA LYS D 407 -14.96 -19.61 42.27
C LYS D 407 -14.33 -18.85 41.12
N HIS D 408 -14.40 -17.52 41.13
CA HIS D 408 -13.77 -16.75 40.08
C HIS D 408 -12.26 -16.78 40.22
N HIS D 409 -11.75 -16.67 41.44
CA HIS D 409 -10.31 -16.78 41.63
C HIS D 409 -9.79 -18.13 41.17
N ARG D 410 -10.52 -19.21 41.47
CA ARG D 410 -10.06 -20.53 41.04
C ARG D 410 -10.12 -20.67 39.53
N ARG D 411 -11.20 -20.20 38.92
CA ARG D 411 -11.31 -20.20 37.47
C ARG D 411 -10.13 -19.46 36.85
N ILE D 412 -9.79 -18.30 37.40
CA ILE D 412 -8.77 -17.45 36.78
C ILE D 412 -7.38 -18.02 36.98
N LEU D 413 -7.09 -18.53 38.19
CA LEU D 413 -5.80 -19.16 38.43
C LEU D 413 -5.58 -20.35 37.50
N GLU D 414 -6.63 -21.11 37.22
CA GLU D 414 -6.51 -22.22 36.26
C GLU D 414 -6.27 -21.71 34.85
N GLN D 415 -7.00 -20.67 34.42
CA GLN D 415 -6.71 -20.04 33.13
C GLN D 415 -5.27 -19.57 33.05
N LEU D 416 -4.78 -18.92 34.12
CA LEU D 416 -3.39 -18.46 34.12
C LEU D 416 -2.41 -19.62 34.06
N ARG D 417 -2.74 -20.74 34.71
CA ARG D 417 -1.92 -21.94 34.57
C ARG D 417 -1.95 -22.48 33.14
N ASN D 418 -3.14 -22.47 32.52
CA ASN D 418 -3.24 -22.93 31.14
C ASN D 418 -2.47 -21.99 30.21
N TYR D 419 -2.60 -20.69 30.43
CA TYR D 419 -1.90 -19.73 29.58
C TYR D 419 -0.39 -19.93 29.68
N ALA D 420 0.13 -20.04 30.90
CA ALA D 420 1.56 -20.24 31.09
C ALA D 420 2.03 -21.56 30.49
N ASP D 421 1.24 -22.62 30.66
CA ASP D 421 1.60 -23.89 30.03
C ASP D 421 1.62 -23.74 28.51
N LEU D 422 0.55 -23.19 27.95
CA LEU D 422 0.46 -23.08 26.49
C LEU D 422 1.61 -22.26 25.91
N ASN D 423 2.01 -21.21 26.62
CA ASN D 423 3.04 -20.33 26.12
C ASN D 423 4.42 -20.69 26.66
N LYS D 424 4.56 -21.91 27.18
CA LYS D 424 5.83 -22.47 27.62
C LYS D 424 6.54 -21.49 28.56
N LEU D 425 5.79 -21.04 29.57
CA LEU D 425 6.26 -20.06 30.53
C LEU D 425 6.65 -20.73 31.84
N ILE D 426 7.71 -20.21 32.46
CA ILE D 426 8.27 -20.75 33.70
C ILE D 426 7.83 -19.87 34.87
N TYR D 427 7.28 -20.50 35.90
CA TYR D 427 6.79 -19.79 37.08
C TYR D 427 6.47 -20.80 38.17
N ASP D 428 6.50 -20.33 39.42
CA ASP D 428 6.23 -21.18 40.57
C ASP D 428 4.73 -21.26 40.82
N TYR D 429 4.16 -22.45 40.66
CA TYR D 429 2.73 -22.61 40.89
C TYR D 429 2.38 -22.33 42.34
N ASP D 430 3.21 -22.78 43.28
CA ASP D 430 2.90 -22.59 44.69
C ASP D 430 2.99 -21.13 45.09
N GLN D 431 4.07 -20.45 44.65
CA GLN D 431 4.22 -19.03 44.93
C GLN D 431 3.09 -18.20 44.35
N VAL D 432 2.56 -18.59 43.19
CA VAL D 432 1.41 -17.89 42.62
C VAL D 432 0.16 -18.15 43.44
N TYR D 433 -0.05 -19.42 43.82
CA TYR D 433 -1.32 -19.82 44.42
C TYR D 433 -1.48 -19.26 45.83
N GLN D 434 -0.38 -19.08 46.57
CA GLN D 434 -0.48 -18.54 47.92
C GLN D 434 -0.92 -17.07 47.93
N LEU D 435 -0.82 -16.37 46.80
CA LEU D 435 -1.36 -15.02 46.70
C LEU D 435 -2.85 -15.01 46.99
N TYR D 436 -3.55 -16.09 46.67
CA TYR D 436 -4.98 -16.20 46.94
C TYR D 436 -5.20 -17.05 48.20
#